data_7KM3
#
_entry.id   7KM3
#
_cell.length_a   90.270
_cell.length_b   151.224
_cell.length_c   167.282
_cell.angle_alpha   90.000
_cell.angle_beta   90.000
_cell.angle_gamma   90.000
#
_symmetry.space_group_name_H-M   'P 21 21 21'
#
loop_
_entity.id
_entity.type
_entity.pdbx_description
1 polymer 'Flavin prenyltransferase UbiX'
2 non-polymer 'FLAVIN MONONUCLEOTIDE'
3 non-polymer 'Dimethylallyl monophosphate'
4 water water
#
_entity_poly.entity_id   1
_entity_poly.type   'polypeptide(L)'
_entity_poly.pdbx_seq_one_letter_code
;MKRYVVGISGASGIVLAVTLVSELARLGHHIDVIISPSAQKTLYYELDTKSFLSTIPQNFHNQIVLHHISSIESSVSSGS
NTIDATIIVPCSVATVAAISCGLADNLLRRVADVALKEKRPLILVPREAPLSAIHLENLLKLAQNGAVILPPMPIWYFKP
QTAEDIANDIVGKILAILQLDSPLIKRWENPRLEHHHHHH
;
_entity_poly.pdbx_strand_id   L,I,A,B,C,D,E,F,G,H,J,K
#
loop_
_chem_comp.id
_chem_comp.type
_chem_comp.name
_chem_comp.formula
4LR non-polymer 'Dimethylallyl monophosphate' 'C5 H11 O4 P'
FMN non-polymer 'FLAVIN MONONUCLEOTIDE' 'C17 H21 N4 O9 P'
#
# COMPACT_ATOMS: atom_id res chain seq x y z
N LYS A 2 28.34 -9.73 -31.75
CA LYS A 2 27.76 -9.43 -30.44
C LYS A 2 27.45 -10.74 -29.73
N ARG A 3 27.01 -10.65 -28.48
CA ARG A 3 26.84 -11.85 -27.65
C ARG A 3 25.47 -11.84 -26.99
N TYR A 4 24.65 -12.83 -27.31
CA TYR A 4 23.27 -12.91 -26.84
C TYR A 4 23.05 -14.19 -26.07
N VAL A 5 22.37 -14.08 -24.92
CA VAL A 5 21.96 -15.23 -24.14
C VAL A 5 20.50 -15.50 -24.46
N VAL A 6 20.21 -16.69 -24.98
CA VAL A 6 18.83 -17.09 -25.27
C VAL A 6 18.50 -18.27 -24.37
N GLY A 7 17.60 -18.05 -23.41
CA GLY A 7 17.09 -19.12 -22.56
C GLY A 7 15.74 -19.56 -23.06
N ILE A 8 15.51 -20.88 -23.05
CA ILE A 8 14.31 -21.49 -23.60
C ILE A 8 13.57 -22.16 -22.45
N SER A 9 12.46 -21.56 -22.04
CA SER A 9 11.64 -22.00 -20.92
C SER A 9 10.47 -22.82 -21.43
N GLY A 10 9.92 -23.65 -20.54
CA GLY A 10 9.04 -24.73 -20.95
C GLY A 10 7.71 -24.38 -21.59
N ALA A 11 7.50 -23.10 -21.92
CA ALA A 11 6.23 -22.66 -22.44
C ALA A 11 6.09 -22.97 -23.94
N SER A 12 4.86 -22.94 -24.42
CA SER A 12 4.57 -23.26 -25.81
C SER A 12 5.12 -22.19 -26.74
N GLY A 13 5.71 -22.64 -27.84
CA GLY A 13 6.19 -21.73 -28.87
C GLY A 13 7.69 -21.76 -29.03
N ILE A 14 8.29 -22.94 -28.92
CA ILE A 14 9.73 -23.06 -29.10
C ILE A 14 10.16 -22.69 -30.51
N VAL A 15 9.22 -22.65 -31.47
CA VAL A 15 9.52 -22.17 -32.81
C VAL A 15 9.99 -20.71 -32.80
N LEU A 16 9.54 -19.93 -31.82
CA LEU A 16 10.03 -18.55 -31.70
C LEU A 16 11.51 -18.55 -31.37
N ALA A 17 11.95 -19.47 -30.52
CA ALA A 17 13.34 -19.52 -30.10
C ALA A 17 14.24 -20.01 -31.24
N VAL A 18 13.79 -21.05 -31.94
CA VAL A 18 14.53 -21.55 -33.10
C VAL A 18 14.73 -20.43 -34.13
N THR A 19 13.66 -19.70 -34.42
CA THR A 19 13.72 -18.61 -35.38
C THR A 19 14.66 -17.49 -34.92
N LEU A 20 14.62 -17.13 -33.63
CA LEU A 20 15.50 -16.07 -33.14
C LEU A 20 16.96 -16.49 -33.22
N VAL A 21 17.29 -17.67 -32.69
CA VAL A 21 18.67 -18.13 -32.68
C VAL A 21 19.21 -18.23 -34.10
N SER A 22 18.47 -18.88 -35.00
CA SER A 22 18.94 -19.06 -36.37
C SER A 22 19.19 -17.71 -37.05
N GLU A 23 18.30 -16.73 -36.83
CA GLU A 23 18.47 -15.42 -37.46
C GLU A 23 19.61 -14.64 -36.79
N LEU A 24 19.68 -14.68 -35.46
CA LEU A 24 20.82 -14.14 -34.73
C LEU A 24 22.12 -14.69 -35.28
N ALA A 25 22.21 -16.01 -35.42
CA ALA A 25 23.41 -16.64 -35.95
C ALA A 25 23.66 -16.21 -37.40
N ARG A 26 22.58 -16.10 -38.20
CA ARG A 26 22.76 -15.66 -39.59
C ARG A 26 23.35 -14.26 -39.65
N LEU A 27 23.05 -13.41 -38.68
CA LEU A 27 23.61 -12.08 -38.60
C LEU A 27 25.04 -12.06 -38.04
N GLY A 28 25.71 -13.20 -37.95
CA GLY A 28 27.09 -13.22 -37.51
C GLY A 28 27.30 -13.01 -36.03
N HIS A 29 26.27 -13.25 -35.22
CA HIS A 29 26.36 -13.05 -33.78
C HIS A 29 26.51 -14.38 -33.07
N HIS A 30 27.01 -14.31 -31.84
CA HIS A 30 27.18 -15.46 -30.98
C HIS A 30 25.98 -15.60 -30.05
N ILE A 31 25.56 -16.84 -29.80
CA ILE A 31 24.41 -17.09 -28.96
C ILE A 31 24.77 -18.16 -27.94
N ASP A 32 24.48 -17.90 -26.68
CA ASP A 32 24.51 -18.92 -25.64
C ASP A 32 23.08 -19.34 -25.34
N VAL A 33 22.77 -20.60 -25.63
CA VAL A 33 21.42 -21.12 -25.47
C VAL A 33 21.37 -21.98 -24.20
N ILE A 34 20.28 -21.82 -23.43
CA ILE A 34 20.00 -22.59 -22.23
C ILE A 34 18.60 -23.16 -22.38
N ILE A 35 18.48 -24.49 -22.36
CA ILE A 35 17.19 -25.15 -22.53
C ILE A 35 16.80 -25.81 -21.20
N SER A 36 15.64 -25.41 -20.68
CA SER A 36 15.08 -26.07 -19.53
C SER A 36 14.67 -27.50 -19.93
N PRO A 37 14.65 -28.44 -18.98
CA PRO A 37 14.11 -29.77 -19.31
C PRO A 37 12.67 -29.72 -19.76
N SER A 38 11.88 -28.79 -19.20
CA SER A 38 10.48 -28.65 -19.61
C SER A 38 10.36 -28.19 -21.06
N ALA A 39 11.31 -27.39 -21.55
CA ALA A 39 11.28 -26.99 -22.95
C ALA A 39 11.85 -28.07 -23.85
N GLN A 40 12.82 -28.84 -23.33
CA GLN A 40 13.35 -29.98 -24.07
C GLN A 40 12.22 -30.92 -24.49
N LYS A 41 11.18 -31.05 -23.66
CA LYS A 41 9.99 -31.80 -24.05
C LYS A 41 9.12 -31.00 -25.01
N THR A 42 8.78 -29.75 -24.67
CA THR A 42 8.07 -28.88 -25.61
C THR A 42 8.72 -28.91 -26.99
N LEU A 43 10.04 -29.10 -27.04
CA LEU A 43 10.76 -29.21 -28.31
C LEU A 43 10.28 -30.39 -29.14
N TYR A 44 10.04 -31.53 -28.50
CA TYR A 44 9.66 -32.74 -29.24
C TYR A 44 8.19 -32.73 -29.61
N TYR A 45 7.34 -32.27 -28.71
CA TYR A 45 5.90 -32.22 -28.97
C TYR A 45 5.55 -31.23 -30.09
N GLU A 46 6.35 -30.18 -30.26
CA GLU A 46 6.00 -29.10 -31.18
C GLU A 46 6.79 -29.13 -32.47
N LEU A 47 8.03 -29.63 -32.46
CA LEU A 47 8.85 -29.69 -33.66
C LEU A 47 9.36 -31.10 -33.96
N ASP A 48 8.66 -32.12 -33.44
CA ASP A 48 9.00 -33.54 -33.49
C ASP A 48 10.48 -33.80 -33.71
N THR A 49 11.29 -33.41 -32.73
CA THR A 49 12.74 -33.60 -32.78
C THR A 49 13.28 -33.51 -31.36
N LYS A 50 14.37 -34.22 -31.12
CA LYS A 50 14.95 -34.34 -29.80
C LYS A 50 16.19 -33.49 -29.59
N SER A 51 16.80 -33.00 -30.67
CA SER A 51 17.98 -32.14 -30.61
C SER A 51 17.62 -30.74 -31.09
N PHE A 52 17.72 -29.76 -30.19
CA PHE A 52 17.49 -28.37 -30.58
C PHE A 52 18.40 -27.96 -31.73
N LEU A 53 19.62 -28.50 -31.79
CA LEU A 53 20.58 -28.07 -32.82
C LEU A 53 20.21 -28.55 -34.22
N SER A 54 19.38 -29.59 -34.35
CA SER A 54 18.98 -30.06 -35.68
C SER A 54 18.09 -29.03 -36.39
N THR A 55 17.39 -28.19 -35.64
CA THR A 55 16.52 -27.15 -36.18
C THR A 55 17.29 -25.94 -36.70
N ILE A 56 18.59 -25.87 -36.46
CA ILE A 56 19.43 -24.73 -36.85
C ILE A 56 20.28 -25.13 -38.05
N PRO A 57 20.48 -24.25 -39.04
CA PRO A 57 21.41 -24.59 -40.13
C PRO A 57 22.76 -25.01 -39.57
N GLN A 58 23.29 -26.11 -40.11
CA GLN A 58 24.51 -26.71 -39.58
C GLN A 58 25.65 -25.70 -39.53
N ASN A 59 25.74 -24.82 -40.54
CA ASN A 59 26.87 -23.91 -40.65
C ASN A 59 26.95 -22.95 -39.48
N PHE A 60 25.86 -22.76 -38.73
CA PHE A 60 25.82 -21.81 -37.62
C PHE A 60 26.22 -22.41 -36.29
N HIS A 61 26.67 -23.66 -36.25
CA HIS A 61 26.85 -24.33 -34.96
C HIS A 61 28.09 -23.86 -34.22
N ASN A 62 29.12 -23.43 -34.95
CA ASN A 62 30.27 -22.80 -34.30
C ASN A 62 29.88 -21.58 -33.49
N GLN A 63 28.82 -20.88 -33.89
CA GLN A 63 28.33 -19.66 -33.24
C GLN A 63 27.34 -19.92 -32.12
N ILE A 64 27.18 -21.17 -31.68
CA ILE A 64 26.15 -21.52 -30.70
C ILE A 64 26.76 -22.45 -29.66
N VAL A 65 26.44 -22.18 -28.39
CA VAL A 65 26.92 -22.96 -27.26
C VAL A 65 25.72 -23.35 -26.42
N LEU A 66 25.46 -24.65 -26.32
CA LEU A 66 24.37 -25.15 -25.48
C LEU A 66 24.86 -25.28 -24.05
N HIS A 67 24.07 -24.78 -23.10
CA HIS A 67 24.43 -24.83 -21.69
C HIS A 67 23.43 -25.68 -20.92
N HIS A 68 23.96 -26.38 -19.92
CA HIS A 68 23.15 -27.20 -19.04
C HIS A 68 22.58 -26.34 -17.91
N ILE A 69 21.26 -26.41 -17.74
CA ILE A 69 20.56 -25.51 -16.82
C ILE A 69 20.96 -25.72 -15.36
N SER A 70 21.65 -26.82 -15.03
CA SER A 70 22.08 -27.06 -13.65
C SER A 70 23.52 -26.64 -13.36
N SER A 71 24.23 -26.03 -14.30
CA SER A 71 25.62 -25.67 -14.06
C SER A 71 25.72 -24.60 -12.97
N ILE A 72 26.77 -24.71 -12.16
CA ILE A 72 26.98 -23.77 -11.06
C ILE A 72 27.98 -22.69 -11.46
N ILE A 83 28.29 -9.55 -23.11
CA ILE A 83 26.90 -9.97 -23.25
C ILE A 83 25.97 -8.80 -23.54
N ASP A 84 25.44 -8.76 -24.76
CA ASP A 84 24.69 -7.60 -25.20
C ASP A 84 23.24 -7.60 -24.75
N ALA A 85 22.62 -8.78 -24.67
CA ALA A 85 21.23 -8.87 -24.25
C ALA A 85 20.91 -10.33 -23.93
N THR A 86 19.89 -10.53 -23.11
CA THR A 86 19.40 -11.82 -22.70
C THR A 86 17.93 -11.92 -23.06
N ILE A 87 17.55 -13.00 -23.73
CA ILE A 87 16.16 -13.22 -24.14
C ILE A 87 15.72 -14.56 -23.59
N ILE A 88 14.57 -14.58 -22.91
CA ILE A 88 13.92 -15.81 -22.46
C ILE A 88 12.71 -16.02 -23.36
N VAL A 89 12.78 -17.01 -24.24
CA VAL A 89 11.78 -17.23 -25.28
C VAL A 89 11.64 -18.71 -25.67
N PRO A 90 10.45 -19.30 -25.52
CA PRO A 90 9.30 -18.81 -24.74
C PRO A 90 9.68 -18.78 -23.27
N CYS A 91 8.92 -18.05 -22.47
CA CYS A 91 9.20 -17.88 -21.07
C CYS A 91 7.96 -18.34 -20.31
N SER A 92 8.09 -19.44 -19.57
CA SER A 92 6.93 -19.94 -18.84
C SER A 92 6.58 -19.01 -17.67
N VAL A 93 5.39 -19.18 -17.12
CA VAL A 93 5.03 -18.32 -15.98
C VAL A 93 5.84 -18.72 -14.75
N ALA A 94 6.23 -20.00 -14.65
CA ALA A 94 7.07 -20.42 -13.54
C ALA A 94 8.43 -19.73 -13.59
N THR A 95 8.99 -19.56 -14.78
CA THR A 95 10.25 -18.83 -14.90
C THR A 95 10.03 -17.34 -14.65
N VAL A 96 8.92 -16.77 -15.13
CA VAL A 96 8.62 -15.38 -14.77
C VAL A 96 8.60 -15.23 -13.26
N ALA A 97 7.91 -16.14 -12.57
CA ALA A 97 7.79 -16.10 -11.13
C ALA A 97 9.16 -16.14 -10.47
N ALA A 98 10.00 -17.11 -10.84
CA ALA A 98 11.32 -17.25 -10.24
C ALA A 98 12.13 -15.96 -10.39
N ILE A 99 12.14 -15.42 -11.60
CA ILE A 99 12.94 -14.22 -11.85
C ILE A 99 12.40 -13.06 -11.04
N SER A 100 11.08 -12.94 -10.93
CA SER A 100 10.54 -11.79 -10.23
C SER A 100 10.80 -11.88 -8.74
N CYS A 101 11.00 -13.09 -8.20
CA CYS A 101 11.26 -13.31 -6.78
C CYS A 101 12.73 -13.18 -6.38
N GLY A 102 13.65 -13.19 -7.36
CA GLY A 102 15.06 -13.28 -7.07
C GLY A 102 15.55 -14.69 -6.89
N LEU A 103 14.78 -15.67 -7.35
CA LEU A 103 15.02 -17.06 -7.00
C LEU A 103 15.97 -17.68 -8.02
N ALA A 104 17.21 -17.17 -7.99
CA ALA A 104 18.20 -17.43 -9.03
C ALA A 104 18.91 -18.77 -8.81
N ASP A 105 18.14 -19.85 -8.85
CA ASP A 105 18.71 -21.11 -8.41
C ASP A 105 18.85 -22.14 -9.53
N ASN A 106 18.81 -21.70 -10.79
CA ASN A 106 19.38 -22.49 -11.90
C ASN A 106 20.01 -21.50 -12.87
N LEU A 107 20.68 -22.03 -13.89
CA LEU A 107 21.45 -21.14 -14.78
C LEU A 107 20.54 -20.21 -15.57
N LEU A 108 19.39 -20.70 -16.03
CA LEU A 108 18.44 -19.83 -16.72
C LEU A 108 18.06 -18.65 -15.83
N ARG A 109 17.52 -18.95 -14.64
CA ARG A 109 17.12 -17.88 -13.73
C ARG A 109 18.29 -16.94 -13.40
N ARG A 110 19.49 -17.50 -13.23
CA ARG A 110 20.59 -16.68 -12.76
C ARG A 110 21.11 -15.74 -13.85
N VAL A 111 21.08 -16.16 -15.12
CA VAL A 111 21.50 -15.22 -16.16
C VAL A 111 20.45 -14.12 -16.33
N ALA A 112 19.18 -14.40 -16.05
CA ALA A 112 18.19 -13.33 -15.98
C ALA A 112 18.51 -12.36 -14.84
N ASP A 113 18.82 -12.92 -13.66
CA ASP A 113 19.10 -12.09 -12.50
C ASP A 113 20.30 -11.20 -12.72
N VAL A 114 21.38 -11.75 -13.29
CA VAL A 114 22.55 -10.95 -13.62
C VAL A 114 22.18 -9.79 -14.54
N ALA A 115 21.34 -10.04 -15.54
CA ALA A 115 20.94 -8.96 -16.43
C ALA A 115 20.21 -7.87 -15.65
N LEU A 116 19.29 -8.26 -14.76
CA LEU A 116 18.64 -7.27 -13.90
C LEU A 116 19.63 -6.58 -12.99
N LYS A 117 20.55 -7.34 -12.38
CA LYS A 117 21.50 -6.77 -11.45
C LYS A 117 22.45 -5.77 -12.12
N GLU A 118 22.80 -5.99 -13.39
CA GLU A 118 23.74 -5.09 -14.04
C GLU A 118 23.05 -4.10 -14.96
N LYS A 119 21.72 -4.06 -14.96
CA LYS A 119 20.97 -3.19 -15.88
C LYS A 119 21.37 -3.46 -17.34
N ARG A 120 21.52 -4.74 -17.71
CA ARG A 120 21.68 -5.12 -19.10
C ARG A 120 20.34 -5.57 -19.66
N PRO A 121 20.15 -5.53 -20.98
CA PRO A 121 18.82 -5.83 -21.55
C PRO A 121 18.35 -7.26 -21.23
N LEU A 122 17.09 -7.34 -20.75
CA LEU A 122 16.44 -8.63 -20.48
C LEU A 122 15.07 -8.61 -21.15
N ILE A 123 14.90 -9.42 -22.19
CA ILE A 123 13.66 -9.51 -22.94
C ILE A 123 12.96 -10.82 -22.61
N LEU A 124 11.74 -10.73 -22.08
CA LEU A 124 10.96 -11.89 -21.69
C LEU A 124 9.79 -12.04 -22.65
N VAL A 125 9.55 -13.27 -23.10
CA VAL A 125 8.49 -13.54 -24.06
C VAL A 125 7.48 -14.48 -23.42
N PRO A 126 6.63 -13.99 -22.51
CA PRO A 126 5.76 -14.88 -21.74
C PRO A 126 4.60 -15.39 -22.60
N ARG A 127 4.47 -16.70 -22.70
CA ARG A 127 3.23 -17.27 -23.23
C ARG A 127 2.44 -17.89 -22.10
N GLU A 128 1.23 -17.40 -21.92
CA GLU A 128 0.23 -18.01 -21.05
C GLU A 128 -1.07 -17.26 -21.29
N ALA A 129 -2.18 -18.00 -21.31
CA ALA A 129 -3.49 -17.36 -21.39
C ALA A 129 -4.54 -18.28 -20.81
N PRO A 130 -5.44 -17.72 -19.99
CA PRO A 130 -5.44 -16.34 -19.51
C PRO A 130 -4.28 -16.05 -18.57
N LEU A 131 -4.04 -14.78 -18.31
CA LEU A 131 -3.05 -14.35 -17.33
C LEU A 131 -3.79 -14.01 -16.04
N SER A 132 -3.54 -14.78 -14.98
CA SER A 132 -4.11 -14.50 -13.68
C SER A 132 -3.40 -13.31 -13.03
N ALA A 133 -4.04 -12.78 -11.98
CA ALA A 133 -3.48 -11.71 -11.18
C ALA A 133 -2.08 -12.07 -10.65
N ILE A 134 -1.87 -13.33 -10.27
CA ILE A 134 -0.55 -13.72 -9.77
C ILE A 134 0.51 -13.51 -10.84
N HIS A 135 0.24 -13.94 -12.08
CA HIS A 135 1.22 -13.79 -13.12
C HIS A 135 1.36 -12.34 -13.56
N LEU A 136 0.28 -11.58 -13.53
CA LEU A 136 0.37 -10.20 -13.96
C LEU A 136 1.18 -9.38 -12.96
N GLU A 137 1.02 -9.67 -11.66
CA GLU A 137 1.80 -8.98 -10.63
C GLU A 137 3.30 -9.26 -10.77
N ASN A 138 3.68 -10.51 -11.12
CA ASN A 138 5.08 -10.80 -11.38
C ASN A 138 5.60 -10.08 -12.62
N LEU A 139 4.82 -10.07 -13.70
CA LEU A 139 5.22 -9.35 -14.91
C LEU A 139 5.41 -7.87 -14.62
N LEU A 140 4.45 -7.27 -13.91
CA LEU A 140 4.53 -5.86 -13.55
C LEU A 140 5.80 -5.58 -12.76
N LYS A 141 6.05 -6.37 -11.73
CA LYS A 141 7.26 -6.22 -10.95
C LYS A 141 8.50 -6.22 -11.84
N LEU A 142 8.54 -7.16 -12.79
CA LEU A 142 9.70 -7.28 -13.67
C LEU A 142 9.79 -6.08 -14.62
N ALA A 143 8.66 -5.63 -15.16
CA ALA A 143 8.66 -4.39 -15.95
C ALA A 143 9.22 -3.22 -15.16
N GLN A 144 8.73 -3.04 -13.92
CA GLN A 144 9.25 -1.96 -13.07
C GLN A 144 10.72 -2.13 -12.77
N ASN A 145 11.26 -3.34 -12.85
CA ASN A 145 12.69 -3.50 -12.65
C ASN A 145 13.48 -3.49 -13.95
N GLY A 146 12.87 -3.12 -15.07
CA GLY A 146 13.62 -2.90 -16.29
C GLY A 146 13.49 -3.99 -17.34
N ALA A 147 12.89 -5.12 -17.01
CA ALA A 147 12.70 -6.18 -17.99
C ALA A 147 11.75 -5.69 -19.08
N VAL A 148 12.02 -6.09 -20.32
CA VAL A 148 11.11 -5.83 -21.41
C VAL A 148 10.11 -6.99 -21.49
N ILE A 149 8.84 -6.70 -21.24
CA ILE A 149 7.80 -7.73 -21.31
C ILE A 149 7.20 -7.71 -22.71
N LEU A 150 7.52 -8.74 -23.49
CA LEU A 150 7.11 -8.83 -24.89
C LEU A 150 6.37 -10.15 -25.09
N PRO A 151 5.07 -10.20 -24.79
CA PRO A 151 4.30 -11.39 -25.13
C PRO A 151 4.20 -11.55 -26.64
N PRO A 152 4.09 -12.85 -27.16
CA PRO A 152 4.07 -13.14 -28.62
C PRO A 152 2.73 -12.82 -29.29
N MET A 153 2.52 -11.55 -29.61
CA MET A 153 1.22 -11.08 -30.12
C MET A 153 1.27 -11.00 -31.64
N PRO A 154 0.38 -11.69 -32.37
CA PRO A 154 0.40 -11.59 -33.83
C PRO A 154 0.13 -10.16 -34.28
N ILE A 155 0.79 -9.78 -35.36
CA ILE A 155 0.77 -8.38 -35.74
C ILE A 155 -0.35 -8.05 -36.73
N TRP A 156 -0.73 -9.01 -37.58
CA TRP A 156 -2.00 -8.98 -38.33
C TRP A 156 -2.14 -7.87 -39.37
N TYR A 157 -1.76 -6.64 -39.05
CA TYR A 157 -1.80 -5.64 -40.11
C TYR A 157 -0.64 -5.80 -41.08
N PHE A 158 0.15 -6.87 -40.93
CA PHE A 158 1.07 -7.33 -41.95
C PHE A 158 0.46 -8.40 -42.85
N LYS A 159 -0.84 -8.62 -42.75
CA LYS A 159 -1.59 -9.62 -43.50
C LYS A 159 -0.86 -10.97 -43.56
N PRO A 160 -0.61 -11.61 -42.42
CA PRO A 160 -0.01 -12.94 -42.46
C PRO A 160 -0.93 -13.92 -43.14
N GLN A 161 -0.33 -14.95 -43.70
CA GLN A 161 -1.02 -16.03 -44.38
C GLN A 161 -0.76 -17.37 -43.73
N THR A 162 0.50 -17.67 -43.46
CA THR A 162 0.89 -18.92 -42.82
C THR A 162 1.12 -18.69 -41.33
N ALA A 163 1.07 -19.80 -40.59
CA ALA A 163 1.58 -19.78 -39.22
C ALA A 163 3.01 -19.28 -39.18
N GLU A 164 3.79 -19.63 -40.22
CA GLU A 164 5.19 -19.21 -40.28
C GLU A 164 5.31 -17.69 -40.36
N ASP A 165 4.43 -17.03 -41.13
CA ASP A 165 4.44 -15.57 -41.19
C ASP A 165 4.35 -14.96 -39.79
N ILE A 166 3.42 -15.48 -38.99
CA ILE A 166 3.13 -14.91 -37.67
C ILE A 166 4.36 -14.97 -36.78
N ALA A 167 4.97 -16.16 -36.68
CA ALA A 167 6.19 -16.35 -35.90
C ALA A 167 7.29 -15.36 -36.31
N ASN A 168 7.54 -15.24 -37.61
CA ASN A 168 8.66 -14.43 -38.06
C ASN A 168 8.46 -12.96 -37.75
N ASP A 169 7.24 -12.46 -37.83
CA ASP A 169 6.98 -11.08 -37.46
C ASP A 169 7.09 -10.87 -35.96
N ILE A 170 6.78 -11.90 -35.16
CA ILE A 170 6.96 -11.79 -33.72
C ILE A 170 8.45 -11.72 -33.40
N VAL A 171 9.24 -12.59 -34.01
CA VAL A 171 10.70 -12.52 -33.87
C VAL A 171 11.23 -11.20 -34.42
N GLY A 172 10.63 -10.73 -35.51
CA GLY A 172 10.98 -9.41 -36.02
C GLY A 172 10.89 -8.34 -34.95
N LYS A 173 9.87 -8.39 -34.10
CA LYS A 173 9.75 -7.43 -33.01
C LYS A 173 10.92 -7.57 -32.03
N ILE A 174 11.29 -8.80 -31.68
CA ILE A 174 12.44 -9.03 -30.81
C ILE A 174 13.69 -8.37 -31.38
N LEU A 175 13.99 -8.64 -32.66
CA LEU A 175 15.22 -8.11 -33.23
C LEU A 175 15.22 -6.58 -33.25
N ALA A 176 14.06 -5.96 -33.49
CA ALA A 176 13.95 -4.51 -33.39
C ALA A 176 14.37 -4.02 -32.00
N ILE A 177 13.86 -4.65 -30.94
CA ILE A 177 14.22 -4.24 -29.58
C ILE A 177 15.71 -4.42 -29.34
N LEU A 178 16.32 -5.45 -29.94
CA LEU A 178 17.76 -5.63 -29.88
C LEU A 178 18.55 -4.62 -30.73
N GLN A 179 17.93 -3.56 -31.26
CA GLN A 179 18.62 -2.56 -32.08
C GLN A 179 19.36 -3.19 -33.25
N LEU A 180 18.84 -4.28 -33.79
CA LEU A 180 19.41 -4.90 -34.97
C LEU A 180 18.57 -4.53 -36.19
N ASP A 181 19.09 -4.85 -37.37
CA ASP A 181 18.30 -4.80 -38.58
C ASP A 181 18.32 -6.16 -39.26
N SER A 182 17.16 -6.54 -39.80
CA SER A 182 16.93 -7.88 -40.31
C SER A 182 15.74 -7.83 -41.24
N PRO A 183 15.70 -8.66 -42.28
CA PRO A 183 14.53 -8.67 -43.18
C PRO A 183 13.27 -9.18 -42.53
N LEU A 184 13.34 -9.63 -41.26
CA LEU A 184 12.18 -10.04 -40.51
C LEU A 184 11.45 -8.86 -39.86
N ILE A 185 12.08 -7.70 -39.78
CA ILE A 185 11.45 -6.50 -39.23
C ILE A 185 10.64 -5.84 -40.35
N LYS A 186 9.37 -5.52 -40.08
CA LYS A 186 8.48 -4.96 -41.10
C LYS A 186 7.89 -3.61 -40.71
N MET B 1 26.66 -27.18 25.51
CA MET B 1 25.54 -26.53 26.18
C MET B 1 24.46 -26.09 25.18
N LYS B 2 24.76 -25.09 24.35
CA LYS B 2 23.81 -24.58 23.37
C LYS B 2 24.01 -25.28 22.02
N ARG B 3 22.97 -25.22 21.19
CA ARG B 3 22.91 -25.94 19.92
C ARG B 3 22.65 -24.95 18.80
N TYR B 4 23.53 -24.93 17.80
CA TYR B 4 23.39 -23.99 16.70
C TYR B 4 23.20 -24.72 15.38
N VAL B 5 22.51 -24.06 14.46
CA VAL B 5 22.44 -24.52 13.09
C VAL B 5 23.22 -23.53 12.23
N VAL B 6 24.17 -24.05 11.45
CA VAL B 6 24.92 -23.23 10.50
C VAL B 6 24.65 -23.80 9.11
N GLY B 7 23.99 -23.01 8.28
CA GLY B 7 23.80 -23.34 6.87
C GLY B 7 24.78 -22.55 6.02
N ILE B 8 25.34 -23.21 5.01
CA ILE B 8 26.39 -22.63 4.18
C ILE B 8 25.93 -22.64 2.73
N SER B 9 25.60 -21.46 2.20
CA SER B 9 25.16 -21.22 0.83
C SER B 9 26.36 -20.94 -0.06
N GLY B 10 26.13 -21.03 -1.36
CA GLY B 10 27.27 -21.00 -2.25
C GLY B 10 27.99 -19.68 -2.39
N ALA B 11 27.54 -18.62 -1.72
CA ALA B 11 28.20 -17.32 -1.88
C ALA B 11 29.64 -17.38 -1.38
N SER B 12 30.50 -16.58 -2.03
CA SER B 12 31.89 -16.46 -1.63
C SER B 12 31.99 -16.08 -0.16
N GLY B 13 32.99 -16.64 0.52
CA GLY B 13 33.23 -16.33 1.93
C GLY B 13 33.04 -17.47 2.93
N ILE B 14 33.33 -18.70 2.53
CA ILE B 14 33.07 -19.83 3.42
C ILE B 14 34.06 -19.83 4.58
N VAL B 15 35.19 -19.13 4.46
CA VAL B 15 36.05 -18.93 5.62
C VAL B 15 35.24 -18.45 6.81
N LEU B 16 34.17 -17.68 6.58
CA LEU B 16 33.38 -17.15 7.69
C LEU B 16 32.60 -18.24 8.40
N ALA B 17 32.04 -19.19 7.64
CA ALA B 17 31.37 -20.34 8.24
C ALA B 17 32.36 -21.20 9.00
N VAL B 18 33.54 -21.43 8.43
CA VAL B 18 34.56 -22.24 9.09
C VAL B 18 34.94 -21.63 10.43
N THR B 19 35.26 -20.33 10.46
CA THR B 19 35.74 -19.80 11.73
C THR B 19 34.60 -19.65 12.72
N LEU B 20 33.35 -19.45 12.26
CA LEU B 20 32.22 -19.41 13.20
C LEU B 20 31.98 -20.78 13.84
N VAL B 21 31.92 -21.83 13.03
CA VAL B 21 31.71 -23.17 13.58
C VAL B 21 32.87 -23.58 14.49
N SER B 22 34.11 -23.29 14.07
CA SER B 22 35.28 -23.62 14.86
C SER B 22 35.21 -23.00 16.25
N GLU B 23 34.78 -21.73 16.32
CA GLU B 23 34.73 -20.99 17.58
C GLU B 23 33.55 -21.41 18.45
N LEU B 24 32.39 -21.67 17.84
CA LEU B 24 31.26 -22.23 18.59
C LEU B 24 31.62 -23.58 19.19
N ALA B 25 32.32 -24.43 18.46
CA ALA B 25 32.74 -25.71 19.02
C ALA B 25 33.80 -25.52 20.10
N ARG B 26 34.73 -24.57 19.91
CA ARG B 26 35.73 -24.34 20.95
C ARG B 26 35.07 -23.86 22.23
N LEU B 27 34.00 -23.07 22.12
CA LEU B 27 33.28 -22.61 23.30
C LEU B 27 32.50 -23.72 24.00
N GLY B 28 32.44 -24.92 23.42
CA GLY B 28 31.75 -26.05 24.02
C GLY B 28 30.37 -26.39 23.47
N HIS B 29 29.90 -25.73 22.40
CA HIS B 29 28.54 -25.92 21.92
C HIS B 29 28.44 -26.96 20.79
N HIS B 30 27.21 -27.29 20.42
CA HIS B 30 26.92 -28.23 19.35
C HIS B 30 26.43 -27.49 18.11
N ILE B 31 26.90 -27.92 16.93
CA ILE B 31 26.56 -27.25 15.69
C ILE B 31 26.11 -28.29 14.66
N ASP B 32 24.90 -28.10 14.13
CA ASP B 32 24.47 -28.82 12.93
C ASP B 32 24.78 -27.98 11.69
N VAL B 33 25.47 -28.58 10.73
CA VAL B 33 26.03 -27.86 9.60
C VAL B 33 25.43 -28.41 8.30
N ILE B 34 24.89 -27.52 7.46
CA ILE B 34 24.19 -27.86 6.22
C ILE B 34 24.89 -27.15 5.07
N ILE B 35 25.51 -27.91 4.18
CA ILE B 35 26.32 -27.39 3.10
C ILE B 35 25.56 -27.58 1.79
N SER B 36 25.38 -26.49 1.03
CA SER B 36 24.75 -26.61 -0.28
C SER B 36 25.76 -27.07 -1.34
N PRO B 37 25.28 -27.59 -2.47
CA PRO B 37 26.21 -27.95 -3.56
C PRO B 37 27.09 -26.80 -4.01
N SER B 38 26.56 -25.59 -4.03
CA SER B 38 27.37 -24.46 -4.46
C SER B 38 28.50 -24.19 -3.47
N ALA B 39 28.20 -24.32 -2.18
CA ALA B 39 29.21 -24.11 -1.14
C ALA B 39 30.26 -25.22 -1.12
N GLN B 40 29.90 -26.42 -1.59
CA GLN B 40 30.88 -27.49 -1.70
C GLN B 40 31.98 -27.09 -2.68
N LYS B 41 31.61 -26.49 -3.82
CA LYS B 41 32.61 -25.97 -4.74
C LYS B 41 33.45 -24.89 -4.08
N THR B 42 32.79 -23.96 -3.38
CA THR B 42 33.47 -22.84 -2.75
C THR B 42 34.50 -23.30 -1.73
N LEU B 43 34.16 -24.33 -0.96
CA LEU B 43 35.09 -24.92 -0.01
C LEU B 43 36.46 -25.19 -0.64
N TYR B 44 36.46 -25.75 -1.85
CA TYR B 44 37.71 -26.12 -2.49
C TYR B 44 38.43 -24.91 -3.07
N TYR B 45 37.71 -24.05 -3.81
CA TYR B 45 38.31 -22.86 -4.40
C TYR B 45 38.88 -21.92 -3.33
N GLU B 46 38.21 -21.80 -2.19
CA GLU B 46 38.60 -20.80 -1.21
C GLU B 46 39.39 -21.35 -0.04
N LEU B 47 39.23 -22.64 0.28
CA LEU B 47 39.90 -23.18 1.46
C LEU B 47 40.75 -24.40 1.14
N ASP B 48 40.89 -24.76 -0.15
CA ASP B 48 41.88 -25.73 -0.62
C ASP B 48 41.60 -27.14 -0.13
N THR B 49 40.34 -27.50 0.05
CA THR B 49 40.02 -28.80 0.62
C THR B 49 38.62 -29.19 0.14
N LYS B 50 38.42 -30.49 -0.05
CA LYS B 50 37.12 -31.00 -0.44
C LYS B 50 36.34 -31.56 0.74
N SER B 51 36.79 -31.28 1.96
CA SER B 51 36.17 -31.77 3.17
C SER B 51 35.98 -30.62 4.15
N PHE B 52 34.75 -30.46 4.66
CA PHE B 52 34.48 -29.40 5.60
C PHE B 52 35.18 -29.64 6.93
N LEU B 53 35.10 -30.86 7.45
CA LEU B 53 35.68 -31.17 8.75
C LEU B 53 37.19 -31.01 8.77
N SER B 54 37.84 -31.03 7.61
CA SER B 54 39.29 -30.84 7.58
C SER B 54 39.72 -29.44 7.97
N THR B 55 38.79 -28.48 8.03
CA THR B 55 39.06 -27.10 8.43
C THR B 55 38.94 -26.87 9.93
N ILE B 56 38.46 -27.86 10.67
CA ILE B 56 38.13 -27.76 12.09
C ILE B 56 39.01 -28.70 12.91
N PRO B 57 39.52 -28.29 14.07
CA PRO B 57 40.32 -29.21 14.90
C PRO B 57 39.56 -30.47 15.27
N GLN B 58 40.28 -31.60 15.23
CA GLN B 58 39.66 -32.91 15.36
C GLN B 58 38.92 -33.07 16.69
N ASN B 59 39.45 -32.45 17.75
CA ASN B 59 38.77 -32.45 19.05
C ASN B 59 37.34 -31.96 18.98
N PHE B 60 36.99 -31.16 17.97
CA PHE B 60 35.64 -30.61 17.89
C PHE B 60 34.72 -31.42 16.98
N HIS B 61 35.24 -32.42 16.26
CA HIS B 61 34.41 -33.11 15.26
C HIS B 61 33.22 -33.81 15.88
N ASN B 62 33.35 -34.27 17.12
CA ASN B 62 32.26 -34.87 17.88
C ASN B 62 31.17 -33.87 18.24
N GLN B 63 31.39 -32.58 18.01
CA GLN B 63 30.39 -31.55 18.33
C GLN B 63 29.66 -31.08 17.09
N ILE B 64 29.89 -31.72 15.95
CA ILE B 64 29.45 -31.22 14.66
C ILE B 64 28.73 -32.34 13.93
N VAL B 65 27.53 -32.06 13.43
CA VAL B 65 26.82 -33.00 12.57
C VAL B 65 26.60 -32.32 11.23
N LEU B 66 26.99 -33.00 10.16
CA LEU B 66 26.75 -32.49 8.82
C LEU B 66 25.46 -33.07 8.27
N HIS B 67 24.76 -32.28 7.45
CA HIS B 67 23.52 -32.76 6.87
C HIS B 67 23.50 -32.57 5.37
N HIS B 68 22.94 -33.58 4.69
CA HIS B 68 22.52 -33.43 3.32
C HIS B 68 21.44 -32.35 3.26
N ILE B 69 21.64 -31.36 2.39
CA ILE B 69 20.64 -30.35 2.13
C ILE B 69 19.32 -30.91 1.59
N SER B 70 19.28 -32.18 1.18
CA SER B 70 18.09 -32.79 0.60
C SER B 70 17.19 -33.47 1.62
N SER B 71 17.59 -33.59 2.89
CA SER B 71 16.75 -34.27 3.87
C SER B 71 15.38 -33.60 4.05
N THR B 82 14.55 -26.70 20.34
CA THR B 82 15.80 -27.00 21.03
C THR B 82 17.02 -26.24 20.47
N ILE B 83 16.84 -25.50 19.36
CA ILE B 83 17.94 -24.80 18.70
C ILE B 83 18.00 -23.37 19.22
N ASP B 84 19.18 -22.96 19.70
CA ASP B 84 19.29 -21.59 20.21
C ASP B 84 19.43 -20.54 19.13
N ALA B 85 20.00 -20.88 17.98
CA ALA B 85 20.10 -19.89 16.91
C ALA B 85 20.49 -20.58 15.62
N THR B 86 20.12 -19.96 14.52
CA THR B 86 20.35 -20.45 13.18
C THR B 86 21.03 -19.35 12.38
N ILE B 87 22.16 -19.68 11.75
CA ILE B 87 22.98 -18.71 11.02
C ILE B 87 23.23 -19.28 9.62
N ILE B 88 22.84 -18.53 8.59
CA ILE B 88 23.17 -18.88 7.21
C ILE B 88 24.33 -17.98 6.79
N VAL B 89 25.52 -18.56 6.65
CA VAL B 89 26.70 -17.81 6.31
C VAL B 89 27.65 -18.65 5.46
N PRO B 90 28.10 -18.13 4.31
CA PRO B 90 27.50 -16.97 3.61
C PRO B 90 26.11 -17.37 3.13
N CYS B 91 25.30 -16.41 2.70
CA CYS B 91 23.92 -16.66 2.28
C CYS B 91 23.75 -16.09 0.89
N SER B 92 23.55 -16.96 -0.12
CA SER B 92 23.34 -16.51 -1.50
C SER B 92 22.02 -15.75 -1.62
N VAL B 93 21.89 -14.93 -2.69
CA VAL B 93 20.63 -14.21 -2.90
C VAL B 93 19.49 -15.19 -3.18
N ALA B 94 19.81 -16.33 -3.79
CA ALA B 94 18.79 -17.33 -4.08
C ALA B 94 18.19 -17.86 -2.79
N THR B 95 19.04 -18.14 -1.79
CA THR B 95 18.56 -18.61 -0.50
C THR B 95 17.77 -17.51 0.21
N VAL B 96 18.25 -16.26 0.15
CA VAL B 96 17.46 -15.15 0.71
C VAL B 96 16.07 -15.12 0.08
N ALA B 97 16.01 -15.25 -1.26
CA ALA B 97 14.71 -15.18 -1.93
C ALA B 97 13.77 -16.29 -1.45
N ALA B 98 14.29 -17.51 -1.44
CA ALA B 98 13.52 -18.67 -0.98
C ALA B 98 12.97 -18.46 0.42
N ILE B 99 13.84 -18.06 1.35
CA ILE B 99 13.41 -17.88 2.74
C ILE B 99 12.36 -16.77 2.83
N SER B 100 12.55 -15.68 2.08
CA SER B 100 11.62 -14.56 2.16
C SER B 100 10.25 -14.92 1.62
N CYS B 101 10.18 -15.88 0.69
CA CYS B 101 8.91 -16.34 0.11
C CYS B 101 8.23 -17.42 0.95
N GLY B 102 8.93 -18.04 1.90
CA GLY B 102 8.40 -19.18 2.61
C GLY B 102 8.62 -20.49 1.89
N LEU B 103 9.53 -20.51 0.93
CA LEU B 103 9.69 -21.64 0.00
C LEU B 103 10.67 -22.66 0.61
N ALA B 104 10.15 -23.38 1.59
CA ALA B 104 10.97 -24.21 2.46
C ALA B 104 11.07 -25.62 1.88
N ASP B 105 11.72 -25.72 0.72
CA ASP B 105 11.72 -26.97 -0.03
C ASP B 105 13.07 -27.67 -0.03
N ASN B 106 14.04 -27.23 0.78
CA ASN B 106 15.18 -28.07 1.12
C ASN B 106 15.46 -27.86 2.61
N LEU B 107 16.43 -28.61 3.14
CA LEU B 107 16.68 -28.57 4.58
C LEU B 107 17.18 -27.19 5.03
N LEU B 108 18.04 -26.56 4.25
CA LEU B 108 18.54 -25.25 4.63
C LEU B 108 17.41 -24.23 4.67
N ARG B 109 16.53 -24.24 3.67
CA ARG B 109 15.41 -23.32 3.67
C ARG B 109 14.44 -23.64 4.81
N ARG B 110 14.24 -24.92 5.10
CA ARG B 110 13.31 -25.34 6.15
C ARG B 110 13.77 -24.87 7.54
N VAL B 111 15.05 -25.08 7.90
CA VAL B 111 15.46 -24.66 9.24
C VAL B 111 15.35 -23.15 9.39
N ALA B 112 15.60 -22.40 8.31
CA ALA B 112 15.38 -20.96 8.38
C ALA B 112 13.91 -20.66 8.63
N ASP B 113 13.02 -21.34 7.89
CA ASP B 113 11.59 -21.14 8.11
C ASP B 113 11.20 -21.52 9.53
N VAL B 114 11.85 -22.55 10.09
CA VAL B 114 11.49 -22.96 11.44
C VAL B 114 11.96 -21.92 12.47
N ALA B 115 13.14 -21.33 12.29
CA ALA B 115 13.57 -20.24 13.17
C ALA B 115 12.55 -19.11 13.21
N LEU B 116 12.11 -18.64 12.03
CA LEU B 116 11.09 -17.60 11.95
C LEU B 116 9.77 -18.05 12.57
N LYS B 117 9.38 -19.29 12.32
CA LYS B 117 8.09 -19.78 12.83
C LYS B 117 8.09 -19.83 14.35
N GLU B 118 9.22 -20.20 14.93
CA GLU B 118 9.32 -20.31 16.37
C GLU B 118 9.84 -19.04 17.02
N LYS B 119 10.22 -18.04 16.23
CA LYS B 119 10.70 -16.76 16.76
C LYS B 119 12.00 -16.95 17.52
N ARG B 120 12.86 -17.80 17.00
CA ARG B 120 14.21 -17.96 17.47
C ARG B 120 15.17 -17.24 16.53
N PRO B 121 16.35 -16.86 17.01
CA PRO B 121 17.26 -16.05 16.18
C PRO B 121 17.57 -16.70 14.84
N LEU B 122 17.42 -15.91 13.77
CA LEU B 122 17.87 -16.27 12.43
C LEU B 122 18.77 -15.15 11.91
N ILE B 123 20.04 -15.46 11.69
CA ILE B 123 21.05 -14.50 11.24
C ILE B 123 21.46 -14.86 9.81
N LEU B 124 21.27 -13.93 8.88
CA LEU B 124 21.61 -14.12 7.47
C LEU B 124 22.83 -13.29 7.13
N VAL B 125 23.84 -13.91 6.53
CA VAL B 125 25.02 -13.16 6.10
C VAL B 125 25.04 -13.11 4.58
N PRO B 126 24.23 -12.25 3.94
CA PRO B 126 24.22 -12.19 2.46
C PRO B 126 25.43 -11.47 1.91
N ARG B 127 25.86 -11.90 0.71
CA ARG B 127 27.15 -11.51 0.18
C ARG B 127 27.10 -10.75 -1.16
N GLU B 128 25.94 -10.67 -1.82
CA GLU B 128 25.84 -10.07 -3.15
C GLU B 128 26.20 -8.58 -3.19
N ALA B 129 26.85 -8.16 -4.29
CA ALA B 129 27.15 -6.76 -4.61
C ALA B 129 27.30 -6.54 -6.13
N PRO B 130 26.60 -5.54 -6.71
CA PRO B 130 25.59 -4.67 -6.12
C PRO B 130 24.34 -5.44 -5.75
N LEU B 131 23.52 -4.84 -4.90
CA LEU B 131 22.21 -5.36 -4.54
C LEU B 131 21.15 -4.67 -5.37
N SER B 132 20.43 -5.45 -6.20
CA SER B 132 19.32 -4.94 -6.99
C SER B 132 18.10 -4.68 -6.09
N ALA B 133 17.13 -3.97 -6.66
CA ALA B 133 15.86 -3.76 -5.97
C ALA B 133 15.19 -5.08 -5.62
N ILE B 134 15.25 -6.06 -6.51
CA ILE B 134 14.60 -7.34 -6.22
C ILE B 134 15.20 -7.94 -4.94
N HIS B 135 16.52 -7.94 -4.84
CA HIS B 135 17.12 -8.55 -3.65
C HIS B 135 16.97 -7.68 -2.42
N LEU B 136 16.98 -6.35 -2.57
CA LEU B 136 16.79 -5.50 -1.41
C LEU B 136 15.40 -5.68 -0.82
N GLU B 137 14.40 -5.89 -1.68
CA GLU B 137 13.04 -6.11 -1.19
C GLU B 137 12.93 -7.38 -0.35
N ASN B 138 13.54 -8.48 -0.80
CA ASN B 138 13.54 -9.72 -0.01
C ASN B 138 14.23 -9.51 1.33
N LEU B 139 15.37 -8.82 1.29
CA LEU B 139 16.15 -8.52 2.52
C LEU B 139 15.26 -7.73 3.48
N LEU B 140 14.60 -6.68 2.97
CA LEU B 140 13.71 -5.87 3.79
C LEU B 140 12.61 -6.73 4.40
N LYS B 141 11.97 -7.57 3.58
CA LYS B 141 10.89 -8.43 4.08
C LYS B 141 11.38 -9.35 5.21
N LEU B 142 12.59 -9.90 5.08
CA LEU B 142 13.14 -10.77 6.12
C LEU B 142 13.46 -10.00 7.41
N ALA B 143 14.03 -8.80 7.28
CA ALA B 143 14.25 -7.92 8.43
C ALA B 143 12.95 -7.61 9.15
N GLN B 144 11.88 -7.31 8.40
CA GLN B 144 10.58 -7.01 9.01
C GLN B 144 9.99 -8.22 9.72
N ASN B 145 10.45 -9.41 9.40
CA ASN B 145 9.93 -10.62 10.01
C ASN B 145 10.87 -11.17 11.06
N GLY B 146 11.92 -10.42 11.40
CA GLY B 146 12.72 -10.66 12.58
C GLY B 146 14.10 -11.22 12.30
N ALA B 147 14.38 -11.62 11.07
CA ALA B 147 15.70 -12.09 10.72
C ALA B 147 16.72 -10.97 10.88
N VAL B 148 17.90 -11.31 11.39
CA VAL B 148 18.99 -10.34 11.47
C VAL B 148 19.76 -10.38 10.15
N ILE B 149 19.81 -9.23 9.45
CA ILE B 149 20.49 -9.12 8.16
C ILE B 149 21.87 -8.56 8.45
N LEU B 150 22.90 -9.41 8.37
CA LEU B 150 24.27 -9.08 8.76
C LEU B 150 25.21 -9.35 7.58
N PRO B 151 25.33 -8.40 6.64
CA PRO B 151 26.25 -8.60 5.54
C PRO B 151 27.68 -8.51 6.05
N PRO B 152 28.60 -9.16 5.40
CA PRO B 152 29.97 -9.26 5.93
C PRO B 152 30.77 -8.00 5.64
N MET B 153 30.43 -6.95 6.40
CA MET B 153 31.01 -5.62 6.21
C MET B 153 32.31 -5.50 6.99
N PRO B 154 33.46 -5.27 6.34
CA PRO B 154 34.71 -5.13 7.11
C PRO B 154 34.65 -4.01 8.12
N ILE B 155 35.25 -4.27 9.28
CA ILE B 155 35.23 -3.33 10.40
C ILE B 155 36.55 -2.56 10.39
N TRP B 156 36.67 -1.56 9.53
CA TRP B 156 37.98 -0.95 9.36
C TRP B 156 38.43 -0.17 10.60
N TYR B 157 37.53 0.18 11.51
CA TYR B 157 37.93 0.95 12.68
C TYR B 157 38.57 0.08 13.75
N PHE B 158 38.62 -1.23 13.56
CA PHE B 158 39.51 -2.08 14.34
C PHE B 158 40.89 -2.22 13.69
N LYS B 159 41.14 -1.45 12.65
CA LYS B 159 42.45 -1.35 12.01
C LYS B 159 43.06 -2.70 11.63
N PRO B 160 42.38 -3.49 10.79
CA PRO B 160 42.91 -4.81 10.44
C PRO B 160 44.14 -4.71 9.55
N GLN B 161 45.04 -5.68 9.69
CA GLN B 161 46.21 -5.76 8.83
C GLN B 161 46.15 -6.91 7.84
N THR B 162 45.59 -8.05 8.21
CA THR B 162 45.50 -9.19 7.30
C THR B 162 44.05 -9.40 6.87
N ALA B 163 43.88 -10.19 5.80
CA ALA B 163 42.56 -10.65 5.42
C ALA B 163 41.92 -11.49 6.53
N GLU B 164 42.74 -12.30 7.22
CA GLU B 164 42.25 -13.09 8.35
C GLU B 164 41.71 -12.21 9.46
N ASP B 165 42.38 -11.09 9.75
CA ASP B 165 41.82 -10.10 10.69
C ASP B 165 40.42 -9.67 10.29
N ILE B 166 40.22 -9.38 9.01
CA ILE B 166 38.90 -8.91 8.59
C ILE B 166 37.87 -10.01 8.79
N ALA B 167 38.21 -11.25 8.45
CA ALA B 167 37.27 -12.35 8.65
C ALA B 167 37.00 -12.60 10.14
N ASN B 168 38.04 -12.60 10.97
CA ASN B 168 37.83 -12.80 12.41
C ASN B 168 36.89 -11.75 13.00
N ASP B 169 37.08 -10.48 12.62
CA ASP B 169 36.25 -9.42 13.17
C ASP B 169 34.79 -9.54 12.74
N ILE B 170 34.55 -9.93 11.48
CA ILE B 170 33.16 -10.17 11.06
C ILE B 170 32.55 -11.32 11.85
N VAL B 171 33.30 -12.41 12.06
CA VAL B 171 32.74 -13.51 12.84
C VAL B 171 32.50 -13.06 14.28
N GLY B 172 33.40 -12.21 14.81
CA GLY B 172 33.18 -11.62 16.12
C GLY B 172 31.86 -10.86 16.21
N LYS B 173 31.48 -10.17 15.13
CA LYS B 173 30.19 -9.48 15.12
C LYS B 173 29.03 -10.47 15.16
N ILE B 174 29.17 -11.60 14.48
CA ILE B 174 28.15 -12.66 14.57
C ILE B 174 28.04 -13.17 16.01
N LEU B 175 29.18 -13.51 16.62
CA LEU B 175 29.14 -14.04 17.98
C LEU B 175 28.55 -13.03 18.96
N ALA B 176 28.80 -11.74 18.75
CA ALA B 176 28.20 -10.72 19.60
C ALA B 176 26.68 -10.68 19.43
N ILE B 177 26.19 -10.84 18.20
CA ILE B 177 24.76 -10.95 17.98
C ILE B 177 24.21 -12.22 18.61
N LEU B 178 24.99 -13.30 18.60
CA LEU B 178 24.59 -14.51 19.31
C LEU B 178 24.66 -14.35 20.82
N GLN B 179 25.14 -13.19 21.30
CA GLN B 179 25.33 -12.91 22.73
C GLN B 179 26.25 -13.94 23.37
N LEU B 180 27.27 -14.31 22.64
CA LEU B 180 28.33 -15.15 23.18
C LEU B 180 29.51 -14.27 23.52
N ASP B 181 30.34 -14.75 24.41
CA ASP B 181 31.61 -14.11 24.67
C ASP B 181 32.72 -14.89 23.98
N SER B 182 33.60 -14.15 23.32
CA SER B 182 34.62 -14.77 22.50
C SER B 182 35.76 -13.79 22.34
N PRO B 183 37.01 -14.24 22.34
CA PRO B 183 38.12 -13.33 22.05
C PRO B 183 38.04 -12.75 20.65
N LEU B 184 37.24 -13.34 19.78
CA LEU B 184 37.06 -12.78 18.44
C LEU B 184 36.30 -11.46 18.49
N ILE B 185 35.47 -11.25 19.51
CA ILE B 185 34.69 -10.02 19.61
C ILE B 185 35.59 -8.88 20.02
N LYS B 186 35.67 -7.86 19.19
CA LYS B 186 36.34 -6.62 19.55
C LYS B 186 35.30 -5.55 19.86
N ARG B 187 35.63 -4.71 20.84
CA ARG B 187 34.78 -3.61 21.31
C ARG B 187 35.46 -2.28 20.96
N TRP B 188 34.69 -1.35 20.41
CA TRP B 188 35.21 -0.05 19.96
C TRP B 188 35.64 0.84 21.12
N MET C 1 -6.16 43.28 10.35
CA MET C 1 -4.72 43.07 10.47
C MET C 1 -4.39 41.61 10.75
N LYS C 2 -3.91 40.93 9.72
CA LYS C 2 -3.58 39.52 9.80
C LYS C 2 -2.07 39.37 10.05
N ARG C 3 -1.66 38.15 10.42
CA ARG C 3 -0.27 37.86 10.74
C ARG C 3 0.20 36.68 9.89
N TYR C 4 1.22 36.91 9.08
CA TYR C 4 1.79 35.90 8.21
C TYR C 4 3.19 35.51 8.66
N VAL C 5 3.57 34.27 8.38
CA VAL C 5 4.93 33.81 8.51
C VAL C 5 5.45 33.51 7.11
N VAL C 6 6.56 34.12 6.75
CA VAL C 6 7.16 33.87 5.45
C VAL C 6 8.57 33.30 5.68
N GLY C 7 8.76 32.05 5.26
CA GLY C 7 10.06 31.39 5.35
C GLY C 7 10.69 31.42 3.98
N ILE C 8 11.95 31.81 3.92
CA ILE C 8 12.59 32.02 2.63
C ILE C 8 13.71 31.01 2.54
N SER C 9 13.60 30.09 1.61
CA SER C 9 14.56 29.00 1.52
C SER C 9 15.34 29.15 0.22
N GLY C 10 16.52 28.54 0.19
CA GLY C 10 17.49 28.84 -0.85
C GLY C 10 17.20 28.26 -2.22
N ALA C 11 16.02 28.45 -2.75
CA ALA C 11 15.77 28.11 -4.13
C ALA C 11 15.72 29.41 -4.94
N SER C 12 16.10 29.31 -6.21
CA SER C 12 16.09 30.47 -7.08
C SER C 12 14.72 31.12 -7.09
N GLY C 13 14.70 32.45 -7.08
CA GLY C 13 13.45 33.18 -7.19
C GLY C 13 13.11 33.96 -5.94
N ILE C 14 14.14 34.49 -5.29
CA ILE C 14 13.91 35.26 -4.07
C ILE C 14 13.12 36.55 -4.34
N VAL C 15 13.12 37.05 -5.58
CA VAL C 15 12.25 38.18 -5.92
C VAL C 15 10.80 37.92 -5.54
N LEU C 16 10.36 36.64 -5.56
CA LEU C 16 9.00 36.30 -5.17
C LEU C 16 8.75 36.62 -3.69
N ALA C 17 9.69 36.24 -2.81
CA ALA C 17 9.53 36.56 -1.39
C ALA C 17 9.51 38.07 -1.18
N VAL C 18 10.40 38.79 -1.87
CA VAL C 18 10.45 40.23 -1.70
C VAL C 18 9.11 40.84 -2.04
N THR C 19 8.56 40.46 -3.21
CA THR C 19 7.28 40.98 -3.66
C THR C 19 6.16 40.58 -2.72
N LEU C 20 6.12 39.33 -2.29
CA LEU C 20 5.05 38.90 -1.39
C LEU C 20 5.07 39.71 -0.10
N VAL C 21 6.23 39.81 0.55
CA VAL C 21 6.31 40.52 1.84
C VAL C 21 5.98 42.00 1.67
N SER C 22 6.48 42.61 0.60
CA SER C 22 6.16 43.99 0.28
C SER C 22 4.65 44.21 0.21
N GLU C 23 3.96 43.38 -0.58
CA GLU C 23 2.52 43.56 -0.77
C GLU C 23 1.75 43.28 0.52
N LEU C 24 2.16 42.28 1.30
CA LEU C 24 1.47 41.99 2.55
C LEU C 24 1.57 43.16 3.51
N ALA C 25 2.74 43.79 3.60
CA ALA C 25 2.87 44.97 4.42
C ALA C 25 2.10 46.14 3.82
N ARG C 26 2.22 46.34 2.51
CA ARG C 26 1.49 47.43 1.87
C ARG C 26 0.00 47.31 2.14
N LEU C 27 -0.50 46.09 2.27
CA LEU C 27 -1.90 45.84 2.60
C LEU C 27 -2.18 45.91 4.10
N GLY C 28 -1.15 46.20 4.92
CA GLY C 28 -1.35 46.49 6.33
C GLY C 28 -1.18 45.34 7.30
N HIS C 29 -0.61 44.22 6.87
CA HIS C 29 -0.45 43.06 7.75
C HIS C 29 0.95 42.98 8.35
N HIS C 30 1.09 42.05 9.27
CA HIS C 30 2.36 41.78 9.97
C HIS C 30 3.00 40.52 9.39
N ILE C 31 4.33 40.54 9.20
CA ILE C 31 5.03 39.39 8.62
C ILE C 31 6.25 39.05 9.46
N ASP C 32 6.27 37.83 9.99
CA ASP C 32 7.47 37.23 10.57
C ASP C 32 8.24 36.54 9.45
N VAL C 33 9.48 36.94 9.25
CA VAL C 33 10.28 36.46 8.13
C VAL C 33 11.45 35.64 8.68
N ILE C 34 11.72 34.51 8.05
CA ILE C 34 12.82 33.62 8.43
C ILE C 34 13.62 33.34 7.17
N ILE C 35 14.90 33.72 7.17
CA ILE C 35 15.77 33.55 6.02
C ILE C 35 16.81 32.49 6.34
N SER C 36 16.89 31.46 5.50
CA SER C 36 17.90 30.45 5.67
C SER C 36 19.24 30.98 5.17
N PRO C 37 20.36 30.38 5.62
CA PRO C 37 21.67 30.77 5.07
C PRO C 37 21.79 30.57 3.56
N SER C 38 21.13 29.55 2.99
CA SER C 38 21.19 29.40 1.55
C SER C 38 20.36 30.49 0.84
N ALA C 39 19.20 30.83 1.39
CA ALA C 39 18.47 31.98 0.85
C ALA C 39 19.28 33.26 0.94
N GLN C 40 20.11 33.37 1.99
CA GLN C 40 21.00 34.51 2.12
C GLN C 40 21.95 34.60 0.93
N LYS C 41 22.55 33.48 0.53
CA LYS C 41 23.37 33.46 -0.68
C LYS C 41 22.55 33.81 -1.93
N THR C 42 21.40 33.16 -2.12
CA THR C 42 20.57 33.43 -3.28
C THR C 42 20.18 34.91 -3.36
N LEU C 43 19.91 35.52 -2.20
CA LEU C 43 19.62 36.94 -2.17
C LEU C 43 20.73 37.76 -2.80
N TYR C 44 21.99 37.35 -2.57
CA TYR C 44 23.12 38.08 -3.14
C TYR C 44 23.29 37.77 -4.63
N TYR C 45 23.28 36.50 -5.00
CA TYR C 45 23.45 36.16 -6.41
C TYR C 45 22.29 36.71 -7.26
N GLU C 46 21.08 36.79 -6.71
CA GLU C 46 19.95 37.16 -7.56
C GLU C 46 19.53 38.62 -7.45
N LEU C 47 19.70 39.25 -6.29
CA LEU C 47 19.31 40.65 -6.10
C LEU C 47 20.46 41.55 -5.64
N ASP C 48 21.70 41.08 -5.71
CA ASP C 48 22.89 41.91 -5.51
C ASP C 48 22.97 42.56 -4.11
N THR C 49 22.29 42.03 -3.11
CA THR C 49 22.25 42.64 -1.78
C THR C 49 22.44 41.58 -0.70
N LYS C 50 22.90 42.03 0.46
CA LYS C 50 23.03 41.16 1.63
C LYS C 50 21.95 41.40 2.66
N SER C 51 21.12 42.43 2.49
CA SER C 51 20.06 42.77 3.43
C SER C 51 18.69 42.55 2.79
N PHE C 52 17.90 41.65 3.36
CA PHE C 52 16.53 41.46 2.87
C PHE C 52 15.72 42.73 3.04
N LEU C 53 15.86 43.40 4.19
CA LEU C 53 15.08 44.59 4.48
C LEU C 53 15.39 45.76 3.56
N SER C 54 16.57 45.78 2.92
CA SER C 54 16.86 46.85 1.97
C SER C 54 16.04 46.75 0.69
N THR C 55 15.53 45.55 0.37
CA THR C 55 14.65 45.38 -0.79
C THR C 55 13.24 45.89 -0.52
N ILE C 56 12.87 46.09 0.75
CA ILE C 56 11.52 46.47 1.16
C ILE C 56 11.54 47.97 1.48
N PRO C 57 10.53 48.76 1.07
CA PRO C 57 10.49 50.16 1.52
C PRO C 57 10.46 50.29 3.04
N GLN C 58 11.20 51.30 3.52
CA GLN C 58 11.51 51.50 4.93
C GLN C 58 10.28 51.62 5.82
N ASN C 59 9.19 52.20 5.32
CA ASN C 59 8.02 52.40 6.16
C ASN C 59 7.24 51.12 6.43
N PHE C 60 7.67 49.99 5.87
CA PHE C 60 7.07 48.71 6.21
C PHE C 60 7.90 47.92 7.21
N HIS C 61 9.09 48.39 7.58
CA HIS C 61 9.99 47.61 8.43
C HIS C 61 9.41 47.37 9.81
N ASN C 62 8.61 48.31 10.30
CA ASN C 62 7.89 48.13 11.56
C ASN C 62 6.92 46.96 11.53
N GLN C 63 6.49 46.52 10.35
CA GLN C 63 5.56 45.39 10.23
C GLN C 63 6.26 44.06 10.01
N ILE C 64 7.59 44.05 10.00
CA ILE C 64 8.38 42.89 9.62
C ILE C 64 9.35 42.57 10.75
N VAL C 65 9.33 41.34 11.22
CA VAL C 65 10.28 40.86 12.23
C VAL C 65 11.11 39.76 11.58
N LEU C 66 12.43 39.93 11.58
CA LEU C 66 13.33 38.87 11.16
C LEU C 66 13.62 37.97 12.35
N HIS C 67 13.52 36.67 12.14
CA HIS C 67 13.97 35.69 13.11
C HIS C 67 15.11 34.89 12.49
N HIS C 68 16.09 34.57 13.34
CA HIS C 68 17.21 33.73 12.96
C HIS C 68 16.74 32.28 12.83
N ILE C 69 17.34 31.58 11.86
CA ILE C 69 16.91 30.23 11.49
C ILE C 69 17.08 29.23 12.65
N SER C 70 17.99 29.49 13.59
CA SER C 70 18.23 28.61 14.74
C SER C 70 17.28 28.85 15.92
N SER C 71 16.45 29.90 15.88
CA SER C 71 15.63 30.31 17.03
C SER C 71 14.34 29.49 17.14
N ILE C 72 14.48 28.19 17.41
CA ILE C 72 13.31 27.33 17.59
C ILE C 72 12.61 27.67 18.90
N GLU C 73 13.17 28.59 19.67
CA GLU C 73 12.48 29.08 20.85
C GLU C 73 11.49 30.20 20.53
N SER C 74 11.38 30.59 19.26
CA SER C 74 10.64 31.79 18.90
C SER C 74 9.15 31.66 19.23
N SER C 75 8.52 32.83 19.35
CA SER C 75 7.06 32.92 19.41
C SER C 75 6.42 32.16 18.24
N VAL C 76 6.89 32.40 17.01
CA VAL C 76 6.35 31.68 15.86
C VAL C 76 6.62 30.18 15.92
N SER C 77 7.46 29.72 16.85
CA SER C 77 7.75 28.30 16.99
C SER C 77 6.67 27.52 17.74
N SER C 78 5.68 28.20 18.32
CA SER C 78 4.64 27.54 19.12
C SER C 78 3.23 27.68 18.53
N THR C 82 -1.37 32.41 17.23
CA THR C 82 -2.12 32.15 16.01
C THR C 82 -1.67 33.02 14.84
N ILE C 83 -1.23 32.31 13.83
CA ILE C 83 -0.84 32.85 12.54
C ILE C 83 -1.99 32.59 11.58
N ASP C 84 -2.19 33.50 10.63
CA ASP C 84 -3.24 33.30 9.63
C ASP C 84 -2.75 32.42 8.47
N ALA C 85 -1.46 32.46 8.14
CA ALA C 85 -0.94 31.63 7.07
C ALA C 85 0.58 31.63 7.09
N THR C 86 1.15 30.53 6.61
CA THR C 86 2.59 30.35 6.54
C THR C 86 2.95 30.02 5.10
N ILE C 87 3.93 30.73 4.55
CA ILE C 87 4.34 30.62 3.16
C ILE C 87 5.84 30.41 3.13
N ILE C 88 6.29 29.32 2.52
CA ILE C 88 7.70 29.09 2.30
C ILE C 88 7.96 29.39 0.83
N VAL C 89 8.63 30.51 0.56
CA VAL C 89 8.84 30.96 -0.80
C VAL C 89 10.15 31.71 -0.92
N PRO C 90 11.00 31.32 -1.87
CA PRO C 90 10.89 30.09 -2.66
C PRO C 90 11.18 28.91 -1.74
N CYS C 91 10.94 27.69 -2.18
CA CYS C 91 11.12 26.52 -1.32
C CYS C 91 11.97 25.51 -2.06
N SER C 92 13.15 25.22 -1.53
CA SER C 92 14.03 24.23 -2.10
C SER C 92 13.46 22.81 -1.90
N VAL C 93 13.91 21.86 -2.74
CA VAL C 93 13.43 20.50 -2.54
C VAL C 93 13.98 19.93 -1.23
N ALA C 94 15.11 20.41 -0.75
CA ALA C 94 15.63 19.94 0.52
C ALA C 94 14.69 20.31 1.68
N THR C 95 14.18 21.55 1.67
CA THR C 95 13.20 21.95 2.69
C THR C 95 11.86 21.24 2.48
N VAL C 96 11.44 21.03 1.24
CA VAL C 96 10.27 20.16 0.98
C VAL C 96 10.44 18.83 1.67
N ALA C 97 11.62 18.19 1.50
CA ALA C 97 11.86 16.88 2.11
C ALA C 97 11.74 16.95 3.63
N ALA C 98 12.40 17.95 4.25
CA ALA C 98 12.38 18.11 5.70
C ALA C 98 10.96 18.20 6.23
N ILE C 99 10.18 19.11 5.66
CA ILE C 99 8.80 19.31 6.09
C ILE C 99 7.98 18.04 5.89
N SER C 100 8.16 17.36 4.75
CA SER C 100 7.39 16.15 4.51
C SER C 100 7.75 15.06 5.52
N CYS C 101 9.02 15.00 5.95
CA CYS C 101 9.42 14.01 6.97
C CYS C 101 8.95 14.39 8.37
N GLY C 102 8.70 15.68 8.61
CA GLY C 102 8.45 16.17 9.96
C GLY C 102 9.70 16.56 10.69
N LEU C 103 10.79 16.83 9.97
CA LEU C 103 12.11 17.12 10.54
C LEU C 103 12.21 18.61 10.94
N ALA C 104 11.55 18.95 12.04
CA ALA C 104 11.37 20.35 12.41
C ALA C 104 12.53 20.87 13.28
N ASP C 105 13.75 20.78 12.75
CA ASP C 105 14.95 21.00 13.55
C ASP C 105 15.65 22.31 13.19
N ASN C 106 14.96 23.22 12.50
CA ASN C 106 15.30 24.63 12.53
C ASN C 106 13.97 25.37 12.45
N LEU C 107 14.03 26.70 12.58
CA LEU C 107 12.80 27.49 12.76
C LEU C 107 11.98 27.55 11.49
N LEU C 108 12.64 27.60 10.33
CA LEU C 108 11.90 27.58 9.07
C LEU C 108 11.11 26.28 8.94
N ARG C 109 11.77 25.15 9.23
CA ARG C 109 11.07 23.87 9.13
C ARG C 109 10.02 23.75 10.20
N ARG C 110 10.30 24.35 11.36
CA ARG C 110 9.39 24.24 12.50
C ARG C 110 8.07 24.99 12.26
N VAL C 111 8.15 26.22 11.71
CA VAL C 111 6.91 26.95 11.48
C VAL C 111 6.04 26.22 10.46
N ALA C 112 6.65 25.52 9.49
CA ALA C 112 5.82 24.72 8.58
C ALA C 112 5.15 23.57 9.32
N ASP C 113 5.89 22.92 10.22
CA ASP C 113 5.31 21.82 10.98
C ASP C 113 4.20 22.30 11.89
N VAL C 114 4.38 23.48 12.49
CA VAL C 114 3.33 24.06 13.33
C VAL C 114 2.05 24.27 12.52
N ALA C 115 2.17 24.76 11.29
CA ALA C 115 0.98 25.02 10.49
C ALA C 115 0.22 23.72 10.21
N LEU C 116 0.94 22.67 9.79
CA LEU C 116 0.30 21.38 9.60
C LEU C 116 -0.35 20.88 10.89
N LYS C 117 0.39 20.95 11.99
CA LYS C 117 -0.11 20.46 13.27
C LYS C 117 -1.36 21.22 13.72
N GLU C 118 -1.40 22.53 13.49
CA GLU C 118 -2.57 23.31 13.88
C GLU C 118 -3.61 23.37 12.76
N LYS C 119 -3.33 22.78 11.60
CA LYS C 119 -4.24 22.82 10.47
C LYS C 119 -4.55 24.27 10.09
N ARG C 120 -3.50 25.13 10.12
CA ARG C 120 -3.53 26.47 9.55
C ARG C 120 -2.93 26.42 8.17
N PRO C 121 -3.25 27.39 7.30
CA PRO C 121 -2.76 27.34 5.92
C PRO C 121 -1.24 27.27 5.83
N LEU C 122 -0.74 26.38 4.97
CA LEU C 122 0.67 26.28 4.67
C LEU C 122 0.80 26.27 3.15
N ILE C 123 1.43 27.29 2.58
CA ILE C 123 1.63 27.41 1.14
C ILE C 123 3.11 27.22 0.87
N LEU C 124 3.44 26.26 0.00
CA LEU C 124 4.82 25.96 -0.35
C LEU C 124 5.04 26.37 -1.80
N VAL C 125 6.15 27.04 -2.06
CA VAL C 125 6.42 27.49 -3.43
C VAL C 125 7.69 26.79 -3.90
N PRO C 126 7.59 25.50 -4.22
CA PRO C 126 8.78 24.72 -4.57
C PRO C 126 9.24 25.05 -5.98
N ARG C 127 10.54 25.20 -6.15
CA ARG C 127 11.13 25.49 -7.45
C ARG C 127 12.27 24.50 -7.66
N GLU C 128 12.08 23.57 -8.59
CA GLU C 128 13.10 22.62 -8.98
C GLU C 128 12.68 22.05 -10.31
N ALA C 129 13.63 21.89 -11.22
CA ALA C 129 13.29 21.33 -12.51
C ALA C 129 14.51 20.71 -13.16
N PRO C 130 14.40 19.45 -13.63
CA PRO C 130 13.24 18.55 -13.50
C PRO C 130 12.99 18.09 -12.06
N LEU C 131 11.79 17.59 -11.82
CA LEU C 131 11.38 17.02 -10.54
C LEU C 131 11.48 15.51 -10.63
N SER C 132 12.32 14.94 -9.77
CA SER C 132 12.48 13.50 -9.70
C SER C 132 11.33 12.85 -8.93
N ALA C 133 11.28 11.51 -9.01
CA ALA C 133 10.28 10.76 -8.26
C ALA C 133 10.41 10.98 -6.75
N ILE C 134 11.63 11.02 -6.23
CA ILE C 134 11.80 11.27 -4.79
C ILE C 134 11.12 12.58 -4.38
N HIS C 135 11.36 13.65 -5.15
CA HIS C 135 10.77 14.95 -4.82
C HIS C 135 9.26 14.99 -5.05
N LEU C 136 8.77 14.33 -6.10
CA LEU C 136 7.32 14.27 -6.31
C LEU C 136 6.61 13.55 -5.18
N GLU C 137 7.23 12.48 -4.64
CA GLU C 137 6.65 11.75 -3.52
C GLU C 137 6.52 12.65 -2.29
N ASN C 138 7.54 13.46 -2.01
CA ASN C 138 7.46 14.38 -0.87
C ASN C 138 6.37 15.41 -1.09
N LEU C 139 6.32 15.93 -2.32
CA LEU C 139 5.30 16.95 -2.69
C LEU C 139 3.89 16.34 -2.51
N LEU C 140 3.72 15.11 -2.99
CA LEU C 140 2.43 14.41 -2.86
C LEU C 140 2.04 14.28 -1.39
N LYS C 141 2.96 13.77 -0.58
CA LYS C 141 2.69 13.56 0.85
C LYS C 141 2.27 14.86 1.52
N LEU C 142 2.92 15.98 1.17
CA LEU C 142 2.56 17.25 1.77
C LEU C 142 1.18 17.72 1.30
N ALA C 143 0.88 17.58 0.00
CA ALA C 143 -0.45 17.92 -0.48
C ALA C 143 -1.52 17.11 0.24
N GLN C 144 -1.24 15.82 0.46
CA GLN C 144 -2.21 14.95 1.15
C GLN C 144 -2.38 15.33 2.60
N ASN C 145 -1.38 15.98 3.20
CA ASN C 145 -1.50 16.51 4.54
C ASN C 145 -1.98 17.97 4.57
N GLY C 146 -2.47 18.49 3.45
CA GLY C 146 -3.11 19.78 3.44
C GLY C 146 -2.21 20.98 3.14
N ALA C 147 -0.92 20.80 2.90
CA ALA C 147 -0.14 21.88 2.33
C ALA C 147 -0.68 22.22 0.93
N VAL C 148 -0.71 23.51 0.60
CA VAL C 148 -0.97 23.96 -0.77
C VAL C 148 0.36 23.98 -1.50
N ILE C 149 0.44 23.23 -2.59
CA ILE C 149 1.67 23.13 -3.37
C ILE C 149 1.55 24.04 -4.59
N LEU C 150 2.29 25.14 -4.58
CA LEU C 150 2.09 26.23 -5.53
C LEU C 150 3.44 26.55 -6.15
N PRO C 151 3.88 25.74 -7.12
CA PRO C 151 5.12 26.05 -7.81
C PRO C 151 4.95 27.29 -8.66
N PRO C 152 6.00 28.04 -8.87
CA PRO C 152 5.94 29.33 -9.60
C PRO C 152 5.83 29.13 -11.11
N MET C 153 4.60 28.85 -11.52
CA MET C 153 4.28 28.62 -12.91
C MET C 153 3.91 29.94 -13.55
N PRO C 154 4.64 30.41 -14.56
CA PRO C 154 4.27 31.68 -15.22
C PRO C 154 2.88 31.59 -15.85
N ILE C 155 2.16 32.72 -15.81
CA ILE C 155 0.80 32.80 -16.34
C ILE C 155 0.82 33.55 -17.67
N TRP C 156 1.02 32.83 -18.76
CA TRP C 156 1.21 33.48 -20.04
C TRP C 156 -0.08 34.06 -20.61
N TYR C 157 -1.25 33.71 -20.08
CA TYR C 157 -2.46 34.28 -20.67
C TYR C 157 -2.77 35.67 -20.14
N PHE C 158 -2.02 36.17 -19.15
CA PHE C 158 -2.01 37.60 -18.84
C PHE C 158 -1.03 38.38 -19.73
N LYS C 159 -0.44 37.70 -20.72
CA LYS C 159 0.51 38.26 -21.68
C LYS C 159 1.55 39.15 -21.01
N PRO C 160 2.40 38.60 -20.14
CA PRO C 160 3.46 39.40 -19.54
C PRO C 160 4.41 39.96 -20.58
N GLN C 161 4.94 41.15 -20.32
CA GLN C 161 5.98 41.72 -21.18
C GLN C 161 7.37 41.60 -20.56
N THR C 162 7.48 41.79 -19.25
CA THR C 162 8.75 41.82 -18.55
C THR C 162 8.82 40.70 -17.52
N ALA C 163 10.05 40.41 -17.07
CA ALA C 163 10.28 39.47 -15.97
C ALA C 163 9.45 39.84 -14.74
N GLU C 164 9.34 41.14 -14.45
CA GLU C 164 8.62 41.61 -13.27
C GLU C 164 7.14 41.28 -13.36
N ASP C 165 6.55 41.44 -14.54
CA ASP C 165 5.17 40.99 -14.76
C ASP C 165 5.01 39.52 -14.36
N ILE C 166 5.96 38.67 -14.77
CA ILE C 166 5.84 37.24 -14.50
C ILE C 166 5.91 36.99 -13.00
N ALA C 167 6.89 37.61 -12.33
CA ALA C 167 6.97 37.53 -10.87
C ALA C 167 5.72 38.10 -10.21
N ASN C 168 5.25 39.26 -10.69
CA ASN C 168 4.08 39.89 -10.10
C ASN C 168 2.84 38.97 -10.17
N ASP C 169 2.60 38.36 -11.34
CA ASP C 169 1.41 37.52 -11.47
C ASP C 169 1.52 36.24 -10.61
N ILE C 170 2.72 35.66 -10.47
CA ILE C 170 2.89 34.51 -9.59
C ILE C 170 2.61 34.87 -8.13
N VAL C 171 3.10 36.03 -7.67
CA VAL C 171 2.77 36.44 -6.31
C VAL C 171 1.28 36.71 -6.16
N GLY C 172 0.65 37.24 -7.22
CA GLY C 172 -0.80 37.39 -7.19
C GLY C 172 -1.52 36.08 -6.91
N LYS C 173 -1.04 34.97 -7.49
CA LYS C 173 -1.71 33.71 -7.24
C LYS C 173 -1.56 33.28 -5.78
N ILE C 174 -0.36 33.45 -5.22
CA ILE C 174 -0.17 33.26 -3.78
C ILE C 174 -1.19 34.09 -3.01
N LEU C 175 -1.34 35.36 -3.38
CA LEU C 175 -2.24 36.23 -2.64
C LEU C 175 -3.68 35.79 -2.80
N ALA C 176 -4.06 35.33 -4.00
CA ALA C 176 -5.39 34.75 -4.18
C ALA C 176 -5.59 33.53 -3.28
N ILE C 177 -4.59 32.65 -3.19
CA ILE C 177 -4.69 31.50 -2.28
C ILE C 177 -4.87 31.96 -0.83
N LEU C 178 -4.24 33.07 -0.45
CA LEU C 178 -4.35 33.67 0.89
C LEU C 178 -5.69 34.38 1.11
N GLN C 179 -6.52 34.51 0.08
CA GLN C 179 -7.83 35.18 0.15
C GLN C 179 -7.69 36.66 0.52
N LEU C 180 -6.67 37.31 -0.04
CA LEU C 180 -6.47 38.74 0.09
C LEU C 180 -6.84 39.42 -1.22
N ASP C 181 -7.36 40.63 -1.16
CA ASP C 181 -7.55 41.40 -2.39
C ASP C 181 -6.33 42.30 -2.57
N SER C 182 -5.57 41.99 -3.60
CA SER C 182 -4.41 42.74 -4.03
C SER C 182 -4.53 43.00 -5.53
N PRO C 183 -4.04 44.15 -5.99
CA PRO C 183 -4.01 44.40 -7.44
C PRO C 183 -3.03 43.52 -8.18
N LEU C 184 -2.17 42.80 -7.47
CA LEU C 184 -1.34 41.80 -8.12
C LEU C 184 -2.17 40.65 -8.66
N ILE C 185 -3.39 40.44 -8.15
CA ILE C 185 -4.22 39.33 -8.59
C ILE C 185 -4.92 39.70 -9.89
N LYS C 186 -4.76 38.87 -10.90
CA LYS C 186 -5.47 39.09 -12.16
C LYS C 186 -6.46 37.97 -12.48
N MET D 1 39.77 14.44 -18.93
CA MET D 1 39.16 13.26 -19.53
C MET D 1 37.77 12.99 -18.93
N LYS D 2 37.65 12.02 -18.04
CA LYS D 2 36.38 11.84 -17.34
C LYS D 2 36.35 12.67 -16.06
N ARG D 3 35.13 12.91 -15.58
CA ARG D 3 34.90 13.79 -14.44
C ARG D 3 34.04 13.05 -13.41
N TYR D 4 34.61 12.78 -12.25
CA TYR D 4 33.90 12.06 -11.20
C TYR D 4 33.68 12.96 -10.01
N VAL D 5 32.60 12.73 -9.28
CA VAL D 5 32.37 13.36 -7.99
C VAL D 5 32.44 12.27 -6.93
N VAL D 6 33.28 12.48 -5.92
CA VAL D 6 33.41 11.51 -4.84
C VAL D 6 33.01 12.17 -3.53
N GLY D 7 31.91 11.70 -2.94
CA GLY D 7 31.48 12.14 -1.64
C GLY D 7 31.97 11.17 -0.59
N ILE D 8 32.64 11.69 0.42
CA ILE D 8 33.20 10.85 1.47
C ILE D 8 32.35 11.09 2.71
N SER D 9 31.56 10.10 3.06
CA SER D 9 30.69 10.16 4.22
C SER D 9 31.32 9.34 5.35
N GLY D 10 30.84 9.58 6.57
CA GLY D 10 31.51 9.08 7.75
C GLY D 10 31.21 7.65 8.18
N ALA D 11 31.12 6.70 7.25
CA ALA D 11 31.08 5.30 7.63
C ALA D 11 32.49 4.74 7.65
N SER D 12 32.64 3.56 8.26
CA SER D 12 33.95 2.93 8.33
C SER D 12 34.40 2.49 6.94
N GLY D 13 35.70 2.65 6.67
CA GLY D 13 36.26 2.26 5.40
C GLY D 13 36.70 3.41 4.52
N ILE D 14 37.17 4.50 5.13
CA ILE D 14 37.61 5.66 4.35
C ILE D 14 38.79 5.29 3.44
N VAL D 15 39.52 4.21 3.77
CA VAL D 15 40.55 3.69 2.85
C VAL D 15 39.99 3.43 1.46
N LEU D 16 38.71 3.03 1.36
CA LEU D 16 38.06 2.82 0.06
C LEU D 16 38.04 4.08 -0.78
N ALA D 17 37.58 5.19 -0.20
CA ALA D 17 37.62 6.48 -0.89
C ALA D 17 39.04 6.87 -1.28
N VAL D 18 40.01 6.55 -0.44
CA VAL D 18 41.39 6.93 -0.74
C VAL D 18 41.89 6.20 -1.97
N THR D 19 41.72 4.87 -2.02
CA THR D 19 42.29 4.20 -3.18
C THR D 19 41.41 4.42 -4.42
N LEU D 20 40.09 4.65 -4.26
CA LEU D 20 39.28 5.01 -5.43
C LEU D 20 39.78 6.32 -6.04
N VAL D 21 39.90 7.38 -5.23
CA VAL D 21 40.25 8.69 -5.76
C VAL D 21 41.64 8.67 -6.39
N SER D 22 42.60 8.02 -5.74
CA SER D 22 43.94 8.06 -6.31
C SER D 22 44.05 7.19 -7.55
N GLU D 23 43.23 6.13 -7.66
CA GLU D 23 43.22 5.39 -8.92
C GLU D 23 42.53 6.18 -10.04
N LEU D 24 41.41 6.86 -9.74
CA LEU D 24 40.76 7.68 -10.77
C LEU D 24 41.71 8.73 -11.30
N ALA D 25 42.50 9.35 -10.42
CA ALA D 25 43.46 10.34 -10.85
C ALA D 25 44.62 9.69 -11.61
N ARG D 26 45.12 8.56 -11.10
CA ARG D 26 46.19 7.86 -11.80
C ARG D 26 45.81 7.56 -13.24
N LEU D 27 44.53 7.26 -13.49
CA LEU D 27 44.06 6.96 -14.84
C LEU D 27 43.85 8.21 -15.68
N GLY D 28 44.11 9.40 -15.15
CA GLY D 28 44.05 10.64 -15.90
C GLY D 28 42.83 11.48 -15.63
N HIS D 29 41.92 11.01 -14.78
CA HIS D 29 40.62 11.64 -14.64
C HIS D 29 40.63 12.76 -13.61
N HIS D 30 39.52 13.48 -13.57
CA HIS D 30 39.31 14.60 -12.67
C HIS D 30 38.28 14.22 -11.61
N ILE D 31 38.55 14.56 -10.36
CA ILE D 31 37.68 14.18 -9.25
C ILE D 31 37.39 15.39 -8.38
N ASP D 32 36.10 15.67 -8.19
CA ASP D 32 35.64 16.63 -7.18
C ASP D 32 35.32 15.83 -5.92
N VAL D 33 35.91 16.24 -4.80
CA VAL D 33 35.86 15.49 -3.55
C VAL D 33 35.17 16.35 -2.50
N ILE D 34 34.22 15.76 -1.79
CA ILE D 34 33.50 16.42 -0.71
C ILE D 34 33.61 15.53 0.53
N ILE D 35 34.19 16.05 1.60
CA ILE D 35 34.41 15.29 2.83
C ILE D 35 33.49 15.82 3.92
N SER D 36 32.60 14.96 4.41
CA SER D 36 31.77 15.36 5.54
C SER D 36 32.63 15.52 6.79
N PRO D 37 32.18 16.32 7.77
CA PRO D 37 32.94 16.42 9.02
C PRO D 37 33.04 15.10 9.76
N SER D 38 32.09 14.17 9.58
CA SER D 38 32.25 12.85 10.18
C SER D 38 33.33 12.05 9.46
N ALA D 39 33.37 12.12 8.14
CA ALA D 39 34.45 11.47 7.42
C ALA D 39 35.82 12.03 7.81
N GLN D 40 35.92 13.33 8.11
CA GLN D 40 37.19 13.88 8.62
C GLN D 40 37.61 13.16 9.91
N LYS D 41 36.68 12.92 10.82
CA LYS D 41 37.02 12.18 12.02
C LYS D 41 37.45 10.77 11.68
N THR D 42 36.69 10.12 10.81
CA THR D 42 37.04 8.78 10.35
C THR D 42 38.43 8.74 9.73
N LEU D 43 38.81 9.79 9.00
CA LEU D 43 40.15 9.85 8.42
C LEU D 43 41.21 9.78 9.51
N TYR D 44 41.00 10.48 10.62
CA TYR D 44 41.91 10.38 11.75
C TYR D 44 41.94 8.95 12.30
N TYR D 45 40.77 8.42 12.68
CA TYR D 45 40.73 7.17 13.42
C TYR D 45 41.25 5.99 12.58
N GLU D 46 40.96 5.97 11.28
CA GLU D 46 41.27 4.79 10.49
C GLU D 46 42.56 4.91 9.69
N LEU D 47 43.02 6.13 9.40
CA LEU D 47 44.21 6.32 8.57
C LEU D 47 45.25 7.25 9.21
N ASP D 48 45.03 7.69 10.45
CA ASP D 48 46.06 8.29 11.29
C ASP D 48 46.68 9.54 10.66
N THR D 49 45.90 10.22 9.82
CA THR D 49 46.20 11.52 9.21
C THR D 49 44.98 12.41 9.37
N LYS D 50 45.22 13.73 9.33
CA LYS D 50 44.15 14.71 9.27
C LYS D 50 44.04 15.41 7.93
N SER D 51 44.93 15.12 7.00
CA SER D 51 44.94 15.73 5.67
C SER D 51 44.61 14.63 4.66
N PHE D 52 43.44 14.75 4.01
CA PHE D 52 43.05 13.77 3.00
C PHE D 52 44.03 13.76 1.83
N LEU D 53 44.48 14.95 1.40
CA LEU D 53 45.44 15.02 0.32
C LEU D 53 46.73 14.30 0.65
N SER D 54 47.15 14.32 1.92
CA SER D 54 48.39 13.64 2.29
C SER D 54 48.35 12.16 1.89
N THR D 55 47.15 11.56 1.82
CA THR D 55 47.06 10.15 1.43
C THR D 55 47.16 9.95 -0.08
N ILE D 56 47.21 11.01 -0.87
CA ILE D 56 47.28 10.86 -2.32
C ILE D 56 48.60 11.40 -2.82
N PRO D 57 49.25 10.74 -3.79
CA PRO D 57 50.50 11.28 -4.34
C PRO D 57 50.30 12.66 -4.96
N GLN D 58 51.33 13.49 -4.86
CA GLN D 58 51.18 14.92 -5.06
C GLN D 58 51.07 15.33 -6.53
N ASN D 59 51.63 14.54 -7.45
CA ASN D 59 51.43 14.87 -8.86
C ASN D 59 49.97 14.73 -9.27
N PHE D 60 49.16 14.01 -8.49
CA PHE D 60 47.74 13.84 -8.75
C PHE D 60 46.90 14.98 -8.18
N HIS D 61 47.48 15.88 -7.38
CA HIS D 61 46.65 16.85 -6.66
C HIS D 61 46.01 17.87 -7.59
N ASN D 62 46.62 18.18 -8.73
CA ASN D 62 45.99 19.13 -9.64
C ASN D 62 44.85 18.54 -10.43
N GLN D 63 44.50 17.28 -10.19
CA GLN D 63 43.30 16.69 -10.76
C GLN D 63 42.21 16.52 -9.71
N ILE D 64 42.37 17.12 -8.54
CA ILE D 64 41.48 16.90 -7.41
C ILE D 64 41.09 18.26 -6.84
N VAL D 65 39.81 18.45 -6.57
CA VAL D 65 39.30 19.68 -5.96
C VAL D 65 38.45 19.30 -4.75
N LEU D 66 38.80 19.87 -3.60
CA LEU D 66 38.06 19.66 -2.36
C LEU D 66 37.02 20.76 -2.20
N HIS D 67 35.79 20.35 -1.89
CA HIS D 67 34.67 21.26 -1.67
C HIS D 67 34.20 21.16 -0.23
N HIS D 68 33.92 22.31 0.38
CA HIS D 68 33.39 22.31 1.73
C HIS D 68 31.95 21.80 1.75
N ILE D 69 31.61 21.00 2.78
CA ILE D 69 30.30 20.36 2.85
C ILE D 69 29.16 21.38 2.79
N SER D 70 29.42 22.62 3.19
CA SER D 70 28.38 23.64 3.22
C SER D 70 28.26 24.41 1.90
N SER D 71 29.18 24.19 0.96
CA SER D 71 29.19 24.95 -0.30
C SER D 71 28.08 24.48 -1.22
N ILE D 72 26.84 24.77 -0.84
CA ILE D 72 25.70 24.34 -1.64
C ILE D 72 25.65 25.10 -2.96
N GLU D 73 26.20 26.30 -2.99
CA GLU D 73 26.29 27.15 -4.19
C GLU D 73 27.33 26.67 -5.20
N SER D 74 28.14 25.67 -4.87
CA SER D 74 29.30 25.35 -5.69
C SER D 74 28.88 24.72 -7.02
N SER D 75 29.85 24.67 -7.95
CA SER D 75 29.56 24.41 -9.36
C SER D 75 29.17 22.96 -9.63
N VAL D 76 29.62 22.01 -8.80
CA VAL D 76 29.24 20.62 -9.02
C VAL D 76 27.77 20.39 -8.67
N SER D 77 27.20 21.23 -7.80
CA SER D 77 25.76 21.25 -7.58
C SER D 77 25.05 21.88 -8.78
N THR D 82 30.10 18.58 -17.26
CA THR D 82 29.24 17.42 -17.01
C THR D 82 29.93 16.36 -16.16
N ILE D 83 29.16 15.73 -15.27
CA ILE D 83 29.67 14.72 -14.37
C ILE D 83 29.48 13.35 -14.99
N ASP D 84 30.56 12.57 -15.07
CA ASP D 84 30.44 11.21 -15.58
C ASP D 84 29.88 10.23 -14.54
N ALA D 85 30.24 10.38 -13.27
CA ALA D 85 29.57 9.59 -12.24
C ALA D 85 29.81 10.19 -10.88
N THR D 86 28.90 9.88 -9.96
CA THR D 86 29.00 10.30 -8.58
C THR D 86 29.04 9.08 -7.68
N ILE D 87 30.04 9.03 -6.81
CA ILE D 87 30.26 7.91 -5.90
C ILE D 87 30.28 8.45 -4.47
N ILE D 88 29.42 7.91 -3.63
CA ILE D 88 29.44 8.17 -2.19
C ILE D 88 30.09 6.98 -1.51
N VAL D 89 31.33 7.14 -1.05
CA VAL D 89 32.14 6.04 -0.54
C VAL D 89 33.12 6.54 0.53
N PRO D 90 33.10 5.91 1.71
CA PRO D 90 32.06 4.99 2.18
C PRO D 90 30.78 5.79 2.41
N CYS D 91 29.64 5.14 2.58
CA CYS D 91 28.39 5.88 2.75
C CYS D 91 27.71 5.44 4.03
N SER D 92 27.50 6.37 4.97
CA SER D 92 26.87 5.97 6.22
C SER D 92 25.38 5.76 6.00
N VAL D 93 24.71 5.12 6.98
CA VAL D 93 23.28 4.95 6.84
C VAL D 93 22.56 6.28 7.05
N ALA D 94 23.17 7.21 7.78
CA ALA D 94 22.59 8.55 7.89
C ALA D 94 22.47 9.21 6.52
N THR D 95 23.55 9.17 5.73
CA THR D 95 23.57 9.75 4.40
C THR D 95 22.67 8.97 3.41
N VAL D 96 22.65 7.63 3.49
CA VAL D 96 21.65 6.85 2.73
C VAL D 96 20.25 7.40 3.00
N ALA D 97 19.93 7.61 4.29
CA ALA D 97 18.61 8.12 4.64
C ALA D 97 18.36 9.48 4.02
N ALA D 98 19.31 10.41 4.16
CA ALA D 98 19.15 11.76 3.62
C ALA D 98 18.88 11.74 2.12
N ILE D 99 19.67 10.97 1.36
CA ILE D 99 19.52 10.91 -0.09
C ILE D 99 18.20 10.26 -0.46
N SER D 100 17.76 9.26 0.31
CA SER D 100 16.52 8.59 -0.06
C SER D 100 15.31 9.48 0.20
N CYS D 101 15.43 10.43 1.13
CA CYS D 101 14.39 11.40 1.45
C CYS D 101 14.41 12.62 0.54
N GLY D 102 15.47 12.80 -0.25
CA GLY D 102 15.65 14.04 -0.98
C GLY D 102 16.19 15.17 -0.12
N LEU D 103 16.70 14.85 1.07
CA LEU D 103 17.13 15.88 2.02
C LEU D 103 18.47 16.50 1.59
N ALA D 104 18.45 17.24 0.51
CA ALA D 104 19.67 17.72 -0.14
C ALA D 104 20.25 18.96 0.55
N ASP D 105 20.47 18.94 1.86
CA ASP D 105 20.75 20.20 2.56
C ASP D 105 22.23 20.39 2.91
N ASN D 106 23.13 19.64 2.28
CA ASN D 106 24.55 19.99 2.26
C ASN D 106 25.07 19.47 0.93
N LEU D 107 26.32 19.81 0.61
CA LEU D 107 26.79 19.59 -0.75
C LEU D 107 26.95 18.10 -1.07
N LEU D 108 27.35 17.30 -0.10
CA LEU D 108 27.46 15.86 -0.36
C LEU D 108 26.10 15.28 -0.72
N ARG D 109 25.08 15.58 0.08
CA ARG D 109 23.73 15.11 -0.20
C ARG D 109 23.20 15.68 -1.51
N ARG D 110 23.56 16.92 -1.83
CA ARG D 110 23.00 17.58 -2.99
C ARG D 110 23.56 16.99 -4.29
N VAL D 111 24.85 16.63 -4.32
CA VAL D 111 25.41 16.06 -5.56
C VAL D 111 24.83 14.67 -5.82
N ALA D 112 24.43 13.94 -4.78
CA ALA D 112 23.74 12.69 -5.05
C ALA D 112 22.33 12.96 -5.54
N ASP D 113 21.66 13.94 -4.93
CA ASP D 113 20.35 14.36 -5.42
C ASP D 113 20.39 14.78 -6.89
N VAL D 114 21.45 15.49 -7.30
CA VAL D 114 21.55 15.96 -8.68
C VAL D 114 21.74 14.78 -9.64
N ALA D 115 22.58 13.80 -9.27
CA ALA D 115 22.70 12.61 -10.11
C ALA D 115 21.34 11.93 -10.32
N LEU D 116 20.55 11.80 -9.25
CA LEU D 116 19.25 11.16 -9.34
C LEU D 116 18.30 11.95 -10.24
N LYS D 117 18.27 13.29 -10.05
CA LYS D 117 17.41 14.17 -10.83
C LYS D 117 17.78 14.16 -12.30
N GLU D 118 19.07 14.07 -12.60
CA GLU D 118 19.51 14.09 -13.98
C GLU D 118 19.68 12.68 -14.56
N LYS D 119 19.37 11.63 -13.79
CA LYS D 119 19.56 10.26 -14.25
C LYS D 119 21.02 10.00 -14.66
N ARG D 120 21.93 10.53 -13.87
CA ARG D 120 23.35 10.24 -14.07
C ARG D 120 23.79 9.18 -13.08
N PRO D 121 24.90 8.49 -13.35
CA PRO D 121 25.30 7.38 -12.48
C PRO D 121 25.57 7.83 -11.05
N LEU D 122 24.93 7.14 -10.12
CA LEU D 122 25.10 7.36 -8.69
C LEU D 122 25.44 6.02 -8.05
N ILE D 123 26.63 5.91 -7.47
CA ILE D 123 27.07 4.67 -6.83
C ILE D 123 27.22 4.93 -5.34
N LEU D 124 26.51 4.17 -4.54
CA LEU D 124 26.55 4.27 -3.09
C LEU D 124 27.25 3.02 -2.55
N VAL D 125 28.11 3.22 -1.55
CA VAL D 125 28.86 2.13 -0.93
C VAL D 125 28.49 2.13 0.55
N PRO D 126 27.26 1.73 0.88
CA PRO D 126 26.83 1.77 2.29
C PRO D 126 27.54 0.73 3.12
N ARG D 127 27.95 1.13 4.31
CA ARG D 127 28.69 0.27 5.22
C ARG D 127 28.02 0.38 6.57
N GLU D 128 27.38 -0.70 6.99
CA GLU D 128 26.71 -0.82 8.27
C GLU D 128 26.30 -2.27 8.44
N ALA D 129 26.30 -2.74 9.69
CA ALA D 129 25.91 -4.11 10.01
C ALA D 129 25.53 -4.15 11.47
N PRO D 130 24.41 -4.83 11.81
CA PRO D 130 23.37 -5.31 10.90
C PRO D 130 22.71 -4.17 10.10
N LEU D 131 22.02 -4.52 9.02
CA LEU D 131 21.13 -3.61 8.32
C LEU D 131 19.74 -3.80 8.91
N SER D 132 19.19 -2.74 9.53
CA SER D 132 17.81 -2.78 10.01
C SER D 132 16.81 -2.61 8.85
N ALA D 133 15.52 -2.89 9.17
CA ALA D 133 14.43 -2.62 8.23
C ALA D 133 14.41 -1.17 7.78
N ILE D 134 14.68 -0.24 8.69
CA ILE D 134 14.71 1.17 8.29
C ILE D 134 15.75 1.40 7.20
N HIS D 135 16.94 0.83 7.36
CA HIS D 135 18.02 1.05 6.39
C HIS D 135 17.72 0.39 5.06
N LEU D 136 17.28 -0.88 5.10
CA LEU D 136 16.95 -1.61 3.88
C LEU D 136 15.85 -0.92 3.08
N GLU D 137 14.83 -0.39 3.77
CA GLU D 137 13.80 0.36 3.07
C GLU D 137 14.37 1.58 2.36
N ASN D 138 15.29 2.32 3.03
CA ASN D 138 15.91 3.47 2.36
C ASN D 138 16.73 3.04 1.15
N LEU D 139 17.48 1.94 1.33
CA LEU D 139 18.33 1.37 0.25
C LEU D 139 17.43 0.93 -0.91
N LEU D 140 16.38 0.16 -0.60
CA LEU D 140 15.44 -0.29 -1.61
C LEU D 140 14.95 0.88 -2.45
N LYS D 141 14.47 1.93 -1.78
CA LYS D 141 13.94 3.11 -2.48
C LYS D 141 14.98 3.71 -3.39
N LEU D 142 16.24 3.76 -2.93
CA LEU D 142 17.30 4.33 -3.76
C LEU D 142 17.56 3.47 -4.99
N ALA D 143 17.59 2.14 -4.80
CA ALA D 143 17.75 1.23 -5.95
C ALA D 143 16.60 1.39 -6.95
N GLN D 144 15.37 1.57 -6.45
CA GLN D 144 14.25 1.75 -7.39
C GLN D 144 14.34 3.06 -8.15
N ASN D 145 15.08 4.05 -7.64
CA ASN D 145 15.27 5.32 -8.34
C ASN D 145 16.58 5.36 -9.11
N GLY D 146 17.27 4.23 -9.24
CA GLY D 146 18.38 4.08 -10.15
C GLY D 146 19.75 4.11 -9.52
N ALA D 147 19.85 4.31 -8.21
CA ALA D 147 21.16 4.29 -7.55
C ALA D 147 21.70 2.86 -7.56
N VAL D 148 22.99 2.73 -7.82
CA VAL D 148 23.65 1.44 -7.72
C VAL D 148 24.03 1.21 -6.25
N ILE D 149 23.53 0.13 -5.66
CA ILE D 149 23.73 -0.14 -4.24
C ILE D 149 24.87 -1.15 -4.16
N LEU D 150 26.06 -0.70 -3.75
CA LEU D 150 27.27 -1.51 -3.78
C LEU D 150 27.92 -1.57 -2.40
N PRO D 151 27.43 -2.45 -1.52
CA PRO D 151 28.08 -2.60 -0.22
C PRO D 151 29.48 -3.18 -0.39
N PRO D 152 30.42 -2.81 0.49
CA PRO D 152 31.80 -3.24 0.31
C PRO D 152 32.01 -4.66 0.83
N MET D 153 31.82 -5.65 -0.03
CA MET D 153 31.89 -7.05 0.37
C MET D 153 33.24 -7.60 -0.04
N PRO D 154 34.02 -8.16 0.88
CA PRO D 154 35.26 -8.82 0.48
C PRO D 154 34.97 -9.89 -0.57
N ILE D 155 35.88 -10.02 -1.52
CA ILE D 155 35.78 -10.98 -2.61
C ILE D 155 36.83 -12.05 -2.34
N TRP D 156 36.43 -13.09 -1.61
CA TRP D 156 37.39 -14.07 -1.10
C TRP D 156 37.90 -15.05 -2.15
N TYR D 157 37.28 -15.17 -3.32
CA TYR D 157 37.88 -16.11 -4.26
C TYR D 157 39.11 -15.55 -4.95
N PHE D 158 39.39 -14.26 -4.80
CA PHE D 158 40.69 -13.73 -5.21
C PHE D 158 41.79 -14.06 -4.23
N LYS D 159 41.48 -14.80 -3.17
CA LYS D 159 42.44 -15.18 -2.14
C LYS D 159 43.20 -13.96 -1.62
N PRO D 160 42.52 -12.98 -1.06
CA PRO D 160 43.24 -11.84 -0.49
C PRO D 160 44.11 -12.31 0.66
N GLN D 161 45.28 -11.67 0.79
CA GLN D 161 46.22 -11.97 1.84
C GLN D 161 46.21 -10.92 2.94
N THR D 162 46.23 -9.64 2.55
CA THR D 162 46.28 -8.49 3.43
C THR D 162 44.92 -7.80 3.47
N ALA D 163 44.75 -6.94 4.48
CA ALA D 163 43.61 -6.03 4.47
C ALA D 163 43.60 -5.13 3.23
N GLU D 164 44.78 -4.77 2.72
CA GLU D 164 44.82 -3.89 1.56
C GLU D 164 44.32 -4.59 0.29
N ASP D 165 44.71 -5.85 0.09
CA ASP D 165 44.13 -6.67 -0.97
C ASP D 165 42.60 -6.54 -1.02
N ILE D 166 41.98 -6.63 0.15
CA ILE D 166 40.52 -6.62 0.23
C ILE D 166 39.97 -5.26 -0.17
N ALA D 167 40.59 -4.19 0.33
CA ALA D 167 40.23 -2.84 -0.08
C ALA D 167 40.38 -2.67 -1.59
N ASN D 168 41.51 -3.12 -2.13
CA ASN D 168 41.79 -2.98 -3.56
C ASN D 168 40.73 -3.68 -4.41
N ASP D 169 40.42 -4.93 -4.08
CA ASP D 169 39.45 -5.68 -4.88
C ASP D 169 38.08 -5.02 -4.82
N ILE D 170 37.67 -4.55 -3.65
CA ILE D 170 36.40 -3.82 -3.53
C ILE D 170 36.42 -2.58 -4.42
N VAL D 171 37.54 -1.86 -4.46
CA VAL D 171 37.59 -0.68 -5.32
C VAL D 171 37.61 -1.09 -6.79
N GLY D 172 38.24 -2.23 -7.11
CA GLY D 172 38.13 -2.76 -8.46
C GLY D 172 36.70 -2.91 -8.91
N LYS D 173 35.83 -3.38 -8.01
CA LYS D 173 34.42 -3.54 -8.34
C LYS D 173 33.78 -2.19 -8.67
N ILE D 174 34.12 -1.16 -7.90
CA ILE D 174 33.61 0.18 -8.20
C ILE D 174 34.09 0.62 -9.59
N LEU D 175 35.38 0.45 -9.85
CA LEU D 175 35.94 0.84 -11.14
C LEU D 175 35.26 0.08 -12.28
N ALA D 176 35.01 -1.21 -12.08
CA ALA D 176 34.35 -2.01 -13.11
C ALA D 176 32.94 -1.49 -13.38
N ILE D 177 32.23 -1.05 -12.34
CA ILE D 177 30.92 -0.44 -12.56
C ILE D 177 31.05 0.87 -13.32
N LEU D 178 32.12 1.63 -13.07
CA LEU D 178 32.40 2.85 -13.83
C LEU D 178 32.87 2.57 -15.24
N GLN D 179 32.98 1.30 -15.62
CA GLN D 179 33.45 0.89 -16.94
C GLN D 179 34.83 1.47 -17.22
N LEU D 180 35.70 1.40 -16.23
CA LEU D 180 37.09 1.78 -16.39
C LEU D 180 37.97 0.55 -16.36
N ASP D 181 39.01 0.54 -17.19
CA ASP D 181 40.04 -0.48 -17.09
C ASP D 181 41.05 -0.03 -16.06
N SER D 182 41.33 -0.89 -15.08
CA SER D 182 42.32 -0.60 -14.05
C SER D 182 42.96 -1.90 -13.61
N PRO D 183 44.23 -1.89 -13.21
CA PRO D 183 44.83 -3.11 -12.64
C PRO D 183 44.25 -3.48 -11.29
N LEU D 184 43.47 -2.60 -10.65
CA LEU D 184 42.78 -3.00 -9.44
C LEU D 184 41.71 -4.05 -9.70
N ILE D 185 41.33 -4.21 -10.97
CA ILE D 185 40.23 -5.12 -11.35
C ILE D 185 40.84 -6.45 -11.77
N LYS D 186 40.64 -7.49 -10.97
CA LYS D 186 41.20 -8.80 -11.26
C LYS D 186 40.22 -9.67 -12.07
N MET E 1 -31.15 -19.71 -26.54
CA MET E 1 -30.47 -18.45 -26.85
C MET E 1 -29.73 -17.91 -25.62
N LYS E 2 -28.43 -17.76 -25.71
CA LYS E 2 -27.73 -16.89 -24.78
C LYS E 2 -27.47 -15.55 -25.47
N ARG E 3 -27.18 -14.53 -24.67
CA ARG E 3 -27.03 -13.17 -25.15
C ARG E 3 -25.64 -12.67 -24.80
N TYR E 4 -24.86 -12.31 -25.81
CA TYR E 4 -23.49 -11.87 -25.61
C TYR E 4 -23.33 -10.43 -26.09
N VAL E 5 -22.41 -9.70 -25.47
CA VAL E 5 -22.00 -8.38 -25.92
C VAL E 5 -20.55 -8.48 -26.37
N VAL E 6 -20.28 -8.09 -27.62
CA VAL E 6 -18.93 -8.08 -28.16
C VAL E 6 -18.53 -6.62 -28.43
N GLY E 7 -17.49 -6.16 -27.76
CA GLY E 7 -16.95 -4.83 -27.98
C GLY E 7 -15.68 -4.94 -28.80
N ILE E 8 -15.62 -4.17 -29.87
CA ILE E 8 -14.52 -4.26 -30.79
C ILE E 8 -13.76 -2.96 -30.68
N SER E 9 -12.52 -3.07 -30.22
CA SER E 9 -11.70 -1.92 -29.88
C SER E 9 -10.57 -1.86 -30.89
N GLY E 10 -10.04 -0.68 -31.11
CA GLY E 10 -9.11 -0.52 -32.20
C GLY E 10 -7.72 -1.06 -31.98
N ALA E 11 -7.57 -2.33 -31.62
CA ALA E 11 -6.25 -2.95 -31.65
C ALA E 11 -6.18 -3.92 -32.81
N SER E 12 -4.96 -4.27 -33.20
CA SER E 12 -4.76 -5.20 -34.31
C SER E 12 -5.33 -6.58 -33.99
N GLY E 13 -5.91 -7.23 -35.01
CA GLY E 13 -6.49 -8.55 -34.83
C GLY E 13 -8.01 -8.57 -34.83
N ILE E 14 -8.63 -7.73 -35.66
CA ILE E 14 -10.09 -7.69 -35.74
C ILE E 14 -10.64 -8.99 -36.31
N VAL E 15 -9.84 -9.73 -37.08
CA VAL E 15 -10.26 -11.05 -37.51
C VAL E 15 -10.78 -11.87 -36.31
N LEU E 16 -10.16 -11.70 -35.13
CA LEU E 16 -10.62 -12.46 -33.96
C LEU E 16 -12.09 -12.16 -33.62
N ALA E 17 -12.51 -10.89 -33.74
CA ALA E 17 -13.89 -10.53 -33.45
C ALA E 17 -14.85 -11.07 -34.51
N VAL E 18 -14.42 -11.03 -35.78
CA VAL E 18 -15.23 -11.57 -36.86
C VAL E 18 -15.52 -13.04 -36.62
N THR E 19 -14.48 -13.84 -36.36
CA THR E 19 -14.79 -15.26 -36.21
C THR E 19 -15.54 -15.53 -34.92
N LEU E 20 -15.26 -14.79 -33.84
CA LEU E 20 -16.03 -15.01 -32.60
C LEU E 20 -17.51 -14.67 -32.81
N VAL E 21 -17.82 -13.56 -33.48
CA VAL E 21 -19.23 -13.21 -33.68
C VAL E 21 -19.89 -14.21 -34.63
N SER E 22 -19.18 -14.60 -35.70
CA SER E 22 -19.67 -15.63 -36.60
C SER E 22 -20.04 -16.91 -35.85
N GLU E 23 -19.11 -17.41 -35.01
CA GLU E 23 -19.35 -18.68 -34.34
C GLU E 23 -20.48 -18.57 -33.32
N LEU E 24 -20.51 -17.51 -32.53
CA LEU E 24 -21.62 -17.30 -31.59
C LEU E 24 -22.96 -17.32 -32.32
N ALA E 25 -23.05 -16.61 -33.46
CA ALA E 25 -24.28 -16.58 -34.25
C ALA E 25 -24.62 -17.96 -34.79
N ARG E 26 -23.65 -18.64 -35.40
CA ARG E 26 -23.82 -20.02 -35.86
C ARG E 26 -24.42 -20.91 -34.77
N LEU E 27 -23.84 -20.85 -33.56
CA LEU E 27 -24.34 -21.61 -32.41
C LEU E 27 -25.72 -21.15 -31.95
N GLY E 28 -26.26 -20.08 -32.53
CA GLY E 28 -27.62 -19.68 -32.29
C GLY E 28 -27.85 -18.58 -31.29
N HIS E 29 -26.80 -17.88 -30.84
CA HIS E 29 -27.00 -16.92 -29.77
C HIS E 29 -27.21 -15.51 -30.32
N HIS E 30 -27.56 -14.62 -29.42
CA HIS E 30 -27.72 -13.22 -29.72
C HIS E 30 -26.45 -12.48 -29.34
N ILE E 31 -26.03 -11.55 -30.21
CA ILE E 31 -24.80 -10.80 -30.05
C ILE E 31 -25.08 -9.31 -30.29
N ASP E 32 -24.87 -8.51 -29.26
CA ASP E 32 -24.87 -7.06 -29.37
C ASP E 32 -23.44 -6.61 -29.62
N VAL E 33 -23.19 -5.91 -30.72
CA VAL E 33 -21.83 -5.57 -31.13
C VAL E 33 -21.68 -4.05 -31.09
N ILE E 34 -20.56 -3.59 -30.51
CA ILE E 34 -20.19 -2.17 -30.48
C ILE E 34 -18.78 -2.07 -31.07
N ILE E 35 -18.66 -1.34 -32.16
CA ILE E 35 -17.37 -1.12 -32.81
C ILE E 35 -16.98 0.33 -32.57
N SER E 36 -15.78 0.53 -32.05
CA SER E 36 -15.28 1.88 -31.85
C SER E 36 -14.85 2.49 -33.19
N PRO E 37 -14.75 3.82 -33.25
CA PRO E 37 -14.22 4.46 -34.47
C PRO E 37 -12.85 3.94 -34.88
N SER E 38 -11.93 3.77 -33.93
CA SER E 38 -10.60 3.24 -34.27
C SER E 38 -10.69 1.79 -34.75
N ALA E 39 -11.62 1.01 -34.21
CA ALA E 39 -11.81 -0.35 -34.70
C ALA E 39 -12.34 -0.34 -36.13
N GLN E 40 -13.24 0.60 -36.45
CA GLN E 40 -13.70 0.82 -37.81
C GLN E 40 -12.54 0.97 -38.79
N LYS E 41 -11.48 1.68 -38.36
CA LYS E 41 -10.29 1.85 -39.20
C LYS E 41 -9.45 0.58 -39.25
N THR E 42 -9.35 -0.16 -38.14
CA THR E 42 -8.62 -1.42 -38.16
C THR E 42 -9.29 -2.43 -39.11
N LEU E 43 -10.61 -2.47 -39.11
CA LEU E 43 -11.36 -3.33 -40.02
C LEU E 43 -10.99 -3.06 -41.49
N TYR E 44 -10.88 -1.78 -41.88
CA TYR E 44 -10.51 -1.48 -43.27
C TYR E 44 -9.07 -1.89 -43.55
N TYR E 45 -8.15 -1.55 -42.65
CA TYR E 45 -6.73 -1.83 -42.89
C TYR E 45 -6.39 -3.31 -42.79
N GLU E 46 -7.15 -4.12 -42.04
CA GLU E 46 -6.85 -5.53 -41.88
C GLU E 46 -7.76 -6.45 -42.69
N LEU E 47 -9.03 -6.09 -42.86
CA LEU E 47 -10.00 -6.96 -43.53
C LEU E 47 -10.57 -6.37 -44.82
N ASP E 48 -10.21 -5.14 -45.18
CA ASP E 48 -10.51 -4.54 -46.48
C ASP E 48 -12.01 -4.29 -46.68
N THR E 49 -12.69 -3.91 -45.60
CA THR E 49 -14.09 -3.54 -45.68
C THR E 49 -14.34 -2.46 -44.66
N LYS E 50 -15.37 -1.66 -44.88
CA LYS E 50 -15.79 -0.68 -43.89
C LYS E 50 -17.09 -1.08 -43.20
N SER E 51 -17.63 -2.26 -43.50
CA SER E 51 -18.87 -2.74 -42.91
C SER E 51 -18.59 -4.03 -42.15
N PHE E 52 -18.78 -4.02 -40.84
CA PHE E 52 -18.50 -5.24 -40.08
C PHE E 52 -19.43 -6.37 -40.49
N LEU E 53 -20.70 -6.06 -40.74
CA LEU E 53 -21.65 -7.10 -41.14
C LEU E 53 -21.24 -7.80 -42.42
N SER E 54 -20.53 -7.11 -43.31
CA SER E 54 -20.11 -7.74 -44.56
C SER E 54 -19.21 -8.94 -44.33
N THR E 55 -18.59 -9.05 -43.16
CA THR E 55 -17.70 -10.16 -42.86
C THR E 55 -18.43 -11.35 -42.23
N ILE E 56 -19.72 -11.23 -41.94
CA ILE E 56 -20.48 -12.32 -41.34
C ILE E 56 -21.63 -12.74 -42.26
N PRO E 57 -21.89 -14.05 -42.40
CA PRO E 57 -22.99 -14.52 -43.25
C PRO E 57 -24.31 -13.81 -42.96
N GLN E 58 -25.01 -13.49 -44.05
CA GLN E 58 -26.19 -12.64 -44.01
C GLN E 58 -27.32 -13.30 -43.24
N ASN E 59 -27.42 -14.62 -43.34
CA ASN E 59 -28.43 -15.40 -42.61
C ASN E 59 -28.27 -15.29 -41.10
N PHE E 60 -27.11 -14.85 -40.59
CA PHE E 60 -26.98 -14.65 -39.16
C PHE E 60 -27.29 -13.22 -38.70
N HIS E 61 -27.59 -12.30 -39.62
CA HIS E 61 -27.66 -10.89 -39.23
C HIS E 61 -28.83 -10.61 -38.30
N ASN E 62 -29.88 -11.42 -38.42
CA ASN E 62 -31.01 -11.32 -37.50
C ASN E 62 -30.63 -11.58 -36.04
N GLN E 63 -29.46 -12.17 -35.78
CA GLN E 63 -29.03 -12.42 -34.41
C GLN E 63 -28.06 -11.37 -33.90
N ILE E 64 -27.82 -10.31 -34.67
CA ILE E 64 -26.77 -9.35 -34.39
C ILE E 64 -27.39 -7.96 -34.41
N VAL E 65 -27.12 -7.17 -33.38
CA VAL E 65 -27.52 -5.78 -33.35
C VAL E 65 -26.27 -4.95 -33.13
N LEU E 66 -26.03 -4.00 -34.03
CA LEU E 66 -24.93 -3.06 -33.88
C LEU E 66 -25.44 -1.85 -33.12
N HIS E 67 -24.63 -1.36 -32.19
CA HIS E 67 -24.91 -0.13 -31.48
C HIS E 67 -23.77 0.83 -31.76
N HIS E 68 -24.13 2.09 -32.03
CA HIS E 68 -23.13 3.13 -32.18
C HIS E 68 -22.36 3.33 -30.87
N ILE E 69 -21.10 3.73 -30.99
CA ILE E 69 -20.23 3.86 -29.80
C ILE E 69 -20.77 4.88 -28.80
N SER E 70 -21.56 5.87 -29.26
CA SER E 70 -22.06 6.93 -28.40
C SER E 70 -23.42 6.63 -27.78
N SER E 71 -24.02 5.47 -28.06
CA SER E 71 -25.38 5.21 -27.61
C SER E 71 -25.37 4.61 -26.20
N ILE E 72 -25.00 5.44 -25.23
CA ILE E 72 -24.97 5.02 -23.83
C ILE E 72 -26.37 4.85 -23.29
N GLU E 73 -27.40 5.13 -24.11
CA GLU E 73 -28.77 4.88 -23.72
C GLU E 73 -29.29 3.53 -24.21
N SER E 74 -28.47 2.81 -24.98
CA SER E 74 -28.84 1.52 -25.52
C SER E 74 -29.22 0.55 -24.41
N SER E 75 -29.99 -0.48 -24.76
CA SER E 75 -30.45 -1.44 -23.76
C SER E 75 -29.28 -2.19 -23.11
N VAL E 76 -28.18 -2.38 -23.83
CA VAL E 76 -27.02 -3.08 -23.27
C VAL E 76 -26.20 -2.15 -22.36
N SER E 77 -26.63 -0.89 -22.22
CA SER E 77 -25.99 0.03 -21.28
C SER E 77 -26.49 -0.11 -19.84
N SER E 78 -27.60 -0.80 -19.63
CA SER E 78 -28.21 -0.97 -18.32
C SER E 78 -27.91 -2.36 -17.78
N GLY E 79 -27.69 -2.44 -16.46
CA GLY E 79 -27.53 -3.73 -15.81
C GLY E 79 -28.82 -4.49 -15.59
N SER E 80 -29.96 -3.88 -15.91
CA SER E 80 -31.25 -4.54 -15.74
C SER E 80 -31.57 -5.50 -16.88
N ASN E 81 -30.70 -5.62 -17.88
CA ASN E 81 -30.86 -6.54 -19.00
C ASN E 81 -29.75 -7.58 -18.93
N THR E 82 -30.12 -8.86 -18.81
CA THR E 82 -29.15 -9.89 -18.48
C THR E 82 -28.37 -10.33 -19.72
N ILE E 83 -27.04 -10.22 -19.63
CA ILE E 83 -26.12 -10.64 -20.66
C ILE E 83 -25.30 -11.80 -20.09
N ASP E 84 -25.14 -12.86 -20.87
CA ASP E 84 -24.42 -14.03 -20.36
C ASP E 84 -22.91 -13.82 -20.34
N ALA E 85 -22.36 -13.07 -21.29
CA ALA E 85 -20.95 -12.69 -21.23
C ALA E 85 -20.68 -11.48 -22.10
N THR E 86 -19.65 -10.73 -21.70
CA THR E 86 -19.17 -9.56 -22.43
C THR E 86 -17.70 -9.77 -22.81
N ILE E 87 -17.37 -9.60 -24.09
CA ILE E 87 -16.03 -9.84 -24.61
C ILE E 87 -15.55 -8.58 -25.33
N ILE E 88 -14.38 -8.07 -24.95
CA ILE E 88 -13.77 -6.96 -25.68
C ILE E 88 -12.61 -7.53 -26.48
N VAL E 89 -12.78 -7.60 -27.80
CA VAL E 89 -11.82 -8.26 -28.68
C VAL E 89 -11.78 -7.58 -30.04
N PRO E 90 -10.56 -7.22 -30.53
CA PRO E 90 -9.34 -7.10 -29.70
C PRO E 90 -9.51 -5.93 -28.75
N CYS E 91 -8.61 -5.76 -27.78
CA CYS E 91 -8.74 -4.70 -26.79
C CYS E 91 -7.47 -3.89 -26.75
N SER E 92 -7.57 -2.60 -27.09
CA SER E 92 -6.41 -1.71 -27.06
C SER E 92 -6.02 -1.39 -25.61
N VAL E 93 -4.79 -0.91 -25.42
CA VAL E 93 -4.40 -0.54 -24.06
C VAL E 93 -5.16 0.69 -23.60
N ALA E 94 -5.51 1.60 -24.53
CA ALA E 94 -6.36 2.74 -24.18
C ALA E 94 -7.69 2.29 -23.60
N THR E 95 -8.33 1.29 -24.22
CA THR E 95 -9.59 0.81 -23.67
C THR E 95 -9.36 0.00 -22.37
N VAL E 96 -8.26 -0.75 -22.28
CA VAL E 96 -7.90 -1.37 -20.99
C VAL E 96 -7.78 -0.30 -19.90
N ALA E 97 -7.08 0.80 -20.20
CA ALA E 97 -6.92 1.88 -19.23
C ALA E 97 -8.29 2.42 -18.81
N ALA E 98 -9.16 2.75 -19.79
CA ALA E 98 -10.47 3.29 -19.47
C ALA E 98 -11.26 2.35 -18.57
N ILE E 99 -11.30 1.06 -18.92
CA ILE E 99 -12.08 0.10 -18.13
C ILE E 99 -11.48 -0.06 -16.73
N SER E 100 -10.14 -0.01 -16.62
CA SER E 100 -9.54 -0.15 -15.30
C SER E 100 -9.80 1.06 -14.41
N CYS E 101 -9.95 2.25 -15.00
CA CYS E 101 -10.26 3.45 -14.23
C CYS E 101 -11.74 3.58 -13.92
N GLY E 102 -12.60 2.84 -14.63
CA GLY E 102 -14.03 3.02 -14.50
C GLY E 102 -14.60 4.10 -15.40
N LEU E 103 -13.85 4.49 -16.44
CA LEU E 103 -14.18 5.61 -17.30
C LEU E 103 -15.17 5.16 -18.40
N ALA E 104 -16.43 5.01 -17.99
CA ALA E 104 -17.47 4.40 -18.83
C ALA E 104 -18.23 5.43 -19.66
N ASP E 105 -17.49 6.26 -20.41
CA ASP E 105 -18.07 7.42 -21.08
C ASP E 105 -18.32 7.18 -22.57
N ASN E 106 -18.33 5.93 -22.99
CA ASN E 106 -18.90 5.54 -24.28
C ASN E 106 -19.44 4.13 -24.06
N LEU E 107 -20.18 3.62 -25.05
CA LEU E 107 -20.95 2.41 -24.82
C LEU E 107 -20.06 1.19 -24.69
N LEU E 108 -18.98 1.16 -25.46
CA LEU E 108 -18.02 0.07 -25.33
C LEU E 108 -17.44 0.01 -23.92
N ARG E 109 -16.98 1.15 -23.42
CA ARG E 109 -16.46 1.19 -22.05
C ARG E 109 -17.56 0.88 -21.05
N ARG E 110 -18.77 1.39 -21.29
CA ARG E 110 -19.85 1.22 -20.33
C ARG E 110 -20.25 -0.25 -20.18
N VAL E 111 -20.31 -0.94 -21.31
CA VAL E 111 -20.67 -2.35 -21.33
C VAL E 111 -19.69 -3.18 -20.48
N ALA E 112 -18.40 -2.87 -20.57
CA ALA E 112 -17.42 -3.54 -19.70
C ALA E 112 -17.65 -3.20 -18.23
N ASP E 113 -17.88 -1.92 -17.91
CA ASP E 113 -18.13 -1.54 -16.52
C ASP E 113 -19.40 -2.17 -15.98
N VAL E 114 -20.42 -2.34 -16.82
CA VAL E 114 -21.65 -3.01 -16.42
C VAL E 114 -21.37 -4.46 -16.06
N ALA E 115 -20.62 -5.17 -16.92
CA ALA E 115 -20.25 -6.54 -16.61
C ALA E 115 -19.59 -6.62 -15.24
N LEU E 116 -18.66 -5.72 -14.95
CA LEU E 116 -17.96 -5.79 -13.66
C LEU E 116 -18.92 -5.49 -12.50
N LYS E 117 -19.79 -4.49 -12.66
CA LYS E 117 -20.63 -4.11 -11.54
C LYS E 117 -21.70 -5.16 -11.27
N GLU E 118 -22.12 -5.91 -12.28
CA GLU E 118 -23.08 -6.96 -12.08
C GLU E 118 -22.42 -8.31 -11.80
N LYS E 119 -21.09 -8.38 -11.83
CA LYS E 119 -20.33 -9.61 -11.67
C LYS E 119 -20.74 -10.67 -12.69
N ARG E 120 -20.92 -10.23 -13.90
CA ARG E 120 -21.08 -11.13 -15.02
C ARG E 120 -19.76 -11.25 -15.76
N PRO E 121 -19.58 -12.31 -16.56
CA PRO E 121 -18.27 -12.52 -17.19
C PRO E 121 -17.86 -11.37 -18.12
N LEU E 122 -16.59 -10.98 -18.00
CA LEU E 122 -15.93 -10.00 -18.86
C LEU E 122 -14.63 -10.60 -19.33
N ILE E 123 -14.48 -10.76 -20.63
CA ILE E 123 -13.26 -11.31 -21.21
C ILE E 123 -12.61 -10.21 -22.03
N LEU E 124 -11.37 -9.90 -21.71
CA LEU E 124 -10.64 -8.85 -22.39
C LEU E 124 -9.57 -9.53 -23.22
N VAL E 125 -9.42 -9.12 -24.46
CA VAL E 125 -8.38 -9.70 -25.29
C VAL E 125 -7.35 -8.61 -25.58
N PRO E 126 -6.54 -8.22 -24.58
CA PRO E 126 -5.63 -7.09 -24.81
C PRO E 126 -4.53 -7.49 -25.78
N ARG E 127 -4.20 -6.58 -26.68
CA ARG E 127 -3.16 -6.83 -27.66
C ARG E 127 -2.23 -5.62 -27.70
N GLU E 128 -0.98 -5.83 -27.29
CA GLU E 128 0.02 -4.77 -27.33
C GLU E 128 1.36 -5.40 -26.96
N ALA E 129 2.43 -4.95 -27.59
CA ALA E 129 3.74 -5.44 -27.22
C ALA E 129 4.79 -4.41 -27.60
N PRO E 130 5.75 -4.13 -26.69
CA PRO E 130 5.87 -4.61 -25.32
C PRO E 130 4.71 -4.13 -24.48
N LEU E 131 4.48 -4.79 -23.33
CA LEU E 131 3.56 -4.31 -22.32
C LEU E 131 4.35 -3.52 -21.28
N SER E 132 4.05 -2.24 -21.16
CA SER E 132 4.76 -1.41 -20.20
C SER E 132 4.22 -1.62 -18.78
N ALA E 133 4.92 -1.05 -17.81
CA ALA E 133 4.47 -1.10 -16.42
C ALA E 133 3.10 -0.45 -16.26
N ILE E 134 2.86 0.66 -16.97
CA ILE E 134 1.56 1.30 -16.90
C ILE E 134 0.46 0.35 -17.37
N HIS E 135 0.68 -0.32 -18.49
CA HIS E 135 -0.35 -1.23 -19.01
C HIS E 135 -0.49 -2.46 -18.13
N LEU E 136 0.64 -2.99 -17.65
CA LEU E 136 0.58 -4.18 -16.79
C LEU E 136 -0.17 -3.90 -15.51
N GLU E 137 -0.05 -2.68 -14.98
CA GLU E 137 -0.80 -2.36 -13.77
C GLU E 137 -2.31 -2.29 -14.04
N ASN E 138 -2.69 -1.77 -15.21
CA ASN E 138 -4.11 -1.76 -15.54
C ASN E 138 -4.63 -3.19 -15.67
N LEU E 139 -3.89 -4.06 -16.35
CA LEU E 139 -4.30 -5.47 -16.50
C LEU E 139 -4.45 -6.15 -15.15
N LEU E 140 -3.46 -5.95 -14.27
CA LEU E 140 -3.50 -6.53 -12.93
C LEU E 140 -4.76 -6.10 -12.19
N LYS E 141 -5.05 -4.80 -12.20
CA LYS E 141 -6.23 -4.32 -11.48
C LYS E 141 -7.51 -4.93 -12.08
N LEU E 142 -7.57 -5.04 -13.40
CA LEU E 142 -8.74 -5.67 -14.01
C LEU E 142 -8.87 -7.16 -13.63
N ALA E 143 -7.74 -7.90 -13.60
CA ALA E 143 -7.82 -9.31 -13.18
C ALA E 143 -8.29 -9.44 -11.73
N GLN E 144 -7.81 -8.56 -10.85
CA GLN E 144 -8.24 -8.59 -9.44
C GLN E 144 -9.70 -8.21 -9.28
N ASN E 145 -10.26 -7.46 -10.21
CA ASN E 145 -11.67 -7.14 -10.19
C ASN E 145 -12.51 -8.14 -10.94
N GLY E 146 -11.91 -9.23 -11.42
CA GLY E 146 -12.67 -10.36 -11.93
C GLY E 146 -12.74 -10.47 -13.43
N ALA E 147 -12.13 -9.54 -14.16
CA ALA E 147 -12.00 -9.65 -15.61
C ALA E 147 -11.09 -10.81 -15.97
N VAL E 148 -11.40 -11.52 -17.05
CA VAL E 148 -10.52 -12.53 -17.62
C VAL E 148 -9.59 -11.83 -18.61
N ILE E 149 -8.28 -11.92 -18.36
CA ILE E 149 -7.28 -11.30 -19.20
C ILE E 149 -6.78 -12.37 -20.15
N LEU E 150 -7.19 -12.31 -21.40
CA LEU E 150 -6.93 -13.38 -22.36
C LEU E 150 -6.22 -12.79 -23.57
N PRO E 151 -4.92 -12.54 -23.47
CA PRO E 151 -4.21 -11.98 -24.62
C PRO E 151 -4.14 -13.00 -25.73
N PRO E 152 -4.09 -12.54 -27.03
CA PRO E 152 -4.23 -13.46 -28.18
C PRO E 152 -2.91 -14.15 -28.50
N MET E 153 -2.60 -15.14 -27.67
CA MET E 153 -1.33 -15.86 -27.73
C MET E 153 -1.49 -17.13 -28.53
N PRO E 154 -0.72 -17.31 -29.61
CA PRO E 154 -0.89 -18.50 -30.46
C PRO E 154 -0.63 -19.78 -29.67
N ILE E 155 -1.39 -20.82 -30.01
CA ILE E 155 -1.33 -22.10 -29.31
C ILE E 155 -0.53 -23.02 -30.24
N TRP E 156 0.79 -23.03 -30.06
CA TRP E 156 1.63 -23.75 -31.01
C TRP E 156 1.62 -25.25 -30.79
N TYR E 157 1.15 -25.74 -29.65
CA TYR E 157 1.07 -27.19 -29.48
C TYR E 157 -0.10 -27.81 -30.23
N PHE E 158 -0.86 -26.99 -30.98
CA PHE E 158 -1.79 -27.51 -31.97
C PHE E 158 -1.21 -27.51 -33.37
N LYS E 159 0.04 -27.06 -33.53
CA LYS E 159 0.71 -27.00 -34.82
C LYS E 159 -0.15 -26.34 -35.91
N PRO E 160 -0.47 -25.06 -35.77
CA PRO E 160 -1.16 -24.37 -36.87
C PRO E 160 -0.29 -24.39 -38.11
N GLN E 161 -0.93 -24.43 -39.27
CA GLN E 161 -0.23 -24.25 -40.53
C GLN E 161 -0.48 -22.85 -41.10
N THR E 162 -1.73 -22.40 -41.08
CA THR E 162 -2.14 -21.13 -41.63
C THR E 162 -2.31 -20.10 -40.53
N ALA E 163 -2.33 -18.83 -40.93
CA ALA E 163 -2.73 -17.75 -40.03
C ALA E 163 -4.13 -18.00 -39.47
N GLU E 164 -5.07 -18.40 -40.34
CA GLU E 164 -6.44 -18.67 -39.93
C GLU E 164 -6.49 -19.72 -38.81
N ASP E 165 -5.61 -20.72 -38.86
CA ASP E 165 -5.53 -21.71 -37.80
C ASP E 165 -5.26 -21.04 -36.45
N ILE E 166 -4.29 -20.11 -36.41
CA ILE E 166 -3.98 -19.41 -35.16
C ILE E 166 -5.19 -18.62 -34.68
N ALA E 167 -5.83 -17.88 -35.59
CA ALA E 167 -7.02 -17.11 -35.19
C ALA E 167 -8.11 -18.01 -34.65
N ASN E 168 -8.38 -19.12 -35.34
CA ASN E 168 -9.41 -20.07 -34.92
C ASN E 168 -9.10 -20.69 -33.56
N ASP E 169 -7.85 -21.11 -33.33
CA ASP E 169 -7.49 -21.68 -32.03
C ASP E 169 -7.70 -20.66 -30.92
N ILE E 170 -7.26 -19.43 -31.15
CA ILE E 170 -7.41 -18.38 -30.13
C ILE E 170 -8.89 -18.13 -29.83
N VAL E 171 -9.74 -18.13 -30.87
CA VAL E 171 -11.18 -17.95 -30.65
C VAL E 171 -11.73 -19.18 -29.95
N GLY E 172 -11.20 -20.37 -30.28
CA GLY E 172 -11.54 -21.55 -29.50
C GLY E 172 -11.35 -21.36 -28.01
N LYS E 173 -10.22 -20.76 -27.62
CA LYS E 173 -9.97 -20.57 -26.20
C LYS E 173 -11.00 -19.62 -25.57
N ILE E 174 -11.43 -18.58 -26.31
CA ILE E 174 -12.49 -17.71 -25.82
C ILE E 174 -13.78 -18.50 -25.59
N LEU E 175 -14.14 -19.33 -26.56
CA LEU E 175 -15.37 -20.12 -26.46
C LEU E 175 -15.29 -21.14 -25.33
N ALA E 176 -14.09 -21.70 -25.09
CA ALA E 176 -13.92 -22.54 -23.92
C ALA E 176 -14.17 -21.76 -22.64
N ILE E 177 -13.69 -20.50 -22.58
CA ILE E 177 -13.93 -19.67 -21.39
C ILE E 177 -15.42 -19.44 -21.21
N LEU E 178 -16.14 -19.21 -22.32
CA LEU E 178 -17.58 -19.07 -22.37
C LEU E 178 -18.31 -20.38 -22.12
N GLN E 179 -17.55 -21.48 -21.98
CA GLN E 179 -18.12 -22.79 -21.73
C GLN E 179 -19.13 -23.15 -22.81
N LEU E 180 -18.76 -22.86 -24.05
CA LEU E 180 -19.53 -23.24 -25.21
C LEU E 180 -18.78 -24.35 -25.92
N ASP E 181 -19.49 -25.38 -26.35
CA ASP E 181 -18.85 -26.34 -27.22
C ASP E 181 -18.95 -25.82 -28.64
N SER E 182 -17.83 -25.95 -29.35
CA SER E 182 -17.65 -25.46 -30.71
C SER E 182 -16.52 -26.25 -31.32
N PRO E 183 -16.57 -26.53 -32.61
CA PRO E 183 -15.46 -27.27 -33.23
C PRO E 183 -14.18 -26.44 -33.37
N LEU E 184 -14.23 -25.13 -33.14
CA LEU E 184 -12.99 -24.37 -33.04
C LEU E 184 -12.18 -24.72 -31.79
N ILE E 185 -12.80 -25.32 -30.78
CA ILE E 185 -12.08 -25.68 -29.57
C ILE E 185 -11.26 -26.93 -29.86
N LYS E 186 -9.97 -26.87 -29.58
CA LYS E 186 -9.15 -28.07 -29.70
C LYS E 186 -8.56 -28.42 -28.34
N ARG E 187 -8.01 -29.63 -28.27
CA ARG E 187 -7.63 -30.23 -27.02
C ARG E 187 -6.33 -31.04 -27.18
N MET F 1 -20.76 -38.00 -13.15
CA MET F 1 -19.30 -38.17 -13.08
C MET F 1 -18.60 -36.81 -13.19
N LYS F 2 -18.15 -36.30 -12.05
CA LYS F 2 -17.30 -35.12 -12.04
C LYS F 2 -15.84 -35.55 -11.96
N ARG F 3 -14.94 -34.62 -12.28
CA ARG F 3 -13.52 -34.92 -12.35
C ARG F 3 -12.80 -34.06 -11.33
N TYR F 4 -12.05 -34.68 -10.43
CA TYR F 4 -11.33 -33.98 -9.40
C TYR F 4 -9.83 -34.22 -9.55
N VAL F 5 -9.06 -33.21 -9.17
CA VAL F 5 -7.61 -33.31 -9.02
C VAL F 5 -7.32 -33.18 -7.53
N VAL F 6 -6.69 -34.18 -6.96
CA VAL F 6 -6.27 -34.17 -5.58
C VAL F 6 -4.75 -34.22 -5.59
N GLY F 7 -4.14 -33.15 -5.09
CA GLY F 7 -2.71 -33.07 -4.93
C GLY F 7 -2.35 -33.32 -3.48
N ILE F 8 -1.33 -34.16 -3.27
CA ILE F 8 -0.96 -34.63 -1.96
C ILE F 8 0.44 -34.13 -1.67
N SER F 9 0.53 -33.14 -0.81
CA SER F 9 1.75 -32.46 -0.44
C SER F 9 2.21 -32.99 0.90
N GLY F 10 3.50 -32.86 1.17
CA GLY F 10 4.06 -33.52 2.34
C GLY F 10 3.85 -32.75 3.63
N ALA F 11 2.63 -32.75 4.14
CA ALA F 11 2.32 -32.28 5.48
C ALA F 11 1.57 -33.40 6.20
N SER F 12 1.46 -33.28 7.52
CA SER F 12 0.76 -34.29 8.30
C SER F 12 -0.74 -34.28 7.98
N GLY F 13 -1.35 -35.45 8.02
CA GLY F 13 -2.75 -35.60 7.71
C GLY F 13 -3.05 -36.25 6.37
N ILE F 14 -2.19 -37.11 5.85
CA ILE F 14 -2.50 -37.78 4.60
C ILE F 14 -3.78 -38.61 4.72
N VAL F 15 -4.17 -39.00 5.95
CA VAL F 15 -5.45 -39.69 6.11
C VAL F 15 -6.59 -38.88 5.52
N LEU F 16 -6.51 -37.54 5.56
CA LEU F 16 -7.54 -36.72 4.91
C LEU F 16 -7.57 -36.96 3.42
N ALA F 17 -6.41 -37.03 2.78
CA ALA F 17 -6.36 -37.31 1.35
C ALA F 17 -6.99 -38.67 1.06
N VAL F 18 -6.61 -39.67 1.85
CA VAL F 18 -7.12 -41.03 1.68
C VAL F 18 -8.63 -41.05 1.77
N THR F 19 -9.21 -40.43 2.81
CA THR F 19 -10.66 -40.56 2.92
C THR F 19 -11.40 -39.63 1.97
N LEU F 20 -10.78 -38.51 1.55
CA LEU F 20 -11.40 -37.69 0.51
C LEU F 20 -11.47 -38.48 -0.81
N VAL F 21 -10.37 -39.10 -1.21
CA VAL F 21 -10.32 -39.76 -2.52
C VAL F 21 -11.28 -40.96 -2.58
N SER F 22 -11.36 -41.76 -1.51
CA SER F 22 -12.23 -42.93 -1.59
C SER F 22 -13.70 -42.52 -1.53
N GLU F 23 -14.05 -41.47 -0.79
CA GLU F 23 -15.44 -41.01 -0.80
C GLU F 23 -15.83 -40.41 -2.15
N LEU F 24 -14.94 -39.63 -2.76
CA LEU F 24 -15.21 -39.13 -4.11
C LEU F 24 -15.37 -40.27 -5.10
N ALA F 25 -14.51 -41.30 -4.99
CA ALA F 25 -14.65 -42.49 -5.83
C ALA F 25 -15.94 -43.25 -5.53
N ARG F 26 -16.30 -43.32 -4.25
CA ARG F 26 -17.50 -44.04 -3.87
C ARG F 26 -18.75 -43.37 -4.46
N LEU F 27 -18.75 -42.05 -4.56
CA LEU F 27 -19.87 -41.31 -5.13
C LEU F 27 -19.92 -41.42 -6.65
N GLY F 28 -18.93 -42.06 -7.26
CA GLY F 28 -18.91 -42.28 -8.70
C GLY F 28 -18.08 -41.31 -9.49
N HIS F 29 -17.17 -40.57 -8.85
CA HIS F 29 -16.43 -39.54 -9.55
C HIS F 29 -15.05 -40.04 -9.95
N HIS F 30 -14.41 -39.28 -10.83
CA HIS F 30 -13.06 -39.57 -11.28
C HIS F 30 -12.07 -38.68 -10.56
N ILE F 31 -10.93 -39.23 -10.17
CA ILE F 31 -9.91 -38.50 -9.43
C ILE F 31 -8.53 -38.76 -10.03
N ASP F 32 -7.88 -37.69 -10.51
CA ASP F 32 -6.46 -37.66 -10.80
C ASP F 32 -5.71 -37.25 -9.52
N VAL F 33 -4.77 -38.10 -9.09
CA VAL F 33 -4.04 -37.90 -7.83
C VAL F 33 -2.57 -37.66 -8.14
N ILE F 34 -1.99 -36.64 -7.50
CA ILE F 34 -0.57 -36.30 -7.61
C ILE F 34 0.01 -36.32 -6.20
N ILE F 35 0.98 -37.21 -5.98
CA ILE F 35 1.63 -37.39 -4.68
C ILE F 35 3.07 -36.90 -4.79
N SER F 36 3.44 -35.92 -3.97
CA SER F 36 4.82 -35.47 -3.96
C SER F 36 5.70 -36.50 -3.26
N PRO F 37 6.99 -36.50 -3.56
CA PRO F 37 7.91 -37.41 -2.86
C PRO F 37 7.86 -37.29 -1.34
N SER F 38 7.56 -36.11 -0.81
CA SER F 38 7.48 -35.94 0.63
C SER F 38 6.20 -36.56 1.18
N ALA F 39 5.10 -36.45 0.44
CA ALA F 39 3.85 -37.05 0.88
C ALA F 39 3.95 -38.58 0.87
N GLN F 40 4.75 -39.15 -0.02
CA GLN F 40 4.91 -40.59 -0.02
C GLN F 40 5.55 -41.08 1.29
N LYS F 41 6.51 -40.30 1.83
CA LYS F 41 7.11 -40.66 3.12
C LYS F 41 6.09 -40.52 4.25
N THR F 42 5.34 -39.42 4.26
CA THR F 42 4.29 -39.22 5.25
C THR F 42 3.27 -40.36 5.21
N LEU F 43 2.99 -40.87 4.01
CA LEU F 43 2.13 -42.03 3.87
C LEU F 43 2.61 -43.22 4.68
N TYR F 44 3.93 -43.47 4.65
CA TYR F 44 4.46 -44.60 5.42
C TYR F 44 4.42 -44.31 6.91
N TYR F 45 4.91 -43.13 7.31
CA TYR F 45 4.96 -42.77 8.73
C TYR F 45 3.57 -42.73 9.35
N GLU F 46 2.54 -42.38 8.59
CA GLU F 46 1.23 -42.16 9.17
C GLU F 46 0.23 -43.25 8.87
N LEU F 47 0.37 -43.95 7.75
CA LEU F 47 -0.55 -45.00 7.36
C LEU F 47 0.10 -46.39 7.24
N ASP F 48 1.42 -46.49 7.42
CA ASP F 48 2.12 -47.78 7.37
C ASP F 48 1.96 -48.49 6.02
N THR F 49 2.17 -47.74 4.95
CA THR F 49 2.34 -48.31 3.62
C THR F 49 2.99 -47.25 2.75
N LYS F 50 3.59 -47.70 1.64
CA LYS F 50 4.03 -46.74 0.65
C LYS F 50 3.23 -46.83 -0.65
N SER F 51 2.19 -47.65 -0.68
CA SER F 51 1.25 -47.72 -1.81
C SER F 51 -0.01 -46.95 -1.43
N PHE F 52 -0.17 -45.75 -1.99
CA PHE F 52 -1.39 -44.98 -1.74
C PHE F 52 -2.63 -45.79 -2.11
N LEU F 53 -2.57 -46.55 -3.21
CA LEU F 53 -3.75 -47.28 -3.66
C LEU F 53 -4.15 -48.42 -2.71
N SER F 54 -3.22 -48.91 -1.89
CA SER F 54 -3.59 -49.94 -0.92
C SER F 54 -4.47 -49.41 0.19
N THR F 55 -4.60 -48.10 0.34
CA THR F 55 -5.50 -47.49 1.31
C THR F 55 -6.90 -47.24 0.73
N ILE F 56 -7.09 -47.54 -0.55
CA ILE F 56 -8.34 -47.27 -1.25
C ILE F 56 -8.95 -48.62 -1.62
N PRO F 57 -10.26 -48.80 -1.43
CA PRO F 57 -10.90 -50.05 -1.86
C PRO F 57 -10.66 -50.34 -3.34
N GLN F 58 -10.32 -51.60 -3.62
CA GLN F 58 -9.88 -52.00 -4.96
C GLN F 58 -10.94 -51.76 -6.02
N ASN F 59 -12.22 -51.77 -5.65
CA ASN F 59 -13.30 -51.47 -6.59
C ASN F 59 -13.28 -50.05 -7.13
N PHE F 60 -12.49 -49.14 -6.52
CA PHE F 60 -12.49 -47.74 -6.89
C PHE F 60 -11.30 -47.37 -7.77
N HIS F 61 -10.34 -48.28 -7.95
CA HIS F 61 -9.08 -47.95 -8.62
C HIS F 61 -9.28 -47.58 -10.09
N ASN F 62 -10.27 -48.18 -10.76
CA ASN F 62 -10.57 -47.82 -12.15
C ASN F 62 -10.97 -46.36 -12.29
N GLN F 63 -11.38 -45.69 -11.21
CA GLN F 63 -11.71 -44.26 -11.26
C GLN F 63 -10.57 -43.36 -10.83
N ILE F 64 -9.40 -43.92 -10.53
CA ILE F 64 -8.27 -43.15 -10.00
C ILE F 64 -7.11 -43.28 -10.98
N VAL F 65 -6.42 -42.17 -11.23
CA VAL F 65 -5.24 -42.15 -12.07
C VAL F 65 -4.14 -41.43 -11.30
N LEU F 66 -3.01 -42.09 -11.11
CA LEU F 66 -1.87 -41.53 -10.38
C LEU F 66 -0.90 -40.91 -11.38
N HIS F 67 -0.56 -39.63 -11.16
CA HIS F 67 0.39 -38.91 -11.98
C HIS F 67 1.65 -38.61 -11.19
N HIS F 68 2.80 -38.74 -11.85
CA HIS F 68 4.07 -38.43 -11.23
C HIS F 68 4.26 -36.93 -11.07
N ILE F 69 4.88 -36.52 -9.96
CA ILE F 69 5.04 -35.09 -9.67
C ILE F 69 5.82 -34.35 -10.77
N SER F 70 6.66 -35.05 -11.53
CA SER F 70 7.48 -34.33 -12.51
C SER F 70 6.88 -34.29 -13.91
N SER F 71 5.67 -34.81 -14.12
CA SER F 71 5.06 -34.83 -15.45
C SER F 71 4.26 -33.55 -15.72
N ILE F 72 5.00 -32.47 -15.99
CA ILE F 72 4.37 -31.16 -16.23
C ILE F 72 3.73 -31.14 -17.62
N GLU F 73 3.86 -32.24 -18.36
CA GLU F 73 3.23 -32.41 -19.66
C GLU F 73 1.87 -33.10 -19.59
N SER F 74 1.40 -33.43 -18.38
CA SER F 74 0.21 -34.25 -18.17
C SER F 74 -1.05 -33.53 -18.68
N SER F 75 -2.17 -34.27 -18.74
CA SER F 75 -3.40 -33.66 -19.23
C SER F 75 -4.00 -32.70 -18.22
N VAL F 76 -3.86 -32.99 -16.92
CA VAL F 76 -4.33 -32.09 -15.88
C VAL F 76 -3.50 -30.81 -15.80
N SER F 77 -2.41 -30.75 -16.56
CA SER F 77 -1.48 -29.63 -16.62
C SER F 77 -1.90 -28.58 -17.65
N SER F 78 -3.11 -28.69 -18.19
CA SER F 78 -3.63 -27.74 -19.18
C SER F 78 -5.00 -27.27 -18.72
N GLY F 79 -5.37 -26.06 -19.14
CA GLY F 79 -6.73 -25.59 -18.92
C GLY F 79 -7.77 -26.23 -19.83
N SER F 80 -7.33 -27.06 -20.79
CA SER F 80 -8.22 -27.69 -21.75
C SER F 80 -9.16 -28.71 -21.11
N ASN F 81 -8.73 -29.33 -20.01
CA ASN F 81 -9.59 -30.21 -19.23
C ASN F 81 -10.47 -29.38 -18.30
N THR F 82 -11.79 -29.59 -18.35
CA THR F 82 -12.64 -28.98 -17.33
C THR F 82 -12.63 -29.89 -16.11
N ILE F 83 -11.69 -29.61 -15.22
CA ILE F 83 -11.69 -30.21 -13.90
C ILE F 83 -12.73 -29.48 -13.06
N ASP F 84 -13.57 -30.22 -12.35
CA ASP F 84 -14.59 -29.61 -11.54
C ASP F 84 -14.01 -28.99 -10.27
N ALA F 85 -13.00 -29.61 -9.68
CA ALA F 85 -12.28 -28.92 -8.60
C ALA F 85 -10.93 -29.59 -8.39
N THR F 86 -10.03 -28.80 -7.84
CA THR F 86 -8.68 -29.20 -7.48
C THR F 86 -8.53 -29.01 -5.98
N ILE F 87 -8.06 -30.06 -5.28
CA ILE F 87 -7.87 -30.03 -3.83
C ILE F 87 -6.42 -30.39 -3.52
N ILE F 88 -5.74 -29.54 -2.75
CA ILE F 88 -4.38 -29.84 -2.28
C ILE F 88 -4.50 -30.11 -0.79
N VAL F 89 -4.38 -31.41 -0.44
CA VAL F 89 -4.59 -31.90 0.90
C VAL F 89 -3.70 -33.12 1.20
N PRO F 90 -2.91 -33.06 2.28
CA PRO F 90 -2.61 -31.86 3.05
C PRO F 90 -1.77 -30.94 2.20
N CYS F 91 -1.62 -29.68 2.60
CA CYS F 91 -0.85 -28.72 1.83
C CYS F 91 0.28 -28.16 2.68
N SER F 92 1.53 -28.48 2.35
CA SER F 92 2.64 -27.94 3.13
C SER F 92 2.79 -26.43 2.89
N VAL F 93 3.57 -25.77 3.76
CA VAL F 93 3.72 -24.32 3.61
C VAL F 93 4.60 -23.99 2.41
N ALA F 94 5.54 -24.89 2.07
CA ALA F 94 6.35 -24.69 0.87
C ALA F 94 5.48 -24.72 -0.37
N THR F 95 4.50 -25.63 -0.41
CA THR F 95 3.57 -25.69 -1.54
C THR F 95 2.66 -24.46 -1.58
N VAL F 96 2.21 -23.97 -0.41
CA VAL F 96 1.46 -22.71 -0.38
C VAL F 96 2.30 -21.57 -0.93
N ALA F 97 3.57 -21.51 -0.53
CA ALA F 97 4.46 -20.44 -1.01
C ALA F 97 4.58 -20.49 -2.53
N ALA F 98 4.88 -21.67 -3.07
CA ALA F 98 5.10 -21.82 -4.50
C ALA F 98 3.88 -21.36 -5.29
N ILE F 99 2.70 -21.76 -4.85
CA ILE F 99 1.45 -21.42 -5.54
C ILE F 99 1.17 -19.92 -5.41
N SER F 100 1.39 -19.35 -4.22
CA SER F 100 1.15 -17.92 -4.10
C SER F 100 2.15 -17.10 -4.92
N CYS F 101 3.34 -17.63 -5.18
CA CYS F 101 4.30 -16.90 -6.02
C CYS F 101 4.08 -17.14 -7.51
N GLY F 102 3.25 -18.12 -7.88
CA GLY F 102 3.14 -18.52 -9.27
C GLY F 102 4.24 -19.46 -9.72
N LEU F 103 4.93 -20.09 -8.77
CA LEU F 103 6.09 -20.93 -9.07
C LEU F 103 5.62 -22.33 -9.45
N ALA F 104 5.15 -22.44 -10.69
CA ALA F 104 4.39 -23.61 -11.17
C ALA F 104 5.31 -24.61 -11.86
N ASP F 105 6.27 -25.15 -11.12
CA ASP F 105 7.36 -25.85 -11.78
C ASP F 105 7.39 -27.34 -11.46
N ASN F 106 6.32 -27.89 -10.89
CA ASN F 106 6.06 -29.32 -10.93
C ASN F 106 4.57 -29.48 -11.14
N LEU F 107 4.12 -30.73 -11.29
CA LEU F 107 2.74 -30.95 -11.69
C LEU F 107 1.75 -30.57 -10.60
N LEU F 108 2.11 -30.74 -9.33
CA LEU F 108 1.19 -30.37 -8.25
C LEU F 108 1.03 -28.86 -8.19
N ARG F 109 2.14 -28.12 -8.28
CA ARG F 109 2.05 -26.66 -8.32
C ARG F 109 1.31 -26.20 -9.58
N ARG F 110 1.56 -26.85 -10.71
CA ARG F 110 0.96 -26.41 -11.96
C ARG F 110 -0.55 -26.59 -11.93
N VAL F 111 -1.00 -27.71 -11.39
CA VAL F 111 -2.44 -27.99 -11.35
C VAL F 111 -3.17 -26.95 -10.49
N ALA F 112 -2.55 -26.47 -9.42
CA ALA F 112 -3.17 -25.40 -8.64
C ALA F 112 -3.17 -24.07 -9.41
N ASP F 113 -2.07 -23.79 -10.12
CA ASP F 113 -1.98 -22.58 -10.94
C ASP F 113 -3.05 -22.59 -12.05
N VAL F 114 -3.27 -23.74 -12.67
CA VAL F 114 -4.29 -23.85 -13.72
C VAL F 114 -5.68 -23.54 -13.16
N ALA F 115 -5.98 -24.06 -11.97
CA ALA F 115 -7.30 -23.82 -11.40
C ALA F 115 -7.49 -22.34 -11.12
N LEU F 116 -6.43 -21.67 -10.65
CA LEU F 116 -6.50 -20.23 -10.43
C LEU F 116 -6.71 -19.48 -11.73
N LYS F 117 -5.94 -19.79 -12.77
CA LYS F 117 -6.09 -19.02 -13.99
C LYS F 117 -7.36 -19.36 -14.76
N GLU F 118 -7.92 -20.54 -14.56
CA GLU F 118 -9.20 -20.85 -15.16
C GLU F 118 -10.37 -20.46 -14.27
N LYS F 119 -10.11 -19.95 -13.06
CA LYS F 119 -11.18 -19.60 -12.13
C LYS F 119 -12.05 -20.83 -11.84
N ARG F 120 -11.39 -21.95 -11.59
CA ARG F 120 -12.08 -23.14 -11.16
C ARG F 120 -11.72 -23.40 -9.71
N PRO F 121 -12.56 -24.12 -8.97
CA PRO F 121 -12.31 -24.30 -7.54
C PRO F 121 -10.92 -24.85 -7.25
N LEU F 122 -10.22 -24.16 -6.36
CA LEU F 122 -8.98 -24.65 -5.75
C LEU F 122 -9.15 -24.61 -4.23
N ILE F 123 -9.17 -25.78 -3.60
CA ILE F 123 -9.25 -25.88 -2.15
C ILE F 123 -7.89 -26.30 -1.64
N LEU F 124 -7.34 -25.52 -0.70
CA LEU F 124 -6.07 -25.78 -0.05
C LEU F 124 -6.32 -26.19 1.39
N VAL F 125 -5.67 -27.27 1.83
CA VAL F 125 -5.80 -27.68 3.23
C VAL F 125 -4.44 -27.52 3.92
N PRO F 126 -4.06 -26.30 4.27
CA PRO F 126 -2.73 -26.10 4.87
C PRO F 126 -2.70 -26.56 6.31
N ARG F 127 -1.62 -27.23 6.66
CA ARG F 127 -1.40 -27.75 8.01
C ARG F 127 -0.03 -27.26 8.46
N GLU F 128 -0.04 -26.26 9.35
CA GLU F 128 1.18 -25.74 9.94
C GLU F 128 0.77 -24.94 11.16
N ALA F 129 1.48 -25.12 12.27
CA ALA F 129 1.19 -24.39 13.49
C ALA F 129 2.49 -24.27 14.26
N PRO F 130 2.84 -23.06 14.70
CA PRO F 130 2.16 -21.79 14.42
C PRO F 130 2.31 -21.35 12.96
N LEU F 131 1.49 -20.39 12.53
CA LEU F 131 1.61 -19.75 11.22
C LEU F 131 2.35 -18.44 11.40
N SER F 132 3.54 -18.34 10.82
CA SER F 132 4.32 -17.13 10.81
C SER F 132 3.65 -16.06 9.93
N ALA F 133 4.13 -14.81 10.05
CA ALA F 133 3.62 -13.74 9.19
C ALA F 133 3.86 -14.06 7.72
N ILE F 134 5.01 -14.65 7.40
CA ILE F 134 5.31 -14.98 6.01
C ILE F 134 4.29 -15.96 5.46
N HIS F 135 3.91 -16.97 6.27
CA HIS F 135 2.94 -17.94 5.77
C HIS F 135 1.53 -17.37 5.73
N LEU F 136 1.18 -16.49 6.67
CA LEU F 136 -0.15 -15.90 6.62
C LEU F 136 -0.32 -15.00 5.39
N GLU F 137 0.74 -14.27 5.01
CA GLU F 137 0.70 -13.43 3.82
C GLU F 137 0.46 -14.26 2.55
N ASN F 138 1.19 -15.36 2.39
CA ASN F 138 0.95 -16.25 1.24
C ASN F 138 -0.49 -16.74 1.20
N LEU F 139 -0.99 -17.14 2.38
CA LEU F 139 -2.39 -17.64 2.50
C LEU F 139 -3.34 -16.51 2.09
N LEU F 140 -3.15 -15.33 2.67
CA LEU F 140 -3.95 -14.18 2.34
C LEU F 140 -3.98 -13.95 0.83
N LYS F 141 -2.80 -13.97 0.21
CA LYS F 141 -2.68 -13.71 -1.21
C LYS F 141 -3.52 -14.70 -2.03
N LEU F 142 -3.49 -15.97 -1.63
CA LEU F 142 -4.24 -16.99 -2.36
C LEU F 142 -5.74 -16.84 -2.13
N ALA F 143 -6.16 -16.47 -0.93
CA ALA F 143 -7.58 -16.26 -0.70
C ALA F 143 -8.09 -15.07 -1.51
N GLN F 144 -7.25 -14.05 -1.73
CA GLN F 144 -7.66 -12.92 -2.55
C GLN F 144 -7.73 -13.30 -4.01
N ASN F 145 -7.00 -14.32 -4.42
CA ASN F 145 -7.03 -14.83 -5.79
C ASN F 145 -8.05 -15.94 -6.00
N GLY F 146 -8.93 -16.18 -5.04
CA GLY F 146 -10.02 -17.12 -5.20
C GLY F 146 -9.84 -18.48 -4.54
N ALA F 147 -8.63 -18.85 -4.10
CA ALA F 147 -8.46 -20.13 -3.44
C ALA F 147 -9.27 -20.18 -2.16
N VAL F 148 -9.83 -21.35 -1.87
CA VAL F 148 -10.49 -21.58 -0.58
C VAL F 148 -9.43 -22.10 0.39
N ILE F 149 -9.21 -21.39 1.49
CA ILE F 149 -8.23 -21.78 2.51
C ILE F 149 -8.99 -22.52 3.60
N LEU F 150 -8.74 -23.82 3.69
CA LEU F 150 -9.55 -24.73 4.50
C LEU F 150 -8.62 -25.56 5.39
N PRO F 151 -8.13 -24.98 6.48
CA PRO F 151 -7.29 -25.73 7.39
C PRO F 151 -8.08 -26.84 8.05
N PRO F 152 -7.44 -27.90 8.42
CA PRO F 152 -8.16 -29.05 9.01
C PRO F 152 -8.48 -28.78 10.47
N MET F 153 -9.57 -28.06 10.68
CA MET F 153 -9.94 -27.63 12.02
C MET F 153 -10.92 -28.63 12.61
N PRO F 154 -10.59 -29.30 13.72
CA PRO F 154 -11.55 -30.27 14.28
C PRO F 154 -12.90 -29.60 14.53
N ILE F 155 -13.96 -30.33 14.18
CA ILE F 155 -15.32 -29.86 14.39
C ILE F 155 -15.85 -30.46 15.69
N TRP F 156 -15.55 -29.80 16.80
CA TRP F 156 -15.89 -30.38 18.08
C TRP F 156 -17.38 -30.32 18.38
N TYR F 157 -18.15 -29.48 17.69
CA TYR F 157 -19.57 -29.47 18.04
C TYR F 157 -20.31 -30.70 17.50
N PHE F 158 -19.70 -31.50 16.61
CA PHE F 158 -20.25 -32.82 16.32
C PHE F 158 -19.86 -33.85 17.34
N LYS F 159 -19.18 -33.44 18.41
CA LYS F 159 -18.79 -34.33 19.50
C LYS F 159 -18.17 -35.62 18.96
N PRO F 160 -17.03 -35.53 18.28
CA PRO F 160 -16.36 -36.74 17.81
C PRO F 160 -15.90 -37.61 18.96
N GLN F 161 -15.89 -38.93 18.72
CA GLN F 161 -15.37 -39.91 19.68
C GLN F 161 -13.96 -40.36 19.35
N THR F 162 -13.71 -40.80 18.12
CA THR F 162 -12.45 -41.40 17.71
C THR F 162 -11.62 -40.40 16.93
N ALA F 163 -10.37 -40.78 16.64
CA ALA F 163 -9.57 -39.95 15.75
C ALA F 163 -10.12 -39.98 14.34
N GLU F 164 -10.65 -41.14 13.91
CA GLU F 164 -11.28 -41.22 12.61
C GLU F 164 -12.47 -40.27 12.50
N ASP F 165 -13.25 -40.14 13.58
CA ASP F 165 -14.37 -39.21 13.59
C ASP F 165 -13.93 -37.80 13.22
N ILE F 166 -12.81 -37.34 13.79
CA ILE F 166 -12.36 -35.98 13.49
C ILE F 166 -11.97 -35.87 12.01
N ALA F 167 -11.25 -36.85 11.49
CA ALA F 167 -10.85 -36.81 10.09
C ALA F 167 -12.07 -36.93 9.17
N ASN F 168 -13.02 -37.82 9.48
CA ASN F 168 -14.20 -37.97 8.65
C ASN F 168 -14.99 -36.67 8.56
N ASP F 169 -15.15 -35.98 9.69
CA ASP F 169 -15.96 -34.76 9.71
C ASP F 169 -15.27 -33.62 8.97
N ILE F 170 -13.94 -33.53 9.07
CA ILE F 170 -13.17 -32.58 8.29
C ILE F 170 -13.32 -32.86 6.79
N VAL F 171 -13.23 -34.13 6.39
CA VAL F 171 -13.42 -34.43 4.98
C VAL F 171 -14.85 -34.08 4.57
N GLY F 172 -15.81 -34.29 5.49
CA GLY F 172 -17.16 -33.78 5.26
C GLY F 172 -17.20 -32.30 4.92
N LYS F 173 -16.41 -31.48 5.59
CA LYS F 173 -16.47 -30.05 5.26
C LYS F 173 -15.89 -29.79 3.87
N ILE F 174 -14.76 -30.45 3.52
CA ILE F 174 -14.26 -30.40 2.14
C ILE F 174 -15.36 -30.78 1.14
N LEU F 175 -16.11 -31.84 1.44
CA LEU F 175 -17.16 -32.26 0.49
C LEU F 175 -18.32 -31.28 0.47
N ALA F 176 -18.61 -30.62 1.59
CA ALA F 176 -19.60 -29.53 1.56
C ALA F 176 -19.12 -28.41 0.64
N ILE F 177 -17.85 -28.04 0.75
CA ILE F 177 -17.30 -26.95 -0.09
C ILE F 177 -17.36 -27.35 -1.55
N LEU F 178 -17.15 -28.64 -1.85
CA LEU F 178 -17.33 -29.21 -3.18
C LEU F 178 -18.79 -29.28 -3.62
N GLN F 179 -19.74 -28.91 -2.75
CA GLN F 179 -21.17 -28.95 -3.04
C GLN F 179 -21.62 -30.35 -3.44
N LEU F 180 -21.01 -31.35 -2.81
CA LEU F 180 -21.44 -32.73 -2.96
C LEU F 180 -22.39 -33.10 -1.83
N ASP F 181 -23.43 -33.83 -2.16
CA ASP F 181 -24.25 -34.49 -1.17
C ASP F 181 -23.56 -35.81 -0.81
N SER F 182 -23.11 -35.93 0.44
CA SER F 182 -22.39 -37.10 0.90
C SER F 182 -22.78 -37.41 2.33
N PRO F 183 -22.92 -38.70 2.69
CA PRO F 183 -23.27 -39.04 4.08
C PRO F 183 -22.16 -38.73 5.08
N LEU F 184 -20.95 -38.42 4.61
CA LEU F 184 -19.92 -37.92 5.52
C LEU F 184 -20.20 -36.51 6.02
N ILE F 185 -21.09 -35.75 5.38
CA ILE F 185 -21.34 -34.38 5.79
C ILE F 185 -22.36 -34.35 6.91
N LYS F 186 -22.00 -33.71 8.02
CA LYS F 186 -22.92 -33.43 9.10
C LYS F 186 -23.25 -31.94 9.11
N ARG F 187 -24.49 -31.63 9.49
CA ARG F 187 -24.97 -30.25 9.52
C ARG F 187 -25.38 -29.90 10.95
N TRP F 188 -25.19 -28.63 11.30
CA TRP F 188 -25.28 -28.20 12.70
C TRP F 188 -26.71 -28.15 13.26
N MET G 1 20.63 15.27 -38.98
CA MET G 1 19.22 15.49 -38.68
C MET G 1 18.76 14.53 -37.58
N LYS G 2 17.74 14.95 -36.84
CA LYS G 2 17.11 14.13 -35.82
C LYS G 2 15.61 14.40 -35.85
N ARG G 3 14.82 13.46 -35.36
CA ARG G 3 13.37 13.56 -35.48
C ARG G 3 12.75 13.71 -34.09
N TYR G 4 11.96 14.76 -33.91
CA TYR G 4 11.34 15.04 -32.63
C TYR G 4 9.84 15.07 -32.78
N VAL G 5 9.14 14.69 -31.71
CA VAL G 5 7.69 14.80 -31.66
C VAL G 5 7.35 15.81 -30.58
N VAL G 6 6.69 16.89 -30.96
CA VAL G 6 6.19 17.89 -30.03
C VAL G 6 4.68 17.81 -30.05
N GLY G 7 4.11 17.41 -28.92
CA GLY G 7 2.69 17.52 -28.69
C GLY G 7 2.44 18.82 -27.95
N ILE G 8 1.49 19.60 -28.43
CA ILE G 8 1.15 20.86 -27.81
C ILE G 8 -0.21 20.67 -27.17
N SER G 9 -0.25 20.69 -25.85
CA SER G 9 -1.48 20.45 -25.11
C SER G 9 -1.95 21.79 -24.55
N GLY G 10 -3.22 21.84 -24.15
CA GLY G 10 -3.84 23.12 -23.88
C GLY G 10 -3.59 23.74 -22.52
N ALA G 11 -2.34 23.85 -22.09
CA ALA G 11 -2.03 24.62 -20.90
C ALA G 11 -1.45 25.98 -21.31
N SER G 12 -1.38 26.90 -20.35
CA SER G 12 -0.79 28.21 -20.62
C SER G 12 0.69 28.06 -20.95
N GLY G 13 1.16 28.79 -21.96
CA GLY G 13 2.57 28.80 -22.28
C GLY G 13 2.92 28.19 -23.62
N ILE G 14 2.01 28.31 -24.58
CA ILE G 14 2.30 27.81 -25.92
C ILE G 14 3.49 28.54 -26.53
N VAL G 15 3.85 29.72 -26.01
CA VAL G 15 5.07 30.39 -26.48
C VAL G 15 6.28 29.46 -26.36
N LEU G 16 6.31 28.63 -25.31
CA LEU G 16 7.38 27.64 -25.14
C LEU G 16 7.44 26.67 -26.32
N ALA G 17 6.29 26.18 -26.78
CA ALA G 17 6.30 25.21 -27.89
C ALA G 17 6.81 25.86 -29.18
N VAL G 18 6.39 27.09 -29.44
CA VAL G 18 6.89 27.86 -30.57
C VAL G 18 8.41 27.95 -30.55
N THR G 19 9.00 28.40 -29.43
CA THR G 19 10.44 28.62 -29.50
C THR G 19 11.21 27.30 -29.47
N LEU G 20 10.61 26.25 -28.90
CA LEU G 20 11.21 24.93 -29.02
C LEU G 20 11.19 24.46 -30.48
N VAL G 21 9.99 24.42 -31.09
CA VAL G 21 9.89 24.00 -32.48
C VAL G 21 10.75 24.89 -33.38
N SER G 22 10.79 26.19 -33.10
CA SER G 22 11.57 27.11 -33.93
C SER G 22 13.06 26.82 -33.82
N GLU G 23 13.54 26.54 -32.61
CA GLU G 23 14.97 26.32 -32.45
C GLU G 23 15.37 24.94 -32.99
N LEU G 24 14.56 23.91 -32.72
CA LEU G 24 14.84 22.60 -33.32
C LEU G 24 14.86 22.70 -34.84
N ALA G 25 13.89 23.42 -35.41
CA ALA G 25 13.93 23.68 -36.84
C ALA G 25 15.23 24.35 -37.25
N ARG G 26 15.67 25.35 -36.48
CA ARG G 26 16.84 26.12 -36.89
C ARG G 26 18.10 25.25 -36.93
N LEU G 27 18.23 24.32 -35.98
CA LEU G 27 19.33 23.36 -35.94
C LEU G 27 19.24 22.31 -37.05
N GLY G 28 18.24 22.37 -37.93
CA GLY G 28 18.14 21.43 -39.03
C GLY G 28 17.51 20.10 -38.72
N HIS G 29 16.69 20.01 -37.67
CA HIS G 29 16.03 18.77 -37.30
C HIS G 29 14.57 18.78 -37.79
N HIS G 30 14.00 17.59 -37.84
CA HIS G 30 12.61 17.40 -38.26
C HIS G 30 11.73 17.33 -37.02
N ILE G 31 10.56 17.97 -37.07
CA ILE G 31 9.62 17.96 -35.95
C ILE G 31 8.26 17.52 -36.45
N ASP G 32 7.71 16.49 -35.82
CA ASP G 32 6.31 16.10 -35.97
C ASP G 32 5.51 16.79 -34.88
N VAL G 33 4.59 17.67 -35.27
CA VAL G 33 3.84 18.48 -34.31
C VAL G 33 2.39 17.99 -34.27
N ILE G 34 1.84 17.94 -33.06
CA ILE G 34 0.47 17.54 -32.81
C ILE G 34 -0.11 18.58 -31.86
N ILE G 35 -1.17 19.25 -32.29
CA ILE G 35 -1.81 20.32 -31.53
C ILE G 35 -3.20 19.85 -31.11
N SER G 36 -3.48 19.91 -29.82
CA SER G 36 -4.81 19.59 -29.37
C SER G 36 -5.74 20.76 -29.63
N PRO G 37 -7.06 20.51 -29.78
CA PRO G 37 -7.98 21.63 -29.98
C PRO G 37 -8.01 22.62 -28.82
N SER G 38 -7.80 22.16 -27.57
CA SER G 38 -7.63 23.11 -26.47
C SER G 38 -6.37 23.96 -26.66
N ALA G 39 -5.28 23.35 -27.12
CA ALA G 39 -4.09 24.13 -27.46
C ALA G 39 -4.40 25.17 -28.53
N GLN G 40 -5.23 24.79 -29.52
CA GLN G 40 -5.55 25.72 -30.60
C GLN G 40 -6.28 26.94 -30.07
N LYS G 41 -7.11 26.76 -29.05
CA LYS G 41 -7.73 27.92 -28.39
C LYS G 41 -6.68 28.75 -27.67
N THR G 42 -5.73 28.09 -27.00
CA THR G 42 -4.69 28.80 -26.26
C THR G 42 -3.75 29.54 -27.21
N LEU G 43 -3.50 28.96 -28.40
CA LEU G 43 -2.72 29.67 -29.42
C LEU G 43 -3.35 31.01 -29.73
N TYR G 44 -4.68 31.08 -29.72
CA TYR G 44 -5.35 32.34 -30.04
C TYR G 44 -5.36 33.28 -28.83
N TYR G 45 -5.59 32.74 -27.63
CA TYR G 45 -5.68 33.61 -26.46
C TYR G 45 -4.33 34.17 -26.03
N GLU G 46 -3.22 33.50 -26.33
CA GLU G 46 -1.90 33.93 -25.86
C GLU G 46 -1.01 34.51 -26.94
N LEU G 47 -1.28 34.20 -28.22
CA LEU G 47 -0.42 34.67 -29.30
C LEU G 47 -1.19 35.32 -30.44
N ASP G 48 -2.51 35.45 -30.33
CA ASP G 48 -3.36 36.11 -31.30
C ASP G 48 -3.03 35.66 -32.72
N THR G 49 -3.15 34.35 -32.92
CA THR G 49 -3.12 33.77 -34.24
C THR G 49 -3.89 32.45 -34.19
N LYS G 50 -4.57 32.16 -35.29
CA LYS G 50 -5.21 30.86 -35.47
C LYS G 50 -4.33 29.88 -36.23
N SER G 51 -3.12 30.28 -36.63
CA SER G 51 -2.21 29.42 -37.37
C SER G 51 -0.94 29.20 -36.56
N PHE G 52 -0.67 27.94 -36.20
CA PHE G 52 0.60 27.67 -35.52
C PHE G 52 1.77 27.92 -36.44
N LEU G 53 1.61 27.71 -37.74
CA LEU G 53 2.77 27.89 -38.62
C LEU G 53 3.11 29.36 -38.80
N SER G 54 2.13 30.27 -38.66
CA SER G 54 2.34 31.70 -38.85
C SER G 54 3.33 32.23 -37.82
N THR G 55 3.77 31.31 -36.96
CA THR G 55 4.61 31.49 -35.80
C THR G 55 6.08 31.14 -36.07
N ILE G 56 6.32 30.19 -36.97
CA ILE G 56 7.66 29.71 -37.27
C ILE G 56 8.10 30.35 -38.58
N PRO G 57 9.36 30.80 -38.70
CA PRO G 57 9.81 31.36 -39.97
C PRO G 57 9.41 30.48 -41.14
N GLN G 58 8.91 31.11 -42.21
CA GLN G 58 8.39 30.36 -43.35
C GLN G 58 9.41 29.39 -43.91
N ASN G 59 10.71 29.70 -43.79
CA ASN G 59 11.70 28.82 -44.42
C ASN G 59 11.83 27.48 -43.71
N PHE G 60 11.41 27.39 -42.43
CA PHE G 60 11.50 26.15 -41.67
C PHE G 60 10.35 25.16 -41.93
N HIS G 61 9.31 25.56 -42.65
CA HIS G 61 8.07 24.78 -42.65
C HIS G 61 8.25 23.41 -43.29
N ASN G 62 9.17 23.27 -44.24
CA ASN G 62 9.48 21.97 -44.83
C ASN G 62 10.15 21.02 -43.84
N GLN G 63 10.42 21.44 -42.61
CA GLN G 63 10.91 20.55 -41.59
C GLN G 63 9.87 20.23 -40.52
N ILE G 64 8.62 20.68 -40.71
CA ILE G 64 7.57 20.53 -39.70
C ILE G 64 6.37 19.83 -40.36
N VAL G 65 5.83 18.82 -39.68
CA VAL G 65 4.63 18.11 -40.13
C VAL G 65 3.57 18.25 -39.04
N LEU G 66 2.39 18.74 -39.42
CA LEU G 66 1.29 18.86 -38.47
C LEU G 66 0.39 17.65 -38.61
N HIS G 67 0.08 17.00 -37.47
CA HIS G 67 -0.76 15.81 -37.45
C HIS G 67 -2.04 16.09 -36.67
N HIS G 68 -3.16 15.66 -37.23
CA HIS G 68 -4.44 15.84 -36.56
C HIS G 68 -4.52 14.98 -35.30
N ILE G 69 -5.02 15.57 -34.22
CA ILE G 69 -5.12 14.90 -32.93
C ILE G 69 -5.84 13.56 -33.02
N SER G 70 -6.71 13.38 -34.02
CA SER G 70 -7.52 12.18 -34.16
C SER G 70 -6.85 11.09 -34.99
N SER G 71 -5.63 11.32 -35.48
CA SER G 71 -4.98 10.37 -36.37
C SER G 71 -4.13 9.37 -35.57
N ILE G 72 -4.81 8.53 -34.79
CA ILE G 72 -4.09 7.43 -34.14
C ILE G 72 -3.65 6.36 -35.12
N GLU G 73 -4.09 6.42 -36.38
CA GLU G 73 -3.60 5.50 -37.41
C GLU G 73 -2.27 5.95 -38.00
N SER G 74 -1.70 7.07 -37.53
CA SER G 74 -0.70 7.80 -38.30
C SER G 74 0.71 7.26 -38.07
N SER G 75 1.68 7.93 -38.68
CA SER G 75 3.04 7.41 -38.81
C SER G 75 3.71 7.27 -37.44
N VAL G 76 3.63 8.33 -36.63
CA VAL G 76 4.32 8.39 -35.36
C VAL G 76 3.68 7.53 -34.28
N SER G 77 2.54 6.90 -34.58
CA SER G 77 1.78 6.11 -33.62
C SER G 77 2.29 4.67 -33.48
N SER G 78 3.21 4.24 -34.34
CA SER G 78 3.75 2.88 -34.30
C SER G 78 4.52 2.63 -33.00
N ILE G 83 11.08 9.93 -33.55
CA ILE G 83 11.63 8.92 -32.64
C ILE G 83 12.84 9.34 -31.80
N ASP G 84 13.40 10.54 -31.93
CA ASP G 84 14.54 10.86 -31.07
C ASP G 84 14.08 11.28 -29.68
N ALA G 85 13.08 12.14 -29.60
CA ALA G 85 12.50 12.41 -28.30
C ALA G 85 11.09 12.93 -28.53
N THR G 86 10.28 12.83 -27.49
CA THR G 86 8.90 13.26 -27.54
C THR G 86 8.72 14.28 -26.41
N ILE G 87 8.34 15.51 -26.77
CA ILE G 87 8.15 16.59 -25.83
C ILE G 87 6.67 16.97 -25.86
N ILE G 88 6.01 16.96 -24.71
CA ILE G 88 4.66 17.49 -24.60
C ILE G 88 4.78 18.83 -23.89
N VAL G 89 4.59 19.92 -24.63
CA VAL G 89 4.85 21.28 -24.15
C VAL G 89 3.90 22.30 -24.79
N PRO G 90 3.20 23.11 -23.97
CA PRO G 90 2.98 22.88 -22.54
C PRO G 90 2.08 21.67 -22.34
N CYS G 91 1.95 21.17 -21.10
CA CYS G 91 1.19 19.96 -20.85
C CYS G 91 0.14 20.25 -19.80
N SER G 92 -1.13 20.09 -20.16
CA SER G 92 -2.20 20.26 -19.18
C SER G 92 -2.19 19.10 -18.18
N VAL G 93 -2.80 19.34 -17.01
CA VAL G 93 -2.91 18.24 -16.05
C VAL G 93 -3.90 17.18 -16.52
N ALA G 94 -4.85 17.54 -17.39
CA ALA G 94 -5.72 16.52 -17.96
C ALA G 94 -4.92 15.56 -18.84
N THR G 95 -3.97 16.09 -19.61
CA THR G 95 -3.16 15.21 -20.44
C THR G 95 -2.13 14.44 -19.60
N VAL G 96 -1.58 15.09 -18.55
CA VAL G 96 -0.77 14.35 -17.57
C VAL G 96 -1.55 13.12 -17.05
N ALA G 97 -2.79 13.35 -16.63
CA ALA G 97 -3.61 12.27 -16.11
C ALA G 97 -3.81 11.17 -17.15
N ALA G 98 -4.14 11.54 -18.39
CA ALA G 98 -4.36 10.55 -19.45
C ALA G 98 -3.13 9.69 -19.68
N ILE G 99 -1.96 10.33 -19.81
CA ILE G 99 -0.71 9.59 -19.99
C ILE G 99 -0.40 8.73 -18.77
N SER G 100 -0.66 9.25 -17.57
CA SER G 100 -0.32 8.45 -16.38
C SER G 100 -1.22 7.22 -16.27
N CYS G 101 -2.45 7.30 -16.81
CA CYS G 101 -3.36 6.16 -16.85
C CYS G 101 -3.07 5.20 -18.00
N GLY G 102 -2.28 5.62 -18.98
CA GLY G 102 -2.19 4.87 -20.22
C GLY G 102 -3.36 5.05 -21.17
N LEU G 103 -4.12 6.13 -21.00
CA LEU G 103 -5.34 6.39 -21.77
C LEU G 103 -4.97 7.00 -23.12
N ALA G 104 -4.46 6.16 -24.01
CA ALA G 104 -3.84 6.61 -25.26
C ALA G 104 -4.86 6.68 -26.41
N ASP G 105 -5.92 7.47 -26.24
CA ASP G 105 -7.07 7.44 -27.14
C ASP G 105 -7.16 8.66 -28.05
N ASN G 106 -6.10 9.45 -28.15
CA ASN G 106 -5.93 10.42 -29.23
C ASN G 106 -4.44 10.41 -29.58
N LEU G 107 -4.06 11.16 -30.60
CA LEU G 107 -2.70 10.99 -31.11
C LEU G 107 -1.67 11.58 -30.15
N LEU G 108 -1.97 12.72 -29.54
CA LEU G 108 -1.05 13.30 -28.58
C LEU G 108 -0.80 12.34 -27.42
N ARG G 109 -1.86 11.77 -26.85
CA ARG G 109 -1.67 10.83 -25.75
C ARG G 109 -0.94 9.57 -26.20
N ARG G 110 -1.16 9.15 -27.44
CA ARG G 110 -0.56 7.89 -27.89
C ARG G 110 0.94 8.01 -28.15
N VAL G 111 1.40 9.12 -28.75
CA VAL G 111 2.84 9.25 -28.96
C VAL G 111 3.60 9.22 -27.63
N ALA G 112 3.01 9.81 -26.59
CA ALA G 112 3.64 9.75 -25.28
C ALA G 112 3.64 8.33 -24.73
N ASP G 113 2.51 7.63 -24.84
CA ASP G 113 2.45 6.26 -24.38
C ASP G 113 3.47 5.41 -25.12
N VAL G 114 3.61 5.62 -26.43
CA VAL G 114 4.57 4.87 -27.22
C VAL G 114 5.98 5.11 -26.72
N ALA G 115 6.31 6.36 -26.40
CA ALA G 115 7.64 6.67 -25.87
C ALA G 115 7.91 5.91 -24.58
N LEU G 116 6.91 5.86 -23.68
CA LEU G 116 7.11 5.13 -22.43
C LEU G 116 7.27 3.63 -22.68
N LYS G 117 6.46 3.06 -23.57
CA LYS G 117 6.56 1.62 -23.76
C LYS G 117 7.80 1.23 -24.57
N GLU G 118 8.45 2.16 -25.27
CA GLU G 118 9.67 1.81 -25.98
C GLU G 118 10.93 2.34 -25.28
N LYS G 119 10.80 2.92 -24.09
CA LYS G 119 11.91 3.52 -23.33
C LYS G 119 12.64 4.59 -24.15
N ARG G 120 11.88 5.43 -24.82
CA ARG G 120 12.48 6.54 -25.53
C ARG G 120 12.18 7.81 -24.76
N PRO G 121 13.00 8.85 -24.93
CA PRO G 121 12.82 10.06 -24.11
C PRO G 121 11.41 10.63 -24.22
N LEU G 122 10.80 10.86 -23.07
CA LEU G 122 9.55 11.58 -22.94
C LEU G 122 9.77 12.74 -21.98
N ILE G 123 9.66 13.96 -22.48
CA ILE G 123 9.75 15.15 -21.63
C ILE G 123 8.36 15.76 -21.55
N LEU G 124 7.86 15.92 -20.34
CA LEU G 124 6.59 16.59 -20.09
C LEU G 124 6.84 17.94 -19.44
N VAL G 125 6.14 18.97 -19.90
CA VAL G 125 6.27 20.31 -19.31
C VAL G 125 4.92 20.67 -18.70
N PRO G 126 4.56 20.06 -17.56
CA PRO G 126 3.25 20.33 -16.98
C PRO G 126 3.17 21.72 -16.39
N ARG G 127 2.05 22.39 -16.65
CA ARG G 127 1.82 23.73 -16.13
C ARG G 127 0.46 23.74 -15.44
N GLU G 128 0.46 23.99 -14.14
CA GLU G 128 -0.76 24.13 -13.34
C GLU G 128 -0.37 24.59 -11.95
N ALA G 129 -1.25 25.36 -11.32
CA ALA G 129 -1.02 25.81 -9.94
C ALA G 129 -2.33 26.17 -9.27
N PRO G 130 -2.53 25.75 -8.01
CA PRO G 130 -1.73 24.77 -7.27
C PRO G 130 -1.76 23.41 -7.95
N LEU G 131 -0.80 22.56 -7.62
CA LEU G 131 -0.88 21.14 -7.95
C LEU G 131 -1.51 20.41 -6.77
N SER G 132 -2.69 19.84 -6.99
CA SER G 132 -3.38 19.06 -5.98
C SER G 132 -2.72 17.69 -5.82
N ALA G 133 -3.20 16.95 -4.80
CA ALA G 133 -2.73 15.58 -4.56
C ALA G 133 -3.01 14.67 -5.75
N ILE G 134 -4.15 14.88 -6.42
CA ILE G 134 -4.46 14.08 -7.60
C ILE G 134 -3.41 14.28 -8.69
N HIS G 135 -3.06 15.55 -8.98
CA HIS G 135 -2.09 15.80 -10.04
C HIS G 135 -0.71 15.31 -9.66
N LEU G 136 -0.33 15.46 -8.39
CA LEU G 136 0.99 15.02 -7.95
C LEU G 136 1.12 13.50 -8.00
N GLU G 137 0.04 12.78 -7.65
CA GLU G 137 0.08 11.33 -7.81
C GLU G 137 0.34 10.94 -9.26
N ASN G 138 -0.34 11.58 -10.23
CA ASN G 138 -0.09 11.20 -11.62
C ASN G 138 1.32 11.56 -12.05
N LEU G 139 1.84 12.71 -11.60
CA LEU G 139 3.20 13.16 -11.97
C LEU G 139 4.22 12.17 -11.41
N LEU G 140 4.06 11.77 -10.15
CA LEU G 140 4.93 10.78 -9.53
C LEU G 140 4.94 9.47 -10.32
N LYS G 141 3.76 8.96 -10.66
CA LYS G 141 3.70 7.73 -11.47
C LYS G 141 4.47 7.87 -12.78
N LEU G 142 4.36 9.00 -13.45
CA LEU G 142 5.10 9.20 -14.70
C LEU G 142 6.60 9.26 -14.46
N ALA G 143 7.06 10.06 -13.47
CA ALA G 143 8.50 10.07 -13.12
C ALA G 143 9.02 8.66 -12.87
N GLN G 144 8.23 7.84 -12.17
CA GLN G 144 8.65 6.49 -11.83
C GLN G 144 8.74 5.59 -13.06
N ASN G 145 7.95 5.90 -14.09
CA ASN G 145 8.00 5.19 -15.35
C ASN G 145 8.92 5.85 -16.37
N GLY G 146 9.70 6.84 -15.94
CA GLY G 146 10.80 7.35 -16.73
C GLY G 146 10.54 8.61 -17.53
N ALA G 147 9.37 9.21 -17.44
CA ALA G 147 9.13 10.49 -18.08
C ALA G 147 9.90 11.57 -17.33
N VAL G 148 10.46 12.52 -18.06
CA VAL G 148 11.14 13.65 -17.45
C VAL G 148 10.10 14.72 -17.13
N ILE G 149 9.93 15.01 -15.85
CA ILE G 149 8.93 15.96 -15.37
C ILE G 149 9.60 17.32 -15.23
N LEU G 150 9.28 18.25 -16.14
CA LEU G 150 9.97 19.54 -16.25
C LEU G 150 8.93 20.66 -16.25
N PRO G 151 8.42 21.03 -15.07
CA PRO G 151 7.53 22.17 -15.02
C PRO G 151 8.27 23.42 -15.47
N PRO G 152 7.57 24.37 -16.12
CA PRO G 152 8.28 25.53 -16.68
C PRO G 152 8.57 26.58 -15.63
N MET G 153 9.70 26.52 -14.96
CA MET G 153 9.85 27.47 -13.89
C MET G 153 10.98 28.46 -14.15
N PRO G 154 10.73 29.74 -13.95
CA PRO G 154 11.73 30.76 -14.30
C PRO G 154 13.04 30.45 -13.58
N ILE G 155 14.14 30.67 -14.28
CA ILE G 155 15.43 30.31 -13.71
C ILE G 155 16.04 31.44 -12.86
N TRP G 156 15.79 32.70 -13.19
CA TRP G 156 16.12 33.84 -12.31
C TRP G 156 17.59 34.04 -11.95
N TYR G 157 18.37 32.98 -11.72
CA TYR G 157 19.79 33.28 -11.48
C TYR G 157 20.52 33.62 -12.78
N PHE G 158 19.83 33.53 -13.92
CA PHE G 158 20.26 34.14 -15.17
C PHE G 158 19.80 35.59 -15.28
N LYS G 159 19.14 36.14 -14.25
CA LYS G 159 18.70 37.52 -14.20
C LYS G 159 17.97 37.93 -15.48
N PRO G 160 16.81 37.33 -15.77
CA PRO G 160 16.06 37.71 -16.96
C PRO G 160 15.49 39.12 -16.84
N GLN G 161 15.35 39.79 -17.99
CA GLN G 161 14.72 41.09 -18.04
C GLN G 161 13.37 41.09 -18.73
N THR G 162 13.25 40.31 -19.80
CA THR G 162 12.00 40.24 -20.53
C THR G 162 11.29 38.93 -20.22
N ALA G 163 9.96 38.98 -20.35
CA ALA G 163 9.17 37.75 -20.41
C ALA G 163 9.77 36.77 -21.40
N GLU G 164 10.22 37.29 -22.56
CA GLU G 164 10.83 36.45 -23.58
C GLU G 164 12.11 35.77 -23.07
N ASP G 165 12.92 36.51 -22.29
CA ASP G 165 14.07 35.89 -21.62
C ASP G 165 13.65 34.68 -20.79
N ILE G 166 12.56 34.81 -20.03
CA ILE G 166 12.17 33.72 -19.15
C ILE G 166 11.76 32.49 -19.95
N ALA G 167 10.96 32.69 -21.00
CA ALA G 167 10.58 31.57 -21.85
C ALA G 167 11.79 30.95 -22.54
N ASN G 168 12.74 31.79 -22.98
CA ASN G 168 13.95 31.29 -23.66
C ASN G 168 14.80 30.40 -22.77
N ASP G 169 15.01 30.81 -21.51
CA ASP G 169 15.83 30.01 -20.59
C ASP G 169 15.13 28.69 -20.27
N ILE G 170 13.81 28.73 -20.10
CA ILE G 170 13.04 27.49 -19.92
C ILE G 170 13.24 26.54 -21.12
N VAL G 171 13.16 27.07 -22.35
CA VAL G 171 13.33 26.21 -23.53
C VAL G 171 14.77 25.72 -23.62
N GLY G 172 15.73 26.57 -23.24
CA GLY G 172 17.12 26.12 -23.14
C GLY G 172 17.29 24.91 -22.23
N LYS G 173 16.52 24.86 -21.14
CA LYS G 173 16.59 23.69 -20.27
C LYS G 173 16.10 22.44 -20.98
N ILE G 174 15.01 22.55 -21.75
CA ILE G 174 14.54 21.47 -22.61
C ILE G 174 15.63 21.06 -23.59
N LEU G 175 16.22 22.05 -24.28
CA LEU G 175 17.27 21.76 -25.24
C LEU G 175 18.46 21.06 -24.59
N ALA G 176 18.77 21.43 -23.35
CA ALA G 176 19.88 20.79 -22.65
C ALA G 176 19.54 19.33 -22.30
N ILE G 177 18.29 19.03 -21.96
CA ILE G 177 17.91 17.65 -21.71
C ILE G 177 17.94 16.84 -23.00
N LEU G 178 17.66 17.45 -24.15
CA LEU G 178 17.82 16.77 -25.43
C LEU G 178 19.28 16.68 -25.85
N GLN G 179 20.18 17.22 -25.03
CA GLN G 179 21.63 17.22 -25.27
C GLN G 179 21.95 17.71 -26.67
N LEU G 180 21.33 18.83 -27.01
CA LEU G 180 21.70 19.62 -28.16
C LEU G 180 22.29 20.92 -27.66
N ASP G 181 23.36 21.37 -28.30
CA ASP G 181 23.88 22.69 -28.04
C ASP G 181 23.01 23.73 -28.72
N SER G 182 22.85 24.86 -28.05
CA SER G 182 21.99 25.90 -28.59
C SER G 182 22.31 27.19 -27.87
N PRO G 183 22.28 28.32 -28.57
CA PRO G 183 22.44 29.60 -27.87
C PRO G 183 21.45 29.79 -26.74
N LEU G 184 20.28 29.15 -26.80
CA LEU G 184 19.27 29.36 -25.78
C LEU G 184 19.69 28.82 -24.42
N ILE G 185 20.75 28.00 -24.36
CA ILE G 185 21.21 27.35 -23.14
C ILE G 185 22.27 28.21 -22.46
N LYS G 186 22.15 28.39 -21.15
CA LYS G 186 23.12 29.17 -20.39
C LYS G 186 23.85 28.33 -19.33
N MET H 1 -38.04 -24.50 -3.48
CA MET H 1 -37.88 -23.59 -2.35
C MET H 1 -36.40 -23.25 -2.14
N LYS H 2 -36.08 -21.97 -2.18
CA LYS H 2 -34.77 -21.51 -1.77
C LYS H 2 -34.84 -21.04 -0.32
N ARG H 3 -33.67 -20.77 0.26
CA ARG H 3 -33.57 -20.40 1.67
C ARG H 3 -32.74 -19.13 1.79
N TYR H 4 -33.35 -18.08 2.31
CA TYR H 4 -32.72 -16.79 2.41
C TYR H 4 -32.58 -16.38 3.87
N VAL H 5 -31.57 -15.57 4.13
CA VAL H 5 -31.39 -14.88 5.40
C VAL H 5 -31.47 -13.39 5.13
N VAL H 6 -32.36 -12.72 5.85
CA VAL H 6 -32.51 -11.27 5.78
C VAL H 6 -32.16 -10.72 7.16
N GLY H 7 -31.08 -9.95 7.23
CA GLY H 7 -30.76 -9.17 8.42
C GLY H 7 -31.25 -7.75 8.23
N ILE H 8 -31.89 -7.24 9.27
CA ILE H 8 -32.48 -5.90 9.23
C ILE H 8 -31.74 -5.08 10.27
N SER H 9 -30.91 -4.16 9.79
CA SER H 9 -30.06 -3.35 10.64
C SER H 9 -30.60 -1.91 10.68
N GLY H 10 -30.15 -1.14 11.67
CA GLY H 10 -30.89 0.04 12.06
C GLY H 10 -30.81 1.29 11.19
N ALA H 11 -30.58 1.16 9.90
CA ALA H 11 -30.61 2.36 9.07
C ALA H 11 -32.04 2.64 8.59
N SER H 12 -32.25 3.83 8.04
CA SER H 12 -33.56 4.19 7.51
C SER H 12 -33.90 3.35 6.27
N GLY H 13 -35.18 3.04 6.11
CA GLY H 13 -35.65 2.32 4.94
C GLY H 13 -36.05 0.88 5.20
N ILE H 14 -36.66 0.62 6.35
CA ILE H 14 -37.03 -0.73 6.71
C ILE H 14 -38.24 -1.21 5.88
N VAL H 15 -38.98 -0.30 5.25
CA VAL H 15 -39.96 -0.69 4.23
C VAL H 15 -39.31 -1.57 3.17
N LEU H 16 -38.03 -1.36 2.85
CA LEU H 16 -37.35 -2.21 1.90
C LEU H 16 -37.29 -3.65 2.39
N ALA H 17 -37.01 -3.84 3.68
CA ALA H 17 -36.92 -5.21 4.20
C ALA H 17 -38.30 -5.85 4.26
N VAL H 18 -39.31 -5.09 4.65
CA VAL H 18 -40.70 -5.58 4.65
C VAL H 18 -41.07 -6.05 3.25
N THR H 19 -40.81 -5.22 2.25
CA THR H 19 -41.16 -5.56 0.87
C THR H 19 -40.38 -6.77 0.37
N LEU H 20 -39.09 -6.85 0.72
CA LEU H 20 -38.29 -7.96 0.20
C LEU H 20 -38.72 -9.30 0.80
N VAL H 21 -38.91 -9.37 2.12
CA VAL H 21 -39.26 -10.66 2.71
C VAL H 21 -40.66 -11.08 2.28
N SER H 22 -41.58 -10.13 2.10
CA SER H 22 -42.92 -10.46 1.63
C SER H 22 -42.87 -11.10 0.25
N GLU H 23 -42.01 -10.58 -0.64
CA GLU H 23 -41.95 -11.11 -1.98
C GLU H 23 -41.21 -12.45 -2.02
N LEU H 24 -40.17 -12.62 -1.20
CA LEU H 24 -39.49 -13.91 -1.12
C LEU H 24 -40.46 -15.01 -0.69
N ALA H 25 -41.34 -14.71 0.26
CA ALA H 25 -42.32 -15.70 0.72
C ALA H 25 -43.37 -15.97 -0.35
N ARG H 26 -43.80 -14.92 -1.06
CA ARG H 26 -44.80 -15.08 -2.11
C ARG H 26 -44.33 -16.06 -3.19
N LEU H 27 -43.05 -15.94 -3.58
CA LEU H 27 -42.41 -16.82 -4.54
C LEU H 27 -42.24 -18.25 -4.03
N GLY H 28 -42.50 -18.48 -2.74
CA GLY H 28 -42.49 -19.80 -2.18
C GLY H 28 -41.26 -20.18 -1.39
N HIS H 29 -40.45 -19.19 -0.98
CA HIS H 29 -39.18 -19.47 -0.34
C HIS H 29 -39.29 -19.35 1.18
N HIS H 30 -38.19 -19.65 1.85
CA HIS H 30 -38.07 -19.61 3.29
C HIS H 30 -37.11 -18.49 3.65
N ILE H 31 -37.44 -17.74 4.72
CA ILE H 31 -36.63 -16.60 5.12
C ILE H 31 -36.39 -16.66 6.62
N ASP H 32 -35.11 -16.71 7.01
CA ASP H 32 -34.69 -16.45 8.38
C ASP H 32 -34.38 -14.96 8.53
N VAL H 33 -35.06 -14.29 9.45
CA VAL H 33 -35.00 -12.83 9.61
C VAL H 33 -34.34 -12.49 10.94
N ILE H 34 -33.43 -11.51 10.93
CA ILE H 34 -32.76 -11.02 12.14
C ILE H 34 -32.89 -9.49 12.20
N ILE H 35 -33.51 -9.00 13.27
CA ILE H 35 -33.75 -7.56 13.50
C ILE H 35 -32.81 -7.09 14.59
N SER H 36 -32.00 -6.08 14.30
CA SER H 36 -31.19 -5.50 15.35
C SER H 36 -32.10 -4.72 16.30
N PRO H 37 -31.65 -4.47 17.53
CA PRO H 37 -32.41 -3.55 18.40
C PRO H 37 -32.64 -2.20 17.74
N SER H 38 -31.64 -1.66 17.05
CA SER H 38 -31.82 -0.39 16.37
C SER H 38 -32.84 -0.51 15.24
N ALA H 39 -32.86 -1.64 14.52
CA ALA H 39 -33.87 -1.81 13.49
C ALA H 39 -35.26 -1.86 14.10
N GLN H 40 -35.39 -2.48 15.27
CA GLN H 40 -36.70 -2.51 15.94
C GLN H 40 -37.19 -1.09 16.24
N LYS H 41 -36.31 -0.23 16.79
CA LYS H 41 -36.67 1.17 16.98
C LYS H 41 -37.08 1.82 15.65
N THR H 42 -36.30 1.56 14.60
CA THR H 42 -36.58 2.13 13.28
C THR H 42 -37.92 1.65 12.71
N LEU H 43 -38.26 0.38 12.98
CA LEU H 43 -39.58 -0.13 12.61
C LEU H 43 -40.68 0.75 13.19
N TYR H 44 -40.56 1.10 14.47
CA TYR H 44 -41.57 1.91 15.14
C TYR H 44 -41.62 3.32 14.56
N TYR H 45 -40.47 3.94 14.28
CA TYR H 45 -40.52 5.33 13.82
C TYR H 45 -40.95 5.43 12.36
N GLU H 46 -40.67 4.42 11.54
CA GLU H 46 -40.96 4.51 10.11
C GLU H 46 -42.26 3.83 9.71
N LEU H 47 -42.66 2.77 10.40
CA LEU H 47 -43.86 2.03 10.04
C LEU H 47 -44.89 2.00 11.16
N ASP H 48 -44.54 2.54 12.34
CA ASP H 48 -45.46 2.73 13.47
C ASP H 48 -46.04 1.42 13.98
N THR H 49 -45.15 0.43 14.09
CA THR H 49 -45.44 -0.84 14.74
C THR H 49 -44.18 -1.30 15.44
N LYS H 50 -44.37 -2.12 16.47
CA LYS H 50 -43.27 -2.79 17.15
C LYS H 50 -43.22 -4.28 16.78
N SER H 51 -44.04 -4.72 15.85
CA SER H 51 -44.02 -6.10 15.36
C SER H 51 -43.73 -6.10 13.86
N PHE H 52 -42.55 -6.57 13.49
CA PHE H 52 -42.23 -6.74 12.08
C PHE H 52 -43.21 -7.70 11.40
N LEU H 53 -43.56 -8.79 12.08
CA LEU H 53 -44.50 -9.75 11.49
C LEU H 53 -45.84 -9.12 11.14
N SER H 54 -46.23 -8.01 11.78
CA SER H 54 -47.53 -7.40 11.46
C SER H 54 -47.54 -6.78 10.07
N THR H 55 -46.37 -6.57 9.49
CA THR H 55 -46.17 -5.95 8.19
C THR H 55 -46.27 -6.93 7.02
N ILE H 56 -46.31 -8.23 7.29
CA ILE H 56 -46.33 -9.28 6.28
C ILE H 56 -47.63 -10.07 6.40
N PRO H 57 -48.28 -10.43 5.30
CA PRO H 57 -49.54 -11.20 5.41
C PRO H 57 -49.35 -12.48 6.22
N GLN H 58 -50.31 -12.76 7.09
CA GLN H 58 -50.20 -13.90 8.00
C GLN H 58 -50.07 -15.21 7.22
N ASN H 59 -50.67 -15.27 6.05
CA ASN H 59 -50.48 -16.32 5.05
C ASN H 59 -49.03 -16.83 5.02
N PHE H 60 -48.07 -15.92 5.16
CA PHE H 60 -46.66 -16.21 4.93
C PHE H 60 -45.85 -16.50 6.20
N HIS H 61 -46.45 -16.40 7.39
CA HIS H 61 -45.64 -16.46 8.61
C HIS H 61 -44.99 -17.83 8.79
N ASN H 62 -45.65 -18.90 8.34
CA ASN H 62 -45.10 -20.25 8.41
C ASN H 62 -43.81 -20.40 7.61
N GLN H 63 -43.48 -19.44 6.74
CA GLN H 63 -42.25 -19.47 5.96
C GLN H 63 -41.14 -18.57 6.53
N ILE H 64 -41.33 -18.04 7.74
CA ILE H 64 -40.43 -17.03 8.29
C ILE H 64 -40.06 -17.40 9.72
N VAL H 65 -38.77 -17.39 10.03
CA VAL H 65 -38.28 -17.56 11.40
C VAL H 65 -37.57 -16.28 11.80
N LEU H 66 -38.07 -15.63 12.85
CA LEU H 66 -37.36 -14.53 13.50
C LEU H 66 -36.29 -15.09 14.40
N HIS H 67 -35.07 -14.61 14.25
CA HIS H 67 -33.98 -15.00 15.14
C HIS H 67 -33.58 -13.80 15.98
N HIS H 68 -33.39 -14.04 17.28
CA HIS H 68 -32.91 -12.97 18.15
C HIS H 68 -31.44 -12.66 17.85
N ILE H 69 -31.08 -11.38 17.98
CA ILE H 69 -29.81 -10.86 17.49
C ILE H 69 -28.61 -11.49 18.21
N SER H 70 -28.83 -11.99 19.44
CA SER H 70 -27.76 -12.58 20.24
C SER H 70 -27.60 -14.09 20.07
N SER H 71 -28.48 -14.76 19.30
CA SER H 71 -28.44 -16.21 19.15
C SER H 71 -27.37 -16.61 18.14
N ILE H 72 -26.10 -16.47 18.54
CA ILE H 72 -25.02 -16.92 17.69
C ILE H 72 -24.90 -18.44 17.63
N GLU H 73 -25.69 -19.15 18.44
CA GLU H 73 -25.80 -20.60 18.38
C GLU H 73 -26.86 -21.07 17.39
N SER H 74 -27.57 -20.14 16.76
CA SER H 74 -28.65 -20.46 15.85
C SER H 74 -28.17 -21.32 14.68
N SER H 75 -29.13 -21.94 13.99
CA SER H 75 -28.81 -22.80 12.86
C SER H 75 -28.16 -22.02 11.73
N VAL H 76 -28.58 -20.75 11.53
CA VAL H 76 -28.04 -19.95 10.44
C VAL H 76 -26.72 -19.28 10.80
N SER H 77 -26.21 -19.52 12.01
CA SER H 77 -24.89 -19.05 12.40
C SER H 77 -23.77 -20.01 11.97
N SER H 78 -24.11 -21.14 11.37
CA SER H 78 -23.11 -22.11 10.90
C SER H 78 -23.12 -22.18 9.38
N GLY H 79 -21.97 -22.52 8.81
CA GLY H 79 -21.87 -22.73 7.38
C GLY H 79 -22.20 -24.15 6.92
N SER H 80 -22.49 -25.08 7.83
CA SER H 80 -22.93 -26.40 7.39
C SER H 80 -24.37 -26.41 6.91
N ASN H 81 -25.16 -25.36 7.17
CA ASN H 81 -26.56 -25.27 6.76
C ASN H 81 -26.64 -24.34 5.56
N THR H 82 -26.84 -24.91 4.37
CA THR H 82 -26.65 -24.15 3.13
C THR H 82 -27.77 -23.11 2.94
N ILE H 83 -27.35 -21.86 2.72
CA ILE H 83 -28.24 -20.72 2.51
C ILE H 83 -28.03 -20.24 1.08
N ASP H 84 -29.14 -19.92 0.38
CA ASP H 84 -29.00 -19.48 -1.01
C ASP H 84 -28.52 -18.04 -1.12
N ALA H 85 -28.98 -17.15 -0.25
CA ALA H 85 -28.47 -15.79 -0.26
C ALA H 85 -28.73 -15.13 1.09
N THR H 86 -27.89 -14.14 1.39
CA THR H 86 -27.96 -13.36 2.62
C THR H 86 -27.99 -11.88 2.29
N ILE H 87 -29.01 -11.19 2.79
CA ILE H 87 -29.31 -9.80 2.45
C ILE H 87 -29.37 -9.03 3.76
N ILE H 88 -28.53 -8.00 3.90
CA ILE H 88 -28.65 -7.09 5.03
C ILE H 88 -29.30 -5.80 4.51
N VAL H 89 -30.54 -5.56 4.96
CA VAL H 89 -31.33 -4.47 4.42
C VAL H 89 -32.32 -3.91 5.46
N PRO H 90 -32.31 -2.58 5.68
CA PRO H 90 -31.22 -1.69 5.27
C PRO H 90 -29.99 -2.00 6.09
N CYS H 91 -28.84 -1.42 5.75
CA CYS H 91 -27.58 -1.75 6.40
C CYS H 91 -26.93 -0.47 6.91
N SER H 92 -26.82 -0.35 8.23
CA SER H 92 -26.17 0.83 8.80
C SER H 92 -24.67 0.81 8.49
N VAL H 93 -24.05 2.00 8.52
CA VAL H 93 -22.61 2.01 8.28
C VAL H 93 -21.88 1.34 9.44
N ALA H 94 -22.48 1.35 10.63
CA ALA H 94 -21.90 0.63 11.77
C ALA H 94 -21.82 -0.86 11.50
N THR H 95 -22.93 -1.46 11.00
CA THR H 95 -22.86 -2.87 10.63
C THR H 95 -21.95 -3.09 9.41
N VAL H 96 -21.90 -2.15 8.48
CA VAL H 96 -20.90 -2.22 7.41
C VAL H 96 -19.51 -2.32 8.02
N ALA H 97 -19.21 -1.43 8.95
CA ALA H 97 -17.92 -1.44 9.63
C ALA H 97 -17.65 -2.78 10.27
N ALA H 98 -18.65 -3.30 11.01
CA ALA H 98 -18.49 -4.58 11.70
C ALA H 98 -18.13 -5.70 10.73
N ILE H 99 -18.93 -5.85 9.68
CA ILE H 99 -18.74 -6.94 8.72
C ILE H 99 -17.40 -6.79 8.01
N SER H 100 -17.04 -5.55 7.63
CA SER H 100 -15.77 -5.36 6.94
C SER H 100 -14.58 -5.66 7.86
N CYS H 101 -14.74 -5.49 9.18
CA CYS H 101 -13.68 -5.88 10.10
C CYS H 101 -13.68 -7.38 10.45
N GLY H 102 -14.75 -8.11 10.13
CA GLY H 102 -14.88 -9.49 10.58
C GLY H 102 -15.35 -9.61 12.02
N LEU H 103 -15.92 -8.53 12.57
CA LEU H 103 -16.40 -8.48 13.94
C LEU H 103 -17.78 -9.14 14.01
N ALA H 104 -17.76 -10.47 13.95
CA ALA H 104 -18.95 -11.30 13.88
C ALA H 104 -19.49 -11.60 15.26
N ASP H 105 -19.74 -10.58 16.09
CA ASP H 105 -20.05 -10.83 17.49
C ASP H 105 -21.54 -10.69 17.81
N ASN H 106 -22.39 -10.73 16.81
CA ASN H 106 -23.82 -10.92 17.02
C ASN H 106 -24.33 -11.69 15.80
N LEU H 107 -25.59 -12.12 15.85
CA LEU H 107 -26.08 -13.04 14.82
C LEU H 107 -26.20 -12.35 13.46
N LEU H 108 -26.53 -11.07 13.42
CA LEU H 108 -26.65 -10.38 12.14
C LEU H 108 -25.27 -10.21 11.48
N ARG H 109 -24.26 -9.86 12.27
CA ARG H 109 -22.90 -9.74 11.73
C ARG H 109 -22.33 -11.10 11.38
N ARG H 110 -22.58 -12.10 12.23
CA ARG H 110 -22.13 -13.46 11.98
C ARG H 110 -22.67 -14.01 10.66
N VAL H 111 -23.94 -13.77 10.41
CA VAL H 111 -24.60 -14.30 9.22
C VAL H 111 -23.96 -13.72 7.96
N ALA H 112 -23.45 -12.51 8.03
CA ALA H 112 -22.73 -11.92 6.90
C ALA H 112 -21.33 -12.49 6.76
N ASP H 113 -20.61 -12.64 7.87
CA ASP H 113 -19.30 -13.30 7.82
C ASP H 113 -19.42 -14.71 7.22
N VAL H 114 -20.49 -15.44 7.57
CA VAL H 114 -20.64 -16.81 7.09
C VAL H 114 -20.81 -16.83 5.58
N ALA H 115 -21.60 -15.90 5.04
CA ALA H 115 -21.74 -15.80 3.59
C ALA H 115 -20.39 -15.53 2.94
N LEU H 116 -19.62 -14.60 3.50
CA LEU H 116 -18.33 -14.28 2.90
C LEU H 116 -17.38 -15.47 2.94
N LYS H 117 -17.33 -16.18 4.08
CA LYS H 117 -16.37 -17.28 4.18
C LYS H 117 -16.79 -18.47 3.35
N GLU H 118 -18.09 -18.65 3.11
CA GLU H 118 -18.52 -19.76 2.26
C GLU H 118 -18.69 -19.33 0.80
N LYS H 119 -18.41 -18.08 0.45
CA LYS H 119 -18.47 -17.62 -0.94
C LYS H 119 -19.87 -17.81 -1.50
N ARG H 120 -20.88 -17.54 -0.65
CA ARG H 120 -22.29 -17.51 -0.97
C ARG H 120 -22.76 -16.06 -0.99
N PRO H 121 -23.82 -15.75 -1.73
CA PRO H 121 -24.10 -14.34 -2.02
C PRO H 121 -24.46 -13.56 -0.77
N LEU H 122 -23.92 -12.34 -0.70
CA LEU H 122 -24.16 -11.41 0.38
C LEU H 122 -24.49 -10.09 -0.28
N ILE H 123 -25.72 -9.62 -0.10
CA ILE H 123 -26.21 -8.34 -0.59
C ILE H 123 -26.30 -7.41 0.60
N LEU H 124 -25.57 -6.30 0.54
CA LEU H 124 -25.64 -5.25 1.55
C LEU H 124 -26.34 -4.04 0.93
N VAL H 125 -27.31 -3.49 1.66
CA VAL H 125 -28.05 -2.32 1.20
C VAL H 125 -27.70 -1.16 2.13
N PRO H 126 -26.49 -0.60 2.01
CA PRO H 126 -26.06 0.45 2.94
C PRO H 126 -26.75 1.76 2.62
N ARG H 127 -27.30 2.39 3.65
CA ARG H 127 -27.97 3.67 3.54
C ARG H 127 -27.27 4.62 4.50
N GLU H 128 -26.72 5.71 3.95
CA GLU H 128 -26.02 6.75 4.71
C GLU H 128 -25.57 7.83 3.75
N ALA H 129 -25.63 9.09 4.16
CA ALA H 129 -25.30 10.21 3.30
C ALA H 129 -24.94 11.42 4.17
N PRO H 130 -23.81 12.09 3.91
CA PRO H 130 -22.67 11.77 3.04
C PRO H 130 -22.00 10.49 3.48
N LEU H 131 -21.19 9.91 2.59
CA LEU H 131 -20.33 8.78 2.93
C LEU H 131 -18.93 9.32 3.13
N SER H 132 -18.42 9.24 4.37
CA SER H 132 -17.05 9.65 4.66
C SER H 132 -16.07 8.68 4.03
N ALA H 133 -14.79 9.07 4.06
CA ALA H 133 -13.71 8.20 3.61
C ALA H 133 -13.62 6.94 4.46
N ILE H 134 -13.97 7.03 5.74
CA ILE H 134 -14.01 5.84 6.59
C ILE H 134 -15.04 4.84 6.07
N HIS H 135 -16.24 5.33 5.75
CA HIS H 135 -17.28 4.42 5.29
C HIS H 135 -16.97 3.88 3.90
N LEU H 136 -16.45 4.73 3.02
CA LEU H 136 -16.11 4.27 1.67
C LEU H 136 -15.06 3.16 1.69
N GLU H 137 -14.08 3.26 2.59
CA GLU H 137 -13.04 2.25 2.62
C GLU H 137 -13.59 0.91 3.07
N ASN H 138 -14.50 0.90 4.05
CA ASN H 138 -15.10 -0.35 4.47
C ASN H 138 -15.93 -0.96 3.36
N LEU H 139 -16.70 -0.12 2.65
CA LEU H 139 -17.50 -0.61 1.52
C LEU H 139 -16.60 -1.16 0.42
N LEU H 140 -15.49 -0.46 0.14
CA LEU H 140 -14.50 -0.95 -0.82
C LEU H 140 -13.99 -2.33 -0.41
N LYS H 141 -13.59 -2.47 0.85
CA LYS H 141 -13.04 -3.74 1.29
C LYS H 141 -14.06 -4.86 1.14
N LEU H 142 -15.31 -4.59 1.49
CA LEU H 142 -16.35 -5.59 1.35
C LEU H 142 -16.61 -5.93 -0.12
N ALA H 143 -16.66 -4.92 -1.01
CA ALA H 143 -16.76 -5.20 -2.45
C ALA H 143 -15.65 -6.13 -2.91
N GLN H 144 -14.41 -5.89 -2.45
CA GLN H 144 -13.27 -6.69 -2.90
C GLN H 144 -13.30 -8.12 -2.36
N ASN H 145 -13.99 -8.34 -1.24
CA ASN H 145 -14.19 -9.67 -0.71
C ASN H 145 -15.47 -10.31 -1.22
N GLY H 146 -16.15 -9.71 -2.21
CA GLY H 146 -17.24 -10.36 -2.88
C GLY H 146 -18.64 -9.98 -2.44
N ALA H 147 -18.78 -9.08 -1.47
CA ALA H 147 -20.10 -8.56 -1.13
C ALA H 147 -20.63 -7.68 -2.26
N VAL H 148 -21.91 -7.81 -2.57
CA VAL H 148 -22.57 -6.90 -3.51
C VAL H 148 -23.00 -5.65 -2.75
N ILE H 149 -22.44 -4.49 -3.11
CA ILE H 149 -22.76 -3.22 -2.48
C ILE H 149 -23.88 -2.56 -3.29
N LEU H 150 -25.09 -2.58 -2.74
CA LEU H 150 -26.29 -2.15 -3.47
C LEU H 150 -27.00 -1.10 -2.62
N PRO H 151 -26.53 0.15 -2.69
CA PRO H 151 -27.21 1.21 -1.93
C PRO H 151 -28.59 1.46 -2.49
N PRO H 152 -29.54 1.91 -1.67
CA PRO H 152 -30.96 2.08 -2.08
C PRO H 152 -31.13 3.31 -2.95
N MET H 153 -30.64 3.18 -4.16
CA MET H 153 -30.60 4.28 -5.12
C MET H 153 -31.87 4.30 -5.95
N PRO H 154 -32.64 5.40 -5.95
CA PRO H 154 -33.90 5.40 -6.69
C PRO H 154 -33.66 5.32 -8.19
N ILE H 155 -34.54 4.60 -8.86
CA ILE H 155 -34.43 4.33 -10.30
C ILE H 155 -35.43 5.25 -10.99
N TRP H 156 -34.97 6.45 -11.36
CA TRP H 156 -35.87 7.47 -11.89
C TRP H 156 -36.23 7.23 -13.36
N TYR H 157 -35.42 6.47 -14.10
CA TYR H 157 -35.81 6.18 -15.48
C TYR H 157 -37.03 5.26 -15.55
N PHE H 158 -37.48 4.72 -14.42
CA PHE H 158 -38.78 4.04 -14.36
C PHE H 158 -39.90 4.99 -13.97
N LYS H 159 -39.66 6.29 -14.02
CA LYS H 159 -40.66 7.33 -13.79
C LYS H 159 -41.60 6.97 -12.63
N PRO H 160 -41.07 6.81 -11.42
CA PRO H 160 -41.96 6.52 -10.27
C PRO H 160 -42.79 7.74 -9.91
N GLN H 161 -43.94 7.45 -9.28
CA GLN H 161 -44.89 8.46 -8.86
C GLN H 161 -45.01 8.58 -7.35
N THR H 162 -44.98 7.46 -6.65
CA THR H 162 -45.13 7.45 -5.22
C THR H 162 -43.83 6.98 -4.57
N ALA H 163 -43.74 7.16 -3.26
CA ALA H 163 -42.65 6.58 -2.50
C ALA H 163 -42.67 5.05 -2.60
N GLU H 164 -43.85 4.43 -2.47
CA GLU H 164 -43.95 2.98 -2.60
C GLU H 164 -43.32 2.51 -3.91
N ASP H 165 -43.52 3.28 -4.99
CA ASP H 165 -42.92 2.97 -6.29
C ASP H 165 -41.40 2.89 -6.19
N ILE H 166 -40.81 3.88 -5.52
CA ILE H 166 -39.35 3.93 -5.44
C ILE H 166 -38.84 2.72 -4.66
N ALA H 167 -39.50 2.36 -3.55
CA ALA H 167 -39.04 1.21 -2.77
C ALA H 167 -39.23 -0.10 -3.53
N ASN H 168 -40.39 -0.29 -4.19
CA ASN H 168 -40.62 -1.51 -4.95
C ASN H 168 -39.55 -1.71 -6.01
N ASP H 169 -39.25 -0.67 -6.77
CA ASP H 169 -38.24 -0.76 -7.82
C ASP H 169 -36.85 -1.04 -7.23
N ILE H 170 -36.58 -0.53 -6.03
CA ILE H 170 -35.32 -0.87 -5.36
C ILE H 170 -35.32 -2.33 -4.94
N VAL H 171 -36.41 -2.79 -4.32
CA VAL H 171 -36.47 -4.22 -4.00
C VAL H 171 -36.42 -5.05 -5.28
N GLY H 172 -36.96 -4.51 -6.37
CA GLY H 172 -36.86 -5.19 -7.65
C GLY H 172 -35.42 -5.43 -8.09
N LYS H 173 -34.53 -4.47 -7.83
CA LYS H 173 -33.13 -4.66 -8.19
C LYS H 173 -32.49 -5.72 -7.30
N ILE H 174 -32.86 -5.76 -6.02
CA ILE H 174 -32.39 -6.83 -5.13
C ILE H 174 -32.82 -8.19 -5.66
N LEU H 175 -34.09 -8.33 -6.06
CA LEU H 175 -34.57 -9.61 -6.57
C LEU H 175 -33.89 -9.96 -7.90
N ALA H 176 -33.57 -8.96 -8.72
CA ALA H 176 -32.82 -9.24 -9.94
C ALA H 176 -31.42 -9.78 -9.62
N ILE H 177 -30.79 -9.28 -8.56
CA ILE H 177 -29.47 -9.80 -8.18
C ILE H 177 -29.59 -11.24 -7.66
N LEU H 178 -30.62 -11.51 -6.86
CA LEU H 178 -30.93 -12.88 -6.45
C LEU H 178 -31.28 -13.79 -7.63
N GLN H 179 -31.40 -13.24 -8.85
CA GLN H 179 -31.82 -14.01 -10.03
C GLN H 179 -33.15 -14.70 -9.81
N LEU H 180 -34.09 -13.99 -9.19
CA LEU H 180 -35.47 -14.44 -9.07
C LEU H 180 -36.34 -13.72 -10.09
N ASP H 181 -37.42 -14.37 -10.48
CA ASP H 181 -38.40 -13.80 -11.43
C ASP H 181 -39.55 -13.20 -10.63
N SER H 182 -39.66 -11.87 -10.64
CA SER H 182 -40.68 -11.23 -9.83
C SER H 182 -41.30 -10.08 -10.58
N PRO H 183 -42.60 -9.84 -10.39
CA PRO H 183 -43.21 -8.66 -11.01
C PRO H 183 -42.68 -7.36 -10.48
N LEU H 184 -42.01 -7.37 -9.32
CA LEU H 184 -41.39 -6.14 -8.85
C LEU H 184 -40.21 -5.71 -9.71
N ILE H 185 -39.70 -6.56 -10.60
CA ILE H 185 -38.55 -6.19 -11.42
C ILE H 185 -39.01 -5.46 -12.67
N LYS H 186 -38.35 -4.36 -12.98
CA LYS H 186 -38.57 -3.64 -14.22
C LYS H 186 -37.24 -3.57 -14.98
N ARG H 187 -37.31 -3.12 -16.23
CA ARG H 187 -36.25 -3.37 -17.20
C ARG H 187 -36.17 -2.23 -18.21
N TRP H 188 -34.94 -1.80 -18.53
CA TRP H 188 -34.73 -0.65 -19.42
C TRP H 188 -34.90 -1.05 -20.88
N GLU H 189 -35.46 -0.13 -21.69
CA GLU H 189 -35.94 -0.48 -23.02
C GLU H 189 -35.28 0.29 -24.16
N ASN H 190 -35.44 1.61 -24.25
CA ASN H 190 -35.04 2.33 -25.47
C ASN H 190 -33.75 3.14 -25.26
N MET I 1 -23.79 31.77 22.74
CA MET I 1 -23.97 30.35 23.05
C MET I 1 -23.75 29.44 21.83
N LYS I 2 -22.81 28.52 21.99
CA LYS I 2 -22.55 27.43 21.07
C LYS I 2 -22.97 26.12 21.73
N ARG I 3 -23.14 25.09 20.92
CA ARG I 3 -23.51 23.75 21.39
C ARG I 3 -22.33 22.81 21.19
N TYR I 4 -21.88 22.16 22.26
CA TYR I 4 -20.80 21.20 22.17
C TYR I 4 -21.28 19.82 22.59
N VAL I 5 -20.63 18.80 22.04
CA VAL I 5 -20.83 17.42 22.44
C VAL I 5 -19.54 16.94 23.10
N VAL I 6 -19.62 16.51 24.33
CA VAL I 6 -18.47 16.02 25.06
C VAL I 6 -18.76 14.56 25.43
N GLY I 7 -18.03 13.64 24.79
CA GLY I 7 -18.13 12.24 25.09
C GLY I 7 -17.03 11.87 26.07
N ILE I 8 -17.41 11.16 27.11
CA ILE I 8 -16.47 10.72 28.13
C ILE I 8 -16.31 9.21 28.00
N SER I 9 -15.11 8.78 27.63
CA SER I 9 -14.79 7.38 27.45
C SER I 9 -13.90 6.93 28.62
N GLY I 10 -13.84 5.62 28.83
CA GLY I 10 -13.29 5.07 30.05
C GLY I 10 -11.77 5.00 30.16
N ALA I 11 -11.06 6.06 29.80
CA ALA I 11 -9.63 6.14 30.05
C ALA I 11 -9.36 7.05 31.25
N SER I 12 -8.16 6.91 31.79
CA SER I 12 -7.75 7.74 32.91
C SER I 12 -7.71 9.21 32.53
N GLY I 13 -7.99 10.06 33.51
CA GLY I 13 -8.04 11.49 33.32
C GLY I 13 -9.42 12.09 33.25
N ILE I 14 -10.40 11.51 33.94
CA ILE I 14 -11.75 12.02 33.78
C ILE I 14 -11.86 13.45 34.33
N VAL I 15 -10.93 13.87 35.18
CA VAL I 15 -10.88 15.28 35.60
C VAL I 15 -10.82 16.19 34.39
N LEU I 16 -10.14 15.76 33.31
CA LEU I 16 -10.04 16.62 32.13
C LEU I 16 -11.43 17.00 31.62
N ALA I 17 -12.35 16.04 31.59
CA ALA I 17 -13.68 16.29 31.06
C ALA I 17 -14.52 17.12 32.03
N VAL I 18 -14.35 16.87 33.33
CA VAL I 18 -14.98 17.72 34.34
C VAL I 18 -14.60 19.18 34.10
N THR I 19 -13.31 19.45 33.94
CA THR I 19 -12.84 20.83 33.79
C THR I 19 -13.35 21.47 32.50
N LEU I 20 -13.25 20.74 31.39
CA LEU I 20 -13.70 21.27 30.11
C LEU I 20 -15.18 21.62 30.15
N VAL I 21 -16.01 20.75 30.73
CA VAL I 21 -17.45 20.98 30.75
C VAL I 21 -17.78 22.20 31.60
N SER I 22 -17.20 22.28 32.81
CA SER I 22 -17.46 23.40 33.70
C SER I 22 -17.15 24.74 33.04
N GLU I 23 -16.02 24.81 32.33
CA GLU I 23 -15.62 26.06 31.72
C GLU I 23 -16.47 26.38 30.50
N LEU I 24 -16.79 25.37 29.67
CA LEU I 24 -17.66 25.61 28.51
C LEU I 24 -19.00 26.17 28.94
N ALA I 25 -19.56 25.62 30.03
CA ALA I 25 -20.80 26.15 30.58
C ALA I 25 -20.58 27.52 31.21
N ARG I 26 -19.46 27.72 31.89
CA ARG I 26 -19.18 29.00 32.50
C ARG I 26 -19.02 30.09 31.45
N LEU I 27 -18.77 29.72 30.20
CA LEU I 27 -18.68 30.67 29.10
C LEU I 27 -20.03 30.91 28.42
N GLY I 28 -21.09 30.24 28.86
CA GLY I 28 -22.42 30.48 28.32
C GLY I 28 -22.83 29.58 27.18
N HIS I 29 -22.27 28.38 27.09
CA HIS I 29 -22.53 27.46 25.99
C HIS I 29 -23.32 26.26 26.50
N HIS I 30 -23.87 25.52 25.55
CA HIS I 30 -24.59 24.28 25.81
C HIS I 30 -23.65 23.10 25.58
N ILE I 31 -23.76 22.09 26.46
CA ILE I 31 -22.95 20.89 26.36
C ILE I 31 -23.87 19.67 26.47
N ASP I 32 -23.87 18.84 25.42
CA ASP I 32 -24.45 17.51 25.49
C ASP I 32 -23.36 16.52 25.90
N VAL I 33 -23.61 15.76 26.95
CA VAL I 33 -22.60 14.89 27.54
C VAL I 33 -23.05 13.44 27.44
N ILE I 34 -22.13 12.56 26.99
CA ILE I 34 -22.38 11.13 26.92
C ILE I 34 -21.25 10.41 27.66
N ILE I 35 -21.60 9.67 28.71
CA ILE I 35 -20.65 8.95 29.54
C ILE I 35 -20.81 7.46 29.29
N SER I 36 -19.71 6.80 28.93
CA SER I 36 -19.73 5.37 28.77
C SER I 36 -19.81 4.70 30.14
N PRO I 37 -20.26 3.44 30.19
CA PRO I 37 -20.19 2.68 31.46
C PRO I 37 -18.80 2.62 32.07
N SER I 38 -17.74 2.48 31.27
CA SER I 38 -16.41 2.40 31.86
C SER I 38 -15.98 3.76 32.41
N ALA I 39 -16.30 4.84 31.70
CA ALA I 39 -16.02 6.18 32.22
C ALA I 39 -16.70 6.41 33.56
N GLN I 40 -17.89 5.83 33.78
CA GLN I 40 -18.53 5.98 35.09
C GLN I 40 -17.74 5.25 36.18
N LYS I 41 -17.20 4.07 35.83
CA LYS I 41 -16.25 3.40 36.70
C LYS I 41 -15.05 4.28 37.00
N THR I 42 -14.37 4.79 35.96
CA THR I 42 -13.18 5.59 36.24
C THR I 42 -13.54 6.87 36.98
N LEU I 43 -14.73 7.42 36.71
CA LEU I 43 -15.21 8.57 37.48
C LEU I 43 -15.22 8.28 38.97
N TYR I 44 -15.70 7.08 39.34
CA TYR I 44 -15.69 6.68 40.73
C TYR I 44 -14.27 6.51 41.26
N TYR I 45 -13.42 5.75 40.53
CA TYR I 45 -12.09 5.45 41.04
C TYR I 45 -11.22 6.70 41.13
N GLU I 46 -11.42 7.68 40.25
CA GLU I 46 -10.51 8.83 40.17
C GLU I 46 -11.04 10.08 40.86
N LEU I 47 -12.36 10.25 40.94
CA LEU I 47 -12.95 11.43 41.57
C LEU I 47 -13.90 11.09 42.71
N ASP I 48 -14.01 9.82 43.08
CA ASP I 48 -14.72 9.37 44.28
C ASP I 48 -16.21 9.70 44.23
N THR I 49 -16.78 9.74 43.04
CA THR I 49 -18.20 9.97 42.86
C THR I 49 -18.68 9.13 41.69
N LYS I 50 -19.95 8.73 41.74
CA LYS I 50 -20.61 8.12 40.59
C LYS I 50 -21.53 9.11 39.89
N SER I 51 -21.64 10.33 40.41
CA SER I 51 -22.45 11.39 39.79
C SER I 51 -21.52 12.36 39.09
N PHE I 52 -21.60 12.38 37.76
CA PHE I 52 -20.83 13.37 37.01
C PHE I 52 -21.25 14.79 37.38
N LEU I 53 -22.54 15.02 37.57
CA LEU I 53 -22.99 16.38 37.83
C LEU I 53 -22.64 16.84 39.24
N SER I 54 -22.37 15.91 40.17
CA SER I 54 -21.87 16.29 41.48
C SER I 54 -20.55 17.03 41.41
N THR I 55 -19.81 16.91 40.30
CA THR I 55 -18.53 17.57 40.11
C THR I 55 -18.66 18.97 39.53
N ILE I 56 -19.85 19.37 39.11
CA ILE I 56 -20.06 20.58 38.33
C ILE I 56 -20.95 21.52 39.13
N PRO I 57 -20.59 22.79 39.28
CA PRO I 57 -21.45 23.75 39.99
C PRO I 57 -22.90 23.73 39.50
N GLN I 58 -23.82 23.80 40.47
CA GLN I 58 -25.24 23.54 40.20
C GLN I 58 -25.86 24.58 39.28
N ASN I 59 -25.35 25.83 39.29
CA ASN I 59 -25.89 26.88 38.42
C ASN I 59 -25.66 26.59 36.94
N PHE I 60 -24.84 25.60 36.61
CA PHE I 60 -24.54 25.23 35.24
C PHE I 60 -25.38 24.08 34.71
N HIS I 61 -26.11 23.38 35.58
CA HIS I 61 -26.73 22.13 35.21
C HIS I 61 -27.82 22.28 34.14
N ASN I 62 -28.44 23.46 34.01
CA ASN I 62 -29.45 23.62 32.97
C ASN I 62 -28.87 23.78 31.58
N GLN I 63 -27.57 24.05 31.45
CA GLN I 63 -26.89 24.04 30.17
C GLN I 63 -26.37 22.65 29.79
N ILE I 64 -26.59 21.64 30.62
CA ILE I 64 -26.02 20.32 30.43
C ILE I 64 -27.14 19.28 30.31
N VAL I 65 -27.07 18.48 29.25
CA VAL I 65 -28.01 17.37 29.02
C VAL I 65 -27.17 16.10 28.93
N LEU I 66 -27.42 15.16 29.84
CA LEU I 66 -26.77 13.86 29.79
C LEU I 66 -27.53 12.93 28.86
N HIS I 67 -26.80 12.16 28.08
CA HIS I 67 -27.39 11.21 27.16
C HIS I 67 -26.90 9.81 27.51
N HIS I 68 -27.82 8.85 27.42
CA HIS I 68 -27.42 7.46 27.63
C HIS I 68 -26.63 6.94 26.44
N ILE I 69 -25.62 6.11 26.75
CA ILE I 69 -24.69 5.58 25.75
C ILE I 69 -25.41 4.79 24.66
N SER I 70 -26.55 4.18 24.97
CA SER I 70 -27.28 3.39 23.99
C SER I 70 -28.37 4.17 23.26
N SER I 71 -28.58 5.45 23.61
CA SER I 71 -29.62 6.24 22.96
C SER I 71 -29.21 6.66 21.56
N ILE I 72 -29.08 5.69 20.65
CA ILE I 72 -28.54 5.97 19.33
C ILE I 72 -29.52 6.70 18.42
N GLU I 73 -30.81 6.73 18.78
CA GLU I 73 -31.80 7.52 18.06
C GLU I 73 -31.79 9.00 18.48
N SER I 74 -30.85 9.40 19.34
CA SER I 74 -30.84 10.72 19.92
C SER I 74 -30.81 11.82 18.86
N SER I 75 -31.28 13.01 19.27
CA SER I 75 -31.18 14.20 18.43
C SER I 75 -29.75 14.49 18.02
N VAL I 76 -28.77 14.03 18.82
CA VAL I 76 -27.35 14.20 18.51
C VAL I 76 -26.81 13.13 17.57
N SER I 77 -27.64 12.17 17.17
CA SER I 77 -27.27 11.22 16.14
C SER I 77 -27.75 11.72 14.77
N ILE I 83 -23.58 19.68 16.69
CA ILE I 83 -23.05 20.74 15.84
C ILE I 83 -22.00 21.52 16.64
N ASP I 84 -21.18 22.33 15.93
CA ASP I 84 -20.11 23.18 16.49
C ASP I 84 -18.81 22.45 16.80
N ALA I 85 -18.80 21.55 17.80
CA ALA I 85 -17.59 20.75 18.02
C ALA I 85 -17.90 19.57 18.93
N THR I 86 -17.15 18.48 18.70
CA THR I 86 -17.34 17.23 19.41
C THR I 86 -16.01 16.80 20.00
N ILE I 87 -15.96 16.67 21.32
CA ILE I 87 -14.74 16.36 22.04
C ILE I 87 -14.96 15.06 22.80
N ILE I 88 -14.14 14.05 22.50
CA ILE I 88 -14.17 12.80 23.27
C ILE I 88 -13.04 12.90 24.29
N VAL I 89 -13.38 13.06 25.57
CA VAL I 89 -12.33 13.25 26.57
C VAL I 89 -12.71 12.62 27.92
N PRO I 90 -11.81 11.80 28.48
CA PRO I 90 -10.65 11.20 27.84
C PRO I 90 -11.11 10.18 26.81
N CYS I 91 -10.26 9.76 25.90
CA CYS I 91 -10.66 8.80 24.89
C CYS I 91 -9.86 7.51 25.05
N SER I 92 -10.54 6.40 25.32
CA SER I 92 -9.81 5.16 25.46
C SER I 92 -9.38 4.65 24.09
N VAL I 93 -8.35 3.80 24.07
CA VAL I 93 -7.91 3.29 22.78
C VAL I 93 -8.96 2.35 22.17
N ALA I 94 -9.82 1.75 22.99
CA ALA I 94 -10.90 0.97 22.40
C ALA I 94 -11.89 1.87 21.67
N THR I 95 -12.21 3.04 22.24
CA THR I 95 -13.06 4.00 21.54
C THR I 95 -12.36 4.57 20.29
N VAL I 96 -11.05 4.81 20.38
CA VAL I 96 -10.27 5.21 19.19
C VAL I 96 -10.40 4.14 18.10
N ALA I 97 -10.25 2.88 18.49
CA ALA I 97 -10.39 1.76 17.55
C ALA I 97 -11.76 1.78 16.86
N ALA I 98 -12.84 1.81 17.64
CA ALA I 98 -14.19 1.81 17.08
C ALA I 98 -14.42 3.01 16.16
N ILE I 99 -14.03 4.20 16.58
CA ILE I 99 -14.27 5.38 15.74
C ILE I 99 -13.50 5.27 14.43
N SER I 100 -12.23 4.82 14.50
CA SER I 100 -11.42 4.70 13.30
C SER I 100 -11.94 3.64 12.35
N CYS I 101 -12.68 2.64 12.86
CA CYS I 101 -13.31 1.61 12.04
C CYS I 101 -14.63 2.06 11.45
N GLY I 102 -15.17 3.19 11.91
CA GLY I 102 -16.56 3.53 11.68
C GLY I 102 -17.56 2.68 12.43
N LEU I 103 -17.17 2.11 13.57
CA LEU I 103 -18.04 1.20 14.32
C LEU I 103 -18.94 2.03 15.24
N ALA I 104 -19.96 2.63 14.63
CA ALA I 104 -20.77 3.66 15.28
C ALA I 104 -22.01 3.06 15.92
N ASP I 105 -21.78 2.12 16.86
CA ASP I 105 -22.86 1.29 17.37
C ASP I 105 -23.25 1.60 18.81
N ASN I 106 -22.74 2.70 19.37
CA ASN I 106 -23.37 3.33 20.53
C ASN I 106 -23.33 4.83 20.28
N LEU I 107 -23.95 5.60 21.17
CA LEU I 107 -24.14 7.03 20.91
C LEU I 107 -22.81 7.79 20.98
N LEU I 108 -21.93 7.39 21.90
CA LEU I 108 -20.62 8.01 21.94
C LEU I 108 -19.91 7.83 20.61
N ARG I 109 -19.86 6.60 20.10
CA ARG I 109 -19.16 6.36 18.85
C ARG I 109 -19.88 7.03 17.69
N ARG I 110 -21.20 7.09 17.75
CA ARG I 110 -21.98 7.66 16.66
C ARG I 110 -21.76 9.17 16.53
N VAL I 111 -21.73 9.92 17.64
CA VAL I 111 -21.55 11.37 17.47
C VAL I 111 -20.18 11.67 16.87
N ALA I 112 -19.17 10.86 17.20
CA ALA I 112 -17.86 11.06 16.58
C ALA I 112 -17.92 10.80 15.08
N ASP I 113 -18.61 9.71 14.69
CA ASP I 113 -18.78 9.41 13.27
C ASP I 113 -19.57 10.51 12.55
N VAL I 114 -20.62 11.04 13.18
CA VAL I 114 -21.36 12.15 12.55
C VAL I 114 -20.45 13.36 12.36
N ALA I 115 -19.59 13.65 13.35
CA ALA I 115 -18.70 14.81 13.20
C ALA I 115 -17.81 14.64 11.98
N LEU I 116 -17.24 13.45 11.80
CA LEU I 116 -16.34 13.18 10.68
C LEU I 116 -17.08 13.21 9.35
N LYS I 117 -18.28 12.64 9.32
CA LYS I 117 -19.04 12.61 8.07
C LYS I 117 -19.51 14.00 7.67
N GLU I 118 -19.86 14.85 8.64
CA GLU I 118 -20.30 16.19 8.30
C GLU I 118 -19.13 17.17 8.27
N LYS I 119 -17.90 16.67 8.42
CA LYS I 119 -16.70 17.51 8.48
C LYS I 119 -16.90 18.66 9.45
N ARG I 120 -17.30 18.32 10.66
CA ARG I 120 -17.32 19.22 11.79
C ARG I 120 -16.21 18.84 12.76
N PRO I 121 -15.73 19.79 13.57
CA PRO I 121 -14.61 19.52 14.47
C PRO I 121 -14.86 18.31 15.38
N LEU I 122 -13.91 17.39 15.34
CA LEU I 122 -13.85 16.26 16.25
C LEU I 122 -12.49 16.28 16.92
N ILE I 123 -12.47 16.42 18.24
CA ILE I 123 -11.24 16.44 19.01
C ILE I 123 -11.21 15.20 19.90
N LEU I 124 -10.17 14.39 19.76
CA LEU I 124 -10.00 13.20 20.58
C LEU I 124 -8.85 13.41 21.55
N VAL I 125 -9.05 13.03 22.80
CA VAL I 125 -8.00 13.16 23.80
C VAL I 125 -7.60 11.76 24.24
N PRO I 126 -6.84 11.04 23.40
CA PRO I 126 -6.51 9.65 23.71
C PRO I 126 -5.47 9.57 24.81
N ARG I 127 -5.74 8.73 25.79
CA ARG I 127 -4.80 8.48 26.89
C ARG I 127 -4.49 6.98 26.93
N GLU I 128 -3.25 6.63 26.65
CA GLU I 128 -2.76 5.27 26.78
C GLU I 128 -1.26 5.28 26.63
N ALA I 129 -0.57 4.43 27.38
CA ALA I 129 0.88 4.36 27.24
C ALA I 129 1.44 3.05 27.79
N PRO I 130 2.33 2.36 27.03
CA PRO I 130 2.82 2.68 25.69
C PRO I 130 1.70 2.64 24.64
N LEU I 131 1.89 3.27 23.50
CA LEU I 131 1.00 3.13 22.35
C LEU I 131 1.60 2.10 21.41
N SER I 132 0.88 1.01 21.20
CA SER I 132 1.38 0.01 20.28
C SER I 132 1.14 0.44 18.82
N ALA I 133 1.72 -0.35 17.91
CA ALA I 133 1.54 -0.13 16.48
C ALA I 133 0.06 -0.19 16.10
N ILE I 134 -0.71 -1.07 16.75
CA ILE I 134 -2.14 -1.16 16.45
C ILE I 134 -2.84 0.17 16.78
N HIS I 135 -2.60 0.70 17.98
CA HIS I 135 -3.27 1.94 18.35
C HIS I 135 -2.77 3.13 17.53
N LEU I 136 -1.47 3.17 17.23
CA LEU I 136 -0.90 4.25 16.43
C LEU I 136 -1.47 4.26 15.01
N GLU I 137 -1.72 3.08 14.45
CA GLU I 137 -2.32 3.00 13.13
C GLU I 137 -3.72 3.60 13.14
N ASN I 138 -4.51 3.29 14.16
CA ASN I 138 -5.85 3.85 14.26
C ASN I 138 -5.80 5.36 14.42
N LEU I 139 -4.83 5.86 15.20
CA LEU I 139 -4.70 7.28 15.43
C LEU I 139 -4.33 8.00 14.13
N LEU I 140 -3.43 7.39 13.35
CA LEU I 140 -3.05 7.96 12.06
C LEU I 140 -4.25 8.03 11.13
N LYS I 141 -5.04 6.95 11.06
CA LYS I 141 -6.21 6.96 10.21
C LYS I 141 -7.16 8.06 10.61
N LEU I 142 -7.37 8.25 11.92
CA LEU I 142 -8.31 9.29 12.35
C LEU I 142 -7.77 10.68 12.06
N ALA I 143 -6.46 10.90 12.25
CA ALA I 143 -5.90 12.19 11.88
C ALA I 143 -6.02 12.43 10.38
N GLN I 144 -5.85 11.37 9.57
CA GLN I 144 -5.98 11.54 8.13
C GLN I 144 -7.41 11.82 7.70
N ASN I 145 -8.41 11.47 8.53
CA ASN I 145 -9.80 11.78 8.22
C ASN I 145 -10.30 13.04 8.92
N GLY I 146 -9.41 13.86 9.46
CA GLY I 146 -9.76 15.20 9.93
C GLY I 146 -9.76 15.38 11.44
N ALA I 147 -9.81 14.28 12.19
CA ALA I 147 -9.86 14.36 13.64
C ALA I 147 -8.63 15.06 14.20
N VAL I 148 -8.82 15.92 15.19
CA VAL I 148 -7.69 16.47 15.92
C VAL I 148 -7.27 15.44 16.96
N ILE I 149 -6.00 15.05 16.94
CA ILE I 149 -5.46 14.07 17.89
C ILE I 149 -4.65 14.83 18.93
N LEU I 150 -5.20 14.90 20.15
CA LEU I 150 -4.69 15.77 21.22
C LEU I 150 -4.50 14.94 22.48
N PRO I 151 -3.43 14.14 22.56
CA PRO I 151 -3.17 13.42 23.81
C PRO I 151 -2.95 14.40 24.94
N PRO I 152 -3.21 14.01 26.14
CA PRO I 152 -3.07 14.99 27.24
C PRO I 152 -1.63 15.12 27.73
N MET I 153 -0.86 15.93 27.00
CA MET I 153 0.57 16.09 27.22
C MET I 153 0.81 17.26 28.17
N PRO I 154 1.34 17.03 29.37
CA PRO I 154 1.62 18.16 30.28
C PRO I 154 2.48 19.23 29.61
N ILE I 155 2.10 20.48 29.84
CA ILE I 155 2.74 21.64 29.24
C ILE I 155 3.73 22.20 30.24
N TRP I 156 4.92 21.59 30.31
CA TRP I 156 5.82 21.91 31.41
C TRP I 156 6.46 23.29 31.28
N TYR I 157 6.48 23.91 30.10
CA TYR I 157 7.07 25.24 30.07
C TYR I 157 6.19 26.27 30.77
N PHE I 158 4.96 25.91 31.13
CA PHE I 158 4.13 26.72 32.01
C PHE I 158 4.42 26.47 33.48
N LYS I 159 5.49 25.75 33.79
CA LYS I 159 6.02 25.54 35.14
C LYS I 159 4.90 25.28 36.15
N PRO I 160 4.10 24.23 35.95
CA PRO I 160 3.01 23.95 36.89
C PRO I 160 3.55 23.56 38.25
N GLN I 161 2.72 23.80 39.27
CA GLN I 161 3.06 23.41 40.63
C GLN I 161 2.28 22.19 41.09
N THR I 162 0.99 22.16 40.80
CA THR I 162 0.08 21.15 41.28
C THR I 162 -0.39 20.27 40.14
N ALA I 163 -1.01 19.15 40.51
CA ALA I 163 -1.68 18.33 39.51
C ALA I 163 -2.82 19.10 38.86
N GLU I 164 -3.57 19.88 39.64
CA GLU I 164 -4.63 20.72 39.07
C GLU I 164 -4.11 21.59 37.94
N ASP I 165 -2.90 22.16 38.10
CA ASP I 165 -2.32 23.04 37.07
C ASP I 165 -2.13 22.31 35.74
N ILE I 166 -1.55 21.12 35.80
CA ILE I 166 -1.32 20.35 34.58
C ILE I 166 -2.65 20.09 33.87
N ALA I 167 -3.68 19.71 34.61
CA ALA I 167 -4.99 19.44 34.03
C ALA I 167 -5.59 20.70 33.42
N ASN I 168 -5.54 21.81 34.15
CA ASN I 168 -6.06 23.08 33.64
C ASN I 168 -5.42 23.45 32.30
N ASP I 169 -4.10 23.33 32.21
CA ASP I 169 -3.40 23.80 31.02
C ASP I 169 -3.74 22.93 29.82
N ILE I 170 -3.87 21.63 30.03
CA ILE I 170 -4.32 20.71 28.97
C ILE I 170 -5.71 21.09 28.49
N VAL I 171 -6.64 21.32 29.42
CA VAL I 171 -7.97 21.77 29.00
C VAL I 171 -7.88 23.12 28.31
N GLY I 172 -6.93 23.97 28.75
CA GLY I 172 -6.70 25.22 28.05
C GLY I 172 -6.31 25.01 26.59
N LYS I 173 -5.62 23.91 26.29
CA LYS I 173 -5.26 23.64 24.92
C LYS I 173 -6.47 23.14 24.10
N ILE I 174 -7.36 22.35 24.71
CA ILE I 174 -8.63 22.03 24.07
C ILE I 174 -9.41 23.31 23.78
N LEU I 175 -9.46 24.23 24.76
CA LEU I 175 -10.15 25.50 24.55
C LEU I 175 -9.53 26.29 23.41
N ALA I 176 -8.19 26.27 23.31
CA ALA I 176 -7.53 27.01 22.25
C ALA I 176 -7.92 26.47 20.90
N ILE I 177 -8.00 25.14 20.78
CA ILE I 177 -8.39 24.52 19.52
C ILE I 177 -9.86 24.78 19.21
N LEU I 178 -10.70 24.81 20.25
CA LEU I 178 -12.07 25.23 20.04
C LEU I 178 -12.19 26.70 19.65
N GLN I 179 -11.06 27.43 19.67
CA GLN I 179 -11.01 28.86 19.34
C GLN I 179 -11.91 29.67 20.24
N LEU I 180 -11.99 29.27 21.50
CA LEU I 180 -12.62 30.09 22.53
C LEU I 180 -11.55 30.85 23.28
N ASP I 181 -11.97 31.89 23.97
CA ASP I 181 -11.09 32.64 24.84
C ASP I 181 -11.44 32.32 26.28
N SER I 182 -10.43 32.00 27.09
CA SER I 182 -10.71 31.49 28.42
C SER I 182 -9.52 31.68 29.34
N PRO I 183 -9.73 32.03 30.62
CA PRO I 183 -8.58 32.22 31.52
C PRO I 183 -7.79 30.94 31.74
N LEU I 184 -8.24 29.82 31.16
CA LEU I 184 -7.45 28.59 31.18
C LEU I 184 -6.34 28.57 30.13
N ILE I 185 -6.49 29.33 29.04
CA ILE I 185 -5.50 29.33 27.98
C ILE I 185 -4.31 30.18 28.40
N LYS I 186 -3.11 29.64 28.24
CA LYS I 186 -1.87 30.39 28.39
C LYS I 186 -1.09 30.33 27.08
N ARG I 187 -0.44 31.45 26.73
CA ARG I 187 0.37 31.56 25.53
C ARG I 187 1.83 31.77 25.91
N TRP I 188 2.71 31.50 24.95
CA TRP I 188 4.14 31.41 25.25
C TRP I 188 4.95 32.58 24.72
N MET J 1 6.07 -21.12 40.41
CA MET J 1 4.76 -20.64 40.02
C MET J 1 4.87 -19.47 39.04
N LYS J 2 4.22 -19.66 37.91
CA LYS J 2 4.01 -18.65 36.89
C LYS J 2 2.54 -18.28 36.84
N ARG J 3 2.23 -17.13 36.25
CA ARG J 3 0.86 -16.64 36.12
C ARG J 3 0.50 -16.55 34.64
N TYR J 4 -0.57 -17.24 34.25
CA TYR J 4 -1.09 -17.22 32.89
C TYR J 4 -2.47 -16.62 32.89
N VAL J 5 -2.83 -15.98 31.78
CA VAL J 5 -4.20 -15.56 31.53
C VAL J 5 -4.76 -16.41 30.39
N VAL J 6 -5.93 -16.99 30.61
CA VAL J 6 -6.60 -17.77 29.59
C VAL J 6 -7.97 -17.14 29.32
N GLY J 7 -8.15 -16.65 28.11
CA GLY J 7 -9.44 -16.14 27.66
C GLY J 7 -10.10 -17.20 26.82
N ILE J 8 -11.38 -17.43 27.10
CA ILE J 8 -12.12 -18.50 26.46
C ILE J 8 -13.17 -17.85 25.57
N SER J 9 -12.91 -17.89 24.29
CA SER J 9 -13.69 -17.25 23.26
C SER J 9 -14.62 -18.29 22.66
N GLY J 10 -15.66 -17.83 21.97
CA GLY J 10 -16.74 -18.73 21.63
C GLY J 10 -16.59 -19.51 20.35
N ALA J 11 -15.42 -20.06 20.05
CA ALA J 11 -15.29 -20.94 18.90
C ALA J 11 -15.35 -22.39 19.36
N SER J 12 -15.39 -23.29 18.39
CA SER J 12 -15.48 -24.71 18.71
C SER J 12 -14.14 -25.21 19.29
N GLY J 13 -14.23 -26.13 20.25
CA GLY J 13 -13.03 -26.70 20.82
C GLY J 13 -12.73 -26.29 22.24
N ILE J 14 -13.78 -26.03 23.03
CA ILE J 14 -13.55 -25.58 24.39
C ILE J 14 -12.82 -26.67 25.19
N VAL J 15 -12.85 -27.92 24.73
CA VAL J 15 -12.05 -28.97 25.37
C VAL J 15 -10.59 -28.54 25.47
N LEU J 16 -10.07 -27.79 24.49
CA LEU J 16 -8.68 -27.35 24.56
C LEU J 16 -8.45 -26.41 25.74
N ALA J 17 -9.39 -25.52 26.02
CA ALA J 17 -9.23 -24.64 27.18
C ALA J 17 -9.27 -25.44 28.46
N VAL J 18 -10.20 -26.40 28.54
CA VAL J 18 -10.30 -27.25 29.73
C VAL J 18 -8.98 -27.98 29.97
N THR J 19 -8.48 -28.70 28.96
CA THR J 19 -7.27 -29.46 29.26
C THR J 19 -6.03 -28.58 29.36
N LEU J 20 -6.03 -27.37 28.78
CA LEU J 20 -4.89 -26.48 29.01
C LEU J 20 -4.86 -25.96 30.45
N VAL J 21 -5.98 -25.40 30.91
CA VAL J 21 -6.03 -24.81 32.26
C VAL J 21 -5.73 -25.87 33.31
N SER J 22 -6.35 -27.04 33.21
CA SER J 22 -6.12 -28.03 34.25
C SER J 22 -4.71 -28.60 34.20
N GLU J 23 -4.03 -28.58 33.05
CA GLU J 23 -2.62 -29.00 33.06
C GLU J 23 -1.71 -27.89 33.61
N LEU J 24 -2.01 -26.63 33.31
CA LEU J 24 -1.25 -25.54 33.93
C LEU J 24 -1.36 -25.60 35.44
N ALA J 25 -2.57 -25.79 35.96
CA ALA J 25 -2.75 -25.87 37.41
C ALA J 25 -2.03 -27.08 37.99
N ARG J 26 -2.03 -28.22 37.26
CA ARG J 26 -1.34 -29.41 37.72
C ARG J 26 0.17 -29.18 37.85
N LEU J 27 0.73 -28.33 36.98
CA LEU J 27 2.10 -27.86 37.13
C LEU J 27 2.28 -26.87 38.26
N GLY J 28 1.19 -26.48 38.92
CA GLY J 28 1.30 -25.58 40.05
C GLY J 28 1.39 -24.12 39.68
N HIS J 29 0.72 -23.72 38.60
CA HIS J 29 0.72 -22.32 38.20
C HIS J 29 -0.62 -21.67 38.55
N HIS J 30 -0.63 -20.34 38.47
CA HIS J 30 -1.84 -19.56 38.64
C HIS J 30 -2.47 -19.29 37.28
N ILE J 31 -3.80 -19.39 37.19
CA ILE J 31 -4.51 -19.09 35.94
C ILE J 31 -5.71 -18.17 36.20
N ASP J 32 -5.70 -17.01 35.59
CA ASP J 32 -6.86 -16.13 35.52
C ASP J 32 -7.65 -16.50 34.26
N VAL J 33 -8.93 -16.81 34.44
CA VAL J 33 -9.76 -17.32 33.35
C VAL J 33 -10.88 -16.36 33.06
N ILE J 34 -11.16 -16.10 31.77
CA ILE J 34 -12.23 -15.22 31.32
C ILE J 34 -13.04 -15.95 30.25
N ILE J 35 -14.34 -16.13 30.51
CA ILE J 35 -15.22 -16.86 29.61
C ILE J 35 -16.21 -15.87 28.98
N SER J 36 -16.21 -15.77 27.67
CA SER J 36 -17.17 -14.91 27.02
C SER J 36 -18.56 -15.54 27.10
N PRO J 37 -19.61 -14.72 27.00
CA PRO J 37 -20.97 -15.29 26.93
C PRO J 37 -21.10 -16.38 25.88
N SER J 38 -20.52 -16.19 24.70
CA SER J 38 -20.61 -17.21 23.66
C SER J 38 -19.92 -18.50 24.08
N ALA J 39 -18.76 -18.40 24.75
CA ALA J 39 -18.06 -19.61 25.19
C ALA J 39 -18.87 -20.37 26.24
N GLN J 40 -19.66 -19.68 27.05
CA GLN J 40 -20.55 -20.37 27.98
C GLN J 40 -21.56 -21.22 27.21
N LYS J 41 -22.04 -20.74 26.07
CA LYS J 41 -22.95 -21.54 25.25
C LYS J 41 -22.24 -22.75 24.65
N THR J 42 -21.01 -22.58 24.15
CA THR J 42 -20.38 -23.74 23.52
C THR J 42 -19.85 -24.73 24.57
N LEU J 43 -19.50 -24.25 25.77
CA LEU J 43 -19.26 -25.19 26.86
C LEU J 43 -20.45 -26.12 27.05
N TYR J 44 -21.65 -25.55 27.02
CA TYR J 44 -22.86 -26.36 27.15
C TYR J 44 -23.03 -27.31 25.95
N TYR J 45 -22.87 -26.81 24.72
CA TYR J 45 -23.15 -27.65 23.57
C TYR J 45 -22.06 -28.70 23.35
N GLU J 46 -20.81 -28.42 23.75
CA GLU J 46 -19.73 -29.36 23.51
C GLU J 46 -19.36 -30.20 24.72
N LEU J 47 -19.67 -29.76 25.94
CA LEU J 47 -19.25 -30.47 27.14
C LEU J 47 -20.42 -30.80 28.06
N ASP J 48 -21.65 -30.66 27.58
CA ASP J 48 -22.91 -30.84 28.31
C ASP J 48 -22.83 -30.40 29.77
N THR J 49 -22.15 -29.28 30.03
CA THR J 49 -22.12 -28.67 31.34
C THR J 49 -22.34 -27.17 31.18
N LYS J 50 -22.81 -26.53 32.26
CA LYS J 50 -22.97 -25.08 32.33
C LYS J 50 -21.95 -24.44 33.25
N SER J 51 -21.11 -25.22 33.92
CA SER J 51 -20.09 -24.73 34.84
C SER J 51 -18.71 -25.08 34.29
N PHE J 52 -17.85 -24.06 34.09
CA PHE J 52 -16.50 -24.35 33.62
C PHE J 52 -15.68 -25.08 34.67
N LEU J 53 -15.80 -24.68 35.94
CA LEU J 53 -15.03 -25.34 37.00
C LEU J 53 -15.34 -26.84 37.10
N SER J 54 -16.57 -27.24 36.78
CA SER J 54 -16.96 -28.64 36.89
C SER J 54 -16.14 -29.56 35.99
N THR J 55 -15.49 -28.99 34.96
CA THR J 55 -14.62 -29.72 34.05
C THR J 55 -13.21 -29.91 34.60
N ILE J 56 -12.80 -29.11 35.58
CA ILE J 56 -11.44 -29.18 36.12
C ILE J 56 -11.49 -29.97 37.43
N PRO J 57 -10.52 -30.85 37.69
CA PRO J 57 -10.51 -31.52 39.00
C PRO J 57 -10.60 -30.51 40.12
N GLN J 58 -11.47 -30.81 41.08
CA GLN J 58 -11.83 -29.84 42.13
C GLN J 58 -10.61 -29.39 42.93
N ASN J 59 -9.62 -30.27 43.11
CA ASN J 59 -8.39 -29.94 43.82
C ASN J 59 -7.75 -28.65 43.30
N PHE J 60 -7.80 -28.41 41.99
CA PHE J 60 -7.08 -27.30 41.38
C PHE J 60 -7.81 -25.96 41.45
N HIS J 61 -8.99 -25.90 42.09
CA HIS J 61 -9.80 -24.70 41.97
C HIS J 61 -9.13 -23.48 42.61
N ASN J 62 -8.29 -23.69 43.62
CA ASN J 62 -7.67 -22.58 44.34
C ASN J 62 -6.60 -21.87 43.53
N GLN J 63 -6.19 -22.40 42.38
CA GLN J 63 -5.23 -21.70 41.52
C GLN J 63 -5.90 -21.07 40.30
N ILE J 64 -7.23 -21.05 40.24
CA ILE J 64 -7.98 -20.50 39.13
C ILE J 64 -8.88 -19.39 39.64
N VAL J 65 -8.82 -18.22 38.99
CA VAL J 65 -9.69 -17.09 39.31
C VAL J 65 -10.49 -16.75 38.07
N LEU J 66 -11.82 -16.80 38.18
CA LEU J 66 -12.72 -16.40 37.11
C LEU J 66 -12.96 -14.89 37.18
N HIS J 67 -12.91 -14.23 36.03
CA HIS J 67 -13.24 -12.81 35.96
C HIS J 67 -14.38 -12.63 34.98
N HIS J 68 -15.35 -11.79 35.35
CA HIS J 68 -16.45 -11.52 34.43
C HIS J 68 -15.95 -10.80 33.17
N ILE J 69 -16.60 -11.09 32.05
CA ILE J 69 -16.17 -10.59 30.75
C ILE J 69 -16.25 -9.07 30.69
N SER J 70 -17.16 -8.48 31.44
CA SER J 70 -17.37 -7.04 31.42
C SER J 70 -16.54 -6.30 32.46
N SER J 71 -15.73 -7.03 33.23
CA SER J 71 -14.99 -6.45 34.34
C SER J 71 -13.64 -5.92 33.85
N ILE J 72 -13.70 -4.79 33.13
CA ILE J 72 -12.50 -4.24 32.49
C ILE J 72 -11.60 -3.53 33.50
N GLU J 73 -12.17 -2.92 34.53
CA GLU J 73 -11.40 -2.73 35.74
C GLU J 73 -11.05 -4.12 36.27
N SER J 74 -9.81 -4.28 36.74
CA SER J 74 -9.24 -5.56 37.15
C SER J 74 -7.73 -5.44 37.10
N SER J 75 -7.02 -6.14 37.99
CA SER J 75 -5.57 -6.09 37.99
C SER J 75 -5.02 -6.63 36.68
N VAL J 76 -5.56 -7.74 36.19
CA VAL J 76 -5.09 -8.35 34.94
C VAL J 76 -5.26 -7.42 33.75
N SER J 77 -5.97 -6.31 33.91
CA SER J 77 -6.17 -5.36 32.84
C SER J 77 -5.13 -4.24 32.89
N THR J 82 2.03 -8.35 36.52
CA THR J 82 3.01 -9.08 35.71
C THR J 82 2.52 -10.48 35.30
N ILE J 83 2.25 -10.66 34.01
CA ILE J 83 1.64 -11.86 33.44
C ILE J 83 2.67 -12.57 32.56
N ASP J 84 2.83 -13.89 32.76
CA ASP J 84 3.82 -14.61 31.96
C ASP J 84 3.36 -14.90 30.54
N ALA J 85 2.08 -15.17 30.34
CA ALA J 85 1.56 -15.36 28.99
C ALA J 85 0.04 -15.30 29.01
N THR J 86 -0.51 -14.87 27.88
CA THR J 86 -1.94 -14.76 27.65
C THR J 86 -2.30 -15.67 26.48
N ILE J 87 -3.28 -16.54 26.68
CA ILE J 87 -3.70 -17.53 25.70
C ILE J 87 -5.20 -17.35 25.51
N ILE J 88 -5.62 -17.02 24.29
CA ILE J 88 -7.03 -17.00 23.92
C ILE J 88 -7.32 -18.33 23.24
N VAL J 89 -8.08 -19.20 23.89
CA VAL J 89 -8.33 -20.54 23.36
C VAL J 89 -9.66 -21.12 23.87
N PRO J 90 -10.54 -21.58 22.95
CA PRO J 90 -10.45 -21.33 21.50
C PRO J 90 -10.65 -19.84 21.26
N CYS J 91 -10.37 -19.39 20.05
CA CYS J 91 -10.47 -17.98 19.73
C CYS J 91 -11.33 -17.83 18.49
N SER J 92 -12.47 -17.18 18.63
CA SER J 92 -13.35 -16.99 17.49
C SER J 92 -12.78 -15.93 16.54
N VAL J 93 -13.21 -15.96 15.27
CA VAL J 93 -12.71 -14.96 14.32
C VAL J 93 -13.19 -13.57 14.72
N ALA J 94 -14.38 -13.48 15.32
CA ALA J 94 -14.84 -12.20 15.87
C ALA J 94 -13.85 -11.63 16.89
N THR J 95 -13.32 -12.47 17.76
CA THR J 95 -12.36 -12.01 18.76
C THR J 95 -11.03 -11.69 18.10
N VAL J 96 -10.62 -12.49 17.11
CA VAL J 96 -9.46 -12.14 16.32
C VAL J 96 -9.63 -10.75 15.71
N ALA J 97 -10.82 -10.50 15.13
CA ALA J 97 -11.11 -9.21 14.53
C ALA J 97 -10.94 -8.08 15.54
N ALA J 98 -11.59 -8.22 16.69
CA ALA J 98 -11.55 -7.19 17.74
C ALA J 98 -10.13 -6.89 18.16
N ILE J 99 -9.34 -7.93 18.43
CA ILE J 99 -7.97 -7.76 18.87
C ILE J 99 -7.13 -7.12 17.77
N SER J 100 -7.34 -7.55 16.51
CA SER J 100 -6.54 -6.96 15.43
C SER J 100 -6.83 -5.48 15.26
N CYS J 101 -8.07 -5.04 15.57
CA CYS J 101 -8.46 -3.64 15.46
C CYS J 101 -8.12 -2.83 16.69
N GLY J 102 -7.67 -3.46 17.78
CA GLY J 102 -7.51 -2.75 19.03
C GLY J 102 -8.81 -2.45 19.75
N LEU J 103 -9.86 -3.21 19.45
CA LEU J 103 -11.20 -3.00 20.02
C LEU J 103 -11.29 -3.67 21.39
N ALA J 104 -10.62 -3.05 22.36
CA ALA J 104 -10.41 -3.64 23.68
C ALA J 104 -11.55 -3.26 24.64
N ASP J 105 -12.78 -3.62 24.27
CA ASP J 105 -13.94 -3.14 24.99
C ASP J 105 -14.66 -4.22 25.80
N ASN J 106 -13.97 -5.32 26.10
CA ASN J 106 -14.35 -6.20 27.21
C ASN J 106 -13.05 -6.78 27.76
N LEU J 107 -13.15 -7.49 28.89
CA LEU J 107 -11.90 -7.91 29.55
C LEU J 107 -11.10 -8.89 28.70
N LEU J 108 -11.76 -9.74 27.90
CA LEU J 108 -11.04 -10.71 27.09
C LEU J 108 -10.22 -10.02 26.02
N ARG J 109 -10.85 -9.13 25.25
CA ARG J 109 -10.13 -8.34 24.27
C ARG J 109 -9.07 -7.48 24.95
N ARG J 110 -9.34 -7.06 26.17
CA ARG J 110 -8.43 -6.12 26.81
C ARG J 110 -7.15 -6.79 27.28
N VAL J 111 -7.24 -8.00 27.85
CA VAL J 111 -6.01 -8.64 28.31
C VAL J 111 -5.11 -9.00 27.13
N ALA J 112 -5.70 -9.33 25.97
CA ALA J 112 -4.90 -9.54 24.77
C ALA J 112 -4.25 -8.23 24.30
N ASP J 113 -5.01 -7.13 24.28
CA ASP J 113 -4.46 -5.82 23.95
C ASP J 113 -3.31 -5.46 24.90
N VAL J 114 -3.42 -5.82 26.18
CA VAL J 114 -2.35 -5.48 27.12
C VAL J 114 -1.09 -6.30 26.82
N ALA J 115 -1.25 -7.60 26.54
CA ALA J 115 -0.10 -8.40 26.14
C ALA J 115 0.62 -7.75 24.96
N LEU J 116 -0.14 -7.34 23.94
CA LEU J 116 0.49 -6.76 22.75
C LEU J 116 1.20 -5.45 23.08
N LYS J 117 0.54 -4.56 23.82
CA LYS J 117 1.17 -3.26 24.11
C LYS J 117 2.38 -3.42 25.02
N GLU J 118 2.38 -4.39 25.94
CA GLU J 118 3.55 -4.61 26.78
C GLU J 118 4.52 -5.60 26.16
N LYS J 119 4.25 -6.14 24.97
CA LYS J 119 5.14 -7.10 24.31
C LYS J 119 5.39 -8.30 25.23
N ARG J 120 4.34 -8.78 25.87
CA ARG J 120 4.33 -10.03 26.60
C ARG J 120 3.62 -11.08 25.78
N PRO J 121 3.93 -12.36 25.96
CA PRO J 121 3.45 -13.37 25.00
C PRO J 121 1.93 -13.44 24.94
N LEU J 122 1.42 -13.51 23.71
CA LEU J 122 -0.01 -13.64 23.42
C LEU J 122 -0.16 -14.79 22.43
N ILE J 123 -0.79 -15.88 22.86
CA ILE J 123 -1.04 -17.02 21.98
C ILE J 123 -2.54 -17.05 21.64
N LEU J 124 -2.84 -17.02 20.36
CA LEU J 124 -4.21 -17.13 19.85
C LEU J 124 -4.39 -18.48 19.20
N VAL J 125 -5.49 -19.17 19.55
CA VAL J 125 -5.79 -20.48 18.98
C VAL J 125 -7.06 -20.30 18.16
N PRO J 126 -6.96 -19.70 16.98
CA PRO J 126 -8.15 -19.37 16.19
C PRO J 126 -8.73 -20.60 15.54
N ARG J 127 -10.04 -20.72 15.58
CA ARG J 127 -10.69 -21.88 14.98
C ARG J 127 -11.83 -21.39 14.10
N GLU J 128 -11.68 -21.59 12.80
CA GLU J 128 -12.71 -21.29 11.80
C GLU J 128 -12.28 -21.96 10.50
N ALA J 129 -13.26 -22.32 9.69
CA ALA J 129 -12.99 -22.98 8.41
C ALA J 129 -14.20 -22.81 7.48
N PRO J 130 -13.96 -22.37 6.23
CA PRO J 130 -12.74 -21.81 5.64
C PRO J 130 -12.26 -20.55 6.39
N LEU J 131 -11.00 -20.16 6.18
CA LEU J 131 -10.51 -18.84 6.60
C LEU J 131 -10.59 -17.91 5.40
N SER J 132 -11.47 -16.90 5.48
CA SER J 132 -11.62 -15.92 4.40
C SER J 132 -10.45 -14.94 4.38
N ALA J 133 -10.41 -14.14 3.31
CA ALA J 133 -9.42 -13.09 3.19
C ALA J 133 -9.56 -12.07 4.32
N ILE J 134 -10.79 -11.82 4.78
CA ILE J 134 -10.95 -10.92 5.92
C ILE J 134 -10.27 -11.52 7.17
N HIS J 135 -10.51 -12.81 7.44
CA HIS J 135 -9.89 -13.46 8.59
C HIS J 135 -8.37 -13.51 8.47
N LEU J 136 -7.88 -13.84 7.28
CA LEU J 136 -6.45 -13.96 7.09
C LEU J 136 -5.77 -12.62 7.31
N GLU J 137 -6.37 -11.54 6.80
CA GLU J 137 -5.78 -10.22 6.99
C GLU J 137 -5.63 -9.90 8.48
N ASN J 138 -6.67 -10.14 9.28
CA ASN J 138 -6.56 -9.87 10.72
C ASN J 138 -5.47 -10.72 11.36
N LEU J 139 -5.37 -11.99 10.95
CA LEU J 139 -4.41 -12.89 11.57
C LEU J 139 -2.98 -12.46 11.23
N LEU J 140 -2.77 -12.11 9.96
CA LEU J 140 -1.51 -11.57 9.51
C LEU J 140 -1.10 -10.35 10.33
N LYS J 141 -2.04 -9.39 10.50
CA LYS J 141 -1.75 -8.17 11.27
C LYS J 141 -1.33 -8.52 12.69
N LEU J 142 -2.02 -9.48 13.30
CA LEU J 142 -1.71 -9.94 14.64
C LEU J 142 -0.32 -10.57 14.69
N ALA J 143 0.03 -11.38 13.69
CA ALA J 143 1.36 -11.98 13.67
C ALA J 143 2.45 -10.92 13.51
N GLN J 144 2.16 -9.85 12.76
CA GLN J 144 3.11 -8.78 12.62
C GLN J 144 3.28 -7.99 13.92
N ASN J 145 2.29 -8.01 14.79
CA ASN J 145 2.43 -7.35 16.07
C ASN J 145 2.88 -8.30 17.16
N GLY J 146 3.33 -9.51 16.81
CA GLY J 146 4.00 -10.39 17.75
C GLY J 146 3.13 -11.49 18.32
N ALA J 147 1.83 -11.50 18.04
CA ALA J 147 1.00 -12.61 18.53
C ALA J 147 1.45 -13.91 17.89
N VAL J 148 1.44 -14.98 18.67
CA VAL J 148 1.63 -16.33 18.14
C VAL J 148 0.28 -16.83 17.62
N ILE J 149 0.24 -17.19 16.34
CA ILE J 149 -0.99 -17.66 15.70
C ILE J 149 -0.92 -19.19 15.63
N LEU J 150 -1.72 -19.86 16.45
CA LEU J 150 -1.61 -21.31 16.63
C LEU J 150 -2.97 -21.96 16.36
N PRO J 151 -3.36 -22.17 15.10
CA PRO J 151 -4.62 -22.85 14.84
C PRO J 151 -4.56 -24.28 15.34
N PRO J 152 -5.67 -24.82 15.84
CA PRO J 152 -5.63 -26.17 16.46
C PRO J 152 -5.53 -27.30 15.44
N MET J 153 -4.36 -27.50 14.84
CA MET J 153 -4.18 -28.50 13.80
C MET J 153 -3.87 -29.85 14.43
N PRO J 154 -4.64 -30.90 14.16
CA PRO J 154 -4.27 -32.23 14.66
C PRO J 154 -2.86 -32.60 14.24
N ILE J 155 -2.17 -33.30 15.13
CA ILE J 155 -0.81 -33.71 14.90
C ILE J 155 -0.85 -35.21 14.59
N TRP J 156 -1.03 -35.53 13.31
CA TRP J 156 -1.26 -36.91 12.94
C TRP J 156 -0.01 -37.78 13.00
N TYR J 157 1.18 -37.19 13.03
CA TYR J 157 2.33 -38.09 13.11
C TYR J 157 2.46 -38.75 14.47
N PHE J 158 1.64 -38.37 15.46
CA PHE J 158 1.61 -39.08 16.73
C PHE J 158 0.58 -40.20 16.76
N LYS J 159 0.02 -40.56 15.61
CA LYS J 159 -0.92 -41.66 15.48
C LYS J 159 -2.05 -41.64 16.52
N PRO J 160 -2.79 -40.56 16.64
CA PRO J 160 -3.91 -40.53 17.57
C PRO J 160 -4.92 -41.63 17.26
N GLN J 161 -5.56 -42.14 18.29
CA GLN J 161 -6.61 -43.14 18.16
C GLN J 161 -7.98 -42.59 18.49
N THR J 162 -8.07 -41.75 19.51
CA THR J 162 -9.31 -41.17 20.00
C THR J 162 -9.30 -39.67 19.78
N ALA J 163 -10.47 -39.06 19.94
CA ALA J 163 -10.58 -37.60 19.86
C ALA J 163 -9.74 -36.94 20.95
N GLU J 164 -9.70 -37.54 22.12
CA GLU J 164 -8.98 -36.94 23.23
C GLU J 164 -7.48 -36.89 22.95
N ASP J 165 -6.93 -37.93 22.28
CA ASP J 165 -5.53 -37.89 21.85
C ASP J 165 -5.22 -36.65 21.04
N ILE J 166 -6.10 -36.31 20.07
CA ILE J 166 -5.86 -35.16 19.20
C ILE J 166 -5.88 -33.87 20.01
N ALA J 167 -6.90 -33.70 20.83
CA ALA J 167 -6.98 -32.52 21.71
C ALA J 167 -5.76 -32.41 22.63
N ASN J 168 -5.33 -33.53 23.21
CA ASN J 168 -4.19 -33.52 24.14
C ASN J 168 -2.91 -33.07 23.45
N ASP J 169 -2.64 -33.61 22.27
CA ASP J 169 -1.41 -33.21 21.58
C ASP J 169 -1.48 -31.78 21.07
N ILE J 170 -2.68 -31.22 20.84
CA ILE J 170 -2.75 -29.81 20.45
C ILE J 170 -2.40 -28.92 21.64
N VAL J 171 -2.94 -29.24 22.82
CA VAL J 171 -2.55 -28.55 24.05
C VAL J 171 -1.06 -28.74 24.35
N GLY J 172 -0.50 -29.90 24.00
CA GLY J 172 0.94 -30.08 24.16
C GLY J 172 1.73 -29.06 23.37
N LYS J 173 1.30 -28.78 22.15
CA LYS J 173 1.95 -27.77 21.32
C LYS J 173 1.91 -26.39 22.00
N ILE J 174 0.77 -26.03 22.58
CA ILE J 174 0.66 -24.79 23.38
C ILE J 174 1.65 -24.81 24.54
N LEU J 175 1.68 -25.91 25.29
CA LEU J 175 2.58 -25.96 26.44
C LEU J 175 4.03 -25.88 26.00
N ALA J 176 4.35 -26.41 24.81
CA ALA J 176 5.71 -26.28 24.29
C ALA J 176 6.03 -24.83 23.95
N ILE J 177 5.04 -24.07 23.46
CA ILE J 177 5.29 -22.67 23.14
C ILE J 177 5.46 -21.85 24.41
N LEU J 178 4.72 -22.20 25.45
CA LEU J 178 4.90 -21.60 26.77
C LEU J 178 6.23 -21.99 27.42
N GLN J 179 7.00 -22.88 26.79
CA GLN J 179 8.30 -23.34 27.32
C GLN J 179 8.13 -24.14 28.61
N LEU J 180 7.07 -24.93 28.68
CA LEU J 180 6.78 -25.76 29.83
C LEU J 180 7.05 -27.21 29.50
N ASP J 181 7.50 -27.96 30.50
CA ASP J 181 7.68 -29.39 30.36
C ASP J 181 6.42 -30.09 30.86
N SER J 182 5.83 -30.93 30.02
CA SER J 182 4.58 -31.58 30.37
C SER J 182 4.51 -32.93 29.66
N PRO J 183 3.81 -33.91 30.25
CA PRO J 183 3.61 -35.19 29.53
C PRO J 183 2.78 -35.02 28.27
N LEU J 184 1.96 -33.98 28.17
CA LEU J 184 1.21 -33.71 26.95
C LEU J 184 2.14 -33.53 25.75
N ILE J 185 3.38 -33.11 25.98
CA ILE J 185 4.34 -32.85 24.91
C ILE J 185 5.06 -34.14 24.53
N LYS J 186 5.21 -34.39 23.23
CA LYS J 186 6.08 -35.46 22.76
C LYS J 186 7.01 -34.98 21.65
N MET K 1 -25.78 37.17 -2.17
CA MET K 1 -25.84 36.40 -3.41
C MET K 1 -24.53 35.65 -3.67
N LYS K 2 -24.62 34.33 -3.69
CA LYS K 2 -23.49 33.45 -3.94
C LYS K 2 -23.53 32.92 -5.36
N ARG K 3 -22.41 32.33 -5.78
CA ARG K 3 -22.24 31.80 -7.12
C ARG K 3 -21.96 30.30 -7.03
N TYR K 4 -22.69 29.53 -7.80
CA TYR K 4 -22.62 28.08 -7.75
C TYR K 4 -22.45 27.50 -9.14
N VAL K 5 -21.65 26.46 -9.24
CA VAL K 5 -21.51 25.70 -10.49
C VAL K 5 -22.24 24.39 -10.29
N VAL K 6 -23.18 24.09 -11.19
CA VAL K 6 -23.90 22.82 -11.15
C VAL K 6 -23.58 22.08 -12.44
N GLY K 7 -22.92 20.93 -12.29
CA GLY K 7 -22.68 20.05 -13.41
C GLY K 7 -23.74 18.97 -13.40
N ILE K 8 -24.36 18.78 -14.55
CA ILE K 8 -25.36 17.75 -14.72
C ILE K 8 -24.73 16.68 -15.58
N SER K 9 -24.45 15.56 -14.95
CA SER K 9 -23.87 14.37 -15.54
C SER K 9 -24.98 13.36 -15.79
N GLY K 10 -24.75 12.44 -16.73
CA GLY K 10 -25.80 11.59 -17.25
C GLY K 10 -26.21 10.36 -16.43
N ALA K 11 -26.38 10.50 -15.12
CA ALA K 11 -26.92 9.44 -14.29
C ALA K 11 -28.39 9.73 -14.02
N SER K 12 -29.11 8.69 -13.59
CA SER K 12 -30.54 8.84 -13.34
C SER K 12 -30.80 9.79 -12.18
N GLY K 13 -31.84 10.59 -12.30
CA GLY K 13 -32.21 11.55 -11.26
C GLY K 13 -31.92 12.99 -11.63
N ILE K 14 -32.01 13.32 -12.91
CA ILE K 14 -31.85 14.72 -13.30
C ILE K 14 -32.88 15.60 -12.62
N VAL K 15 -33.99 15.03 -12.15
CA VAL K 15 -34.96 15.81 -11.38
C VAL K 15 -34.29 16.47 -10.18
N LEU K 16 -33.22 15.84 -9.62
CA LEU K 16 -32.51 16.47 -8.50
C LEU K 16 -31.80 17.75 -8.94
N ALA K 17 -31.13 17.73 -10.10
CA ALA K 17 -30.54 18.97 -10.62
C ALA K 17 -31.62 20.04 -10.77
N VAL K 18 -32.76 19.67 -11.37
CA VAL K 18 -33.81 20.64 -11.61
C VAL K 18 -34.25 21.29 -10.29
N THR K 19 -34.52 20.48 -9.26
CA THR K 19 -35.09 21.15 -8.11
C THR K 19 -34.02 21.90 -7.31
N LEU K 20 -32.75 21.46 -7.39
CA LEU K 20 -31.67 22.20 -6.74
C LEU K 20 -31.43 23.56 -7.40
N VAL K 21 -31.33 23.57 -8.74
CA VAL K 21 -31.08 24.83 -9.45
C VAL K 21 -32.26 25.78 -9.27
N SER K 22 -33.48 25.24 -9.26
CA SER K 22 -34.65 26.06 -9.00
C SER K 22 -34.59 26.68 -7.62
N GLU K 23 -34.28 25.89 -6.59
CA GLU K 23 -34.25 26.46 -5.24
C GLU K 23 -33.09 27.42 -5.07
N LEU K 24 -31.96 27.18 -5.74
CA LEU K 24 -30.83 28.09 -5.60
C LEU K 24 -31.17 29.46 -6.16
N ALA K 25 -31.87 29.50 -7.29
CA ALA K 25 -32.30 30.79 -7.83
C ALA K 25 -33.40 31.40 -6.97
N ARG K 26 -34.33 30.57 -6.48
CA ARG K 26 -35.42 31.06 -5.64
C ARG K 26 -34.92 31.76 -4.39
N LEU K 27 -33.69 31.48 -3.96
CA LEU K 27 -33.05 32.14 -2.82
C LEU K 27 -32.11 33.26 -3.25
N GLY K 28 -32.03 33.56 -4.55
CA GLY K 28 -31.35 34.74 -5.05
C GLY K 28 -29.99 34.52 -5.70
N HIS K 29 -29.56 33.28 -5.90
CA HIS K 29 -28.16 33.07 -6.23
C HIS K 29 -27.95 32.92 -7.74
N HIS K 30 -26.68 32.96 -8.13
CA HIS K 30 -26.25 32.76 -9.50
C HIS K 30 -25.78 31.32 -9.69
N ILE K 31 -26.27 30.67 -10.73
CA ILE K 31 -25.95 29.27 -11.01
C ILE K 31 -25.36 29.20 -12.41
N ASP K 32 -24.13 28.72 -12.52
CA ASP K 32 -23.56 28.31 -13.79
C ASP K 32 -23.81 26.81 -13.94
N VAL K 33 -24.48 26.44 -15.03
CA VAL K 33 -24.93 25.06 -15.26
C VAL K 33 -24.15 24.50 -16.44
N ILE K 34 -23.61 23.29 -16.27
CA ILE K 34 -22.96 22.56 -17.36
C ILE K 34 -23.68 21.23 -17.55
N ILE K 35 -24.23 21.02 -18.74
CA ILE K 35 -25.03 19.84 -19.04
C ILE K 35 -24.24 18.95 -19.97
N SER K 36 -23.98 17.73 -19.55
CA SER K 36 -23.28 16.87 -20.46
C SER K 36 -24.25 16.35 -21.52
N PRO K 37 -23.74 15.94 -22.69
CA PRO K 37 -24.64 15.38 -23.71
C PRO K 37 -25.43 14.17 -23.22
N SER K 38 -24.85 13.33 -22.34
CA SER K 38 -25.62 12.19 -21.82
C SER K 38 -26.71 12.65 -20.86
N ALA K 39 -26.45 13.69 -20.06
CA ALA K 39 -27.50 14.23 -19.22
C ALA K 39 -28.62 14.83 -20.05
N GLN K 40 -28.31 15.36 -21.24
CA GLN K 40 -29.36 15.83 -22.13
C GLN K 40 -30.31 14.68 -22.50
N LYS K 41 -29.75 13.51 -22.81
CA LYS K 41 -30.60 12.36 -23.11
C LYS K 41 -31.45 11.98 -21.91
N THR K 42 -30.86 12.01 -20.71
CA THR K 42 -31.60 11.64 -19.51
C THR K 42 -32.72 12.63 -19.21
N LEU K 43 -32.49 13.92 -19.48
CA LEU K 43 -33.53 14.91 -19.30
C LEU K 43 -34.76 14.53 -20.13
N TYR K 44 -34.52 14.16 -21.38
CA TYR K 44 -35.62 13.71 -22.23
C TYR K 44 -36.28 12.46 -21.65
N TYR K 45 -35.48 11.40 -21.41
CA TYR K 45 -36.09 10.13 -21.02
C TYR K 45 -36.76 10.22 -19.64
N GLU K 46 -36.26 11.08 -18.76
CA GLU K 46 -36.86 11.16 -17.43
C GLU K 46 -37.81 12.33 -17.24
N LEU K 47 -37.61 13.46 -17.93
CA LEU K 47 -38.50 14.61 -17.76
C LEU K 47 -39.28 14.99 -19.03
N ASP K 48 -39.14 14.22 -20.11
CA ASP K 48 -39.92 14.44 -21.33
C ASP K 48 -39.67 15.81 -21.97
N THR K 49 -38.48 16.39 -21.78
CA THR K 49 -38.15 17.64 -22.44
C THR K 49 -36.71 17.59 -22.95
N LYS K 50 -36.43 18.48 -23.90
CA LYS K 50 -35.08 18.67 -24.42
C LYS K 50 -34.48 20.02 -24.06
N SER K 51 -35.15 20.82 -23.24
CA SER K 51 -34.61 22.09 -22.77
C SER K 51 -34.57 22.05 -21.25
N PHE K 52 -33.35 22.06 -20.68
CA PHE K 52 -33.25 22.17 -19.23
C PHE K 52 -33.88 23.46 -18.74
N LEU K 53 -33.58 24.57 -19.43
CA LEU K 53 -34.20 25.85 -19.07
C LEU K 53 -35.72 25.76 -19.01
N SER K 54 -36.33 24.89 -19.82
CA SER K 54 -37.79 24.76 -19.83
C SER K 54 -38.34 24.10 -18.57
N THR K 55 -37.47 23.62 -17.68
CA THR K 55 -37.88 23.03 -16.41
C THR K 55 -37.80 24.01 -15.25
N ILE K 56 -37.25 25.21 -15.47
CA ILE K 56 -37.03 26.17 -14.39
C ILE K 56 -38.04 27.29 -14.56
N PRO K 57 -38.70 27.76 -13.50
CA PRO K 57 -39.61 28.90 -13.66
C PRO K 57 -38.92 30.09 -14.31
N GLN K 58 -39.65 30.74 -15.21
CA GLN K 58 -39.06 31.63 -16.19
C GLN K 58 -38.39 32.84 -15.56
N ASN K 59 -38.92 33.34 -14.44
CA ASN K 59 -38.27 34.54 -13.90
C ASN K 59 -36.93 34.22 -13.24
N PHE K 60 -36.54 32.94 -13.16
CA PHE K 60 -35.24 32.54 -12.65
C PHE K 60 -34.17 32.43 -13.73
N HIS K 61 -34.54 32.54 -15.00
CA HIS K 61 -33.56 32.22 -16.03
C HIS K 61 -32.44 33.24 -16.12
N ASN K 62 -32.68 34.47 -15.70
CA ASN K 62 -31.61 35.47 -15.77
C ASN K 62 -30.51 35.21 -14.76
N GLN K 63 -30.79 34.41 -13.71
CA GLN K 63 -29.79 34.02 -12.72
C GLN K 63 -29.03 32.76 -13.11
N ILE K 64 -29.24 32.22 -14.31
CA ILE K 64 -28.66 30.95 -14.72
C ILE K 64 -27.91 31.16 -16.03
N VAL K 65 -26.71 30.58 -16.11
CA VAL K 65 -25.89 30.66 -17.32
C VAL K 65 -25.55 29.24 -17.74
N LEU K 66 -26.12 28.78 -18.85
CA LEU K 66 -25.69 27.51 -19.43
C LEU K 66 -24.35 27.67 -20.12
N HIS K 67 -23.47 26.69 -19.94
CA HIS K 67 -22.16 26.63 -20.55
C HIS K 67 -22.01 25.34 -21.33
N HIS K 68 -21.47 25.42 -22.54
CA HIS K 68 -21.28 24.21 -23.32
C HIS K 68 -20.20 23.32 -22.68
N ILE K 69 -20.39 22.00 -22.79
CA ILE K 69 -19.49 21.12 -22.09
C ILE K 69 -18.09 21.16 -22.69
N SER K 70 -17.93 21.65 -23.91
CA SER K 70 -16.60 21.75 -24.50
C SER K 70 -15.91 23.09 -24.19
N SER K 71 -16.59 24.00 -23.50
CA SER K 71 -16.06 25.35 -23.33
C SER K 71 -15.08 25.38 -22.14
N ILE K 72 -13.94 24.73 -22.35
CA ILE K 72 -12.91 24.75 -21.31
C ILE K 72 -12.18 26.07 -21.24
N GLU K 73 -12.45 26.98 -22.19
CA GLU K 73 -11.96 28.37 -22.11
C GLU K 73 -12.85 29.24 -21.24
N SER K 74 -13.92 28.69 -20.68
CA SER K 74 -14.89 29.49 -19.95
C SER K 74 -14.30 29.99 -18.64
N SER K 75 -14.84 31.13 -18.17
CA SER K 75 -14.37 31.74 -16.92
C SER K 75 -14.41 30.76 -15.76
N VAL K 76 -15.45 29.91 -15.71
CA VAL K 76 -15.58 28.95 -14.63
C VAL K 76 -14.56 27.81 -14.73
N SER K 77 -13.82 27.74 -15.84
CA SER K 77 -12.75 26.76 -15.98
C SER K 77 -11.45 27.21 -15.35
N SER K 78 -11.36 28.48 -14.94
CA SER K 78 -10.17 29.03 -14.31
C SER K 78 -10.36 29.07 -12.79
N GLY K 79 -9.26 28.83 -12.06
CA GLY K 79 -9.30 28.85 -10.60
C GLY K 79 -9.27 30.24 -9.99
N SER K 80 -9.00 31.27 -10.78
CA SER K 80 -8.98 32.65 -10.30
C SER K 80 -10.38 33.25 -10.15
N ASN K 81 -11.40 32.66 -10.78
CA ASN K 81 -12.77 33.14 -10.67
C ASN K 81 -13.49 32.42 -9.52
N THR K 82 -13.92 33.18 -8.51
CA THR K 82 -14.27 32.58 -7.23
C THR K 82 -15.72 32.08 -7.19
N ILE K 83 -15.86 30.75 -7.04
CA ILE K 83 -17.11 29.99 -6.94
C ILE K 83 -17.34 29.62 -5.48
N ASP K 84 -18.58 29.72 -5.00
CA ASP K 84 -18.82 29.36 -3.60
C ASP K 84 -18.89 27.85 -3.36
N ALA K 85 -19.56 27.10 -4.24
CA ALA K 85 -19.54 25.64 -4.15
C ALA K 85 -19.91 25.05 -5.50
N THR K 86 -19.39 23.86 -5.77
CA THR K 86 -19.59 23.17 -7.04
C THR K 86 -20.30 21.85 -6.76
N ILE K 87 -21.38 21.59 -7.50
CA ILE K 87 -22.21 20.40 -7.29
C ILE K 87 -22.32 19.68 -8.62
N ILE K 88 -21.92 18.41 -8.64
CA ILE K 88 -22.18 17.54 -9.79
C ILE K 88 -23.36 16.64 -9.40
N VAL K 89 -24.52 16.90 -9.99
CA VAL K 89 -25.76 16.19 -9.66
C VAL K 89 -26.64 16.08 -10.92
N PRO K 90 -27.14 14.86 -11.22
CA PRO K 90 -26.61 13.61 -10.66
C PRO K 90 -25.20 13.39 -11.21
N CYS K 91 -24.42 12.46 -10.66
CA CYS K 91 -23.06 12.24 -11.12
C CYS K 91 -22.92 10.78 -11.52
N SER K 92 -22.47 10.53 -12.73
CA SER K 92 -22.30 9.16 -13.17
C SER K 92 -20.98 8.62 -12.62
N VAL K 93 -20.84 7.28 -12.65
CA VAL K 93 -19.56 6.69 -12.24
C VAL K 93 -18.48 7.02 -13.27
N ALA K 94 -18.88 7.23 -14.53
CA ALA K 94 -17.91 7.65 -15.52
C ALA K 94 -17.28 8.99 -15.14
N THR K 95 -18.10 9.94 -14.69
CA THR K 95 -17.57 11.25 -14.32
C THR K 95 -16.85 11.21 -12.97
N VAL K 96 -17.35 10.40 -12.02
CA VAL K 96 -16.59 10.10 -10.80
C VAL K 96 -15.20 9.61 -11.16
N ALA K 97 -15.15 8.62 -12.08
CA ALA K 97 -13.88 8.08 -12.55
C ALA K 97 -12.96 9.19 -13.07
N ALA K 98 -13.49 9.99 -14.01
CA ALA K 98 -12.71 11.06 -14.62
C ALA K 98 -12.18 12.02 -13.56
N ILE K 99 -13.05 12.49 -12.66
CA ILE K 99 -12.62 13.45 -11.66
C ILE K 99 -11.56 12.83 -10.76
N SER K 100 -11.72 11.55 -10.42
CA SER K 100 -10.78 10.94 -9.50
C SER K 100 -9.41 10.73 -10.16
N CYS K 101 -9.36 10.62 -11.50
CA CYS K 101 -8.10 10.44 -12.20
C CYS K 101 -7.40 11.76 -12.52
N GLY K 102 -8.09 12.89 -12.38
CA GLY K 102 -7.53 14.17 -12.83
C GLY K 102 -7.83 14.48 -14.27
N LEU K 103 -8.76 13.74 -14.89
CA LEU K 103 -8.98 13.77 -16.33
C LEU K 103 -9.92 14.93 -16.70
N ALA K 104 -9.38 16.15 -16.60
CA ALA K 104 -10.19 17.36 -16.65
C ALA K 104 -10.32 17.87 -18.09
N ASP K 105 -10.82 17.01 -18.99
CA ASP K 105 -10.75 17.32 -20.41
C ASP K 105 -12.08 17.73 -21.01
N ASN K 106 -13.07 18.03 -20.17
CA ASN K 106 -14.24 18.79 -20.61
C ASN K 106 -14.63 19.68 -19.43
N LEU K 107 -15.54 20.63 -19.68
CA LEU K 107 -15.74 21.72 -18.71
C LEU K 107 -16.38 21.21 -17.42
N LEU K 108 -17.24 20.20 -17.52
CA LEU K 108 -17.82 19.58 -16.32
C LEU K 108 -16.74 18.93 -15.46
N ARG K 109 -15.83 18.17 -16.07
CA ARG K 109 -14.76 17.55 -15.28
C ARG K 109 -13.81 18.60 -14.76
N ARG K 110 -13.59 19.64 -15.58
CA ARG K 110 -12.66 20.72 -15.24
C ARG K 110 -13.11 21.50 -14.02
N VAL K 111 -14.42 21.81 -13.92
CA VAL K 111 -14.84 22.62 -12.77
C VAL K 111 -14.72 21.80 -11.49
N ALA K 112 -14.82 20.49 -11.58
CA ALA K 112 -14.68 19.69 -10.37
C ALA K 112 -13.22 19.62 -9.95
N ASP K 113 -12.31 19.40 -10.91
CA ASP K 113 -10.88 19.45 -10.65
C ASP K 113 -10.45 20.82 -10.09
N VAL K 114 -11.00 21.89 -10.66
CA VAL K 114 -10.65 23.24 -10.20
C VAL K 114 -11.06 23.43 -8.74
N ALA K 115 -12.26 22.97 -8.39
CA ALA K 115 -12.72 23.04 -7.00
C ALA K 115 -11.78 22.27 -6.08
N LEU K 116 -11.29 21.10 -6.54
CA LEU K 116 -10.39 20.30 -5.75
C LEU K 116 -9.06 21.01 -5.57
N LYS K 117 -8.48 21.53 -6.65
CA LYS K 117 -7.16 22.14 -6.47
C LYS K 117 -7.22 23.45 -5.71
N GLU K 118 -8.35 24.14 -5.69
CA GLU K 118 -8.46 25.37 -4.92
C GLU K 118 -9.03 25.13 -3.53
N LYS K 119 -9.32 23.88 -3.17
CA LYS K 119 -9.92 23.53 -1.89
C LYS K 119 -11.21 24.34 -1.65
N ARG K 120 -12.08 24.40 -2.71
CA ARG K 120 -13.43 24.92 -2.59
C ARG K 120 -14.44 23.78 -2.59
N PRO K 121 -15.66 23.99 -2.09
CA PRO K 121 -16.57 22.86 -1.90
C PRO K 121 -16.97 22.18 -3.21
N LEU K 122 -16.81 20.86 -3.24
CA LEU K 122 -17.19 20.01 -4.37
C LEU K 122 -18.09 18.92 -3.83
N ILE K 123 -19.36 18.96 -4.23
CA ILE K 123 -20.34 17.96 -3.85
C ILE K 123 -20.67 17.10 -5.06
N LEU K 124 -20.49 15.79 -4.90
CA LEU K 124 -20.80 14.80 -5.91
C LEU K 124 -22.05 14.04 -5.46
N VAL K 125 -23.00 13.86 -6.37
CA VAL K 125 -24.22 13.10 -6.06
C VAL K 125 -24.18 11.85 -6.93
N PRO K 126 -23.36 10.86 -6.59
CA PRO K 126 -23.19 9.69 -7.48
C PRO K 126 -24.39 8.77 -7.38
N ARG K 127 -24.87 8.34 -8.53
CA ARG K 127 -26.03 7.47 -8.64
C ARG K 127 -25.61 6.29 -9.50
N GLU K 128 -25.54 5.12 -8.89
CA GLU K 128 -25.26 3.86 -9.56
C GLU K 128 -25.51 2.74 -8.56
N ALA K 129 -25.95 1.59 -9.07
CA ALA K 129 -26.12 0.40 -8.25
C ALA K 129 -26.11 -0.84 -9.13
N PRO K 130 -25.43 -1.91 -8.65
CA PRO K 130 -24.61 -1.87 -7.43
C PRO K 130 -23.31 -1.08 -7.66
N LEU K 131 -22.55 -0.84 -6.59
CA LEU K 131 -21.28 -0.12 -6.68
C LEU K 131 -20.15 -1.14 -6.65
N SER K 132 -19.40 -1.23 -7.74
CA SER K 132 -18.26 -2.14 -7.84
C SER K 132 -17.06 -1.63 -7.05
N ALA K 133 -16.07 -2.51 -6.87
CA ALA K 133 -14.82 -2.11 -6.23
C ALA K 133 -14.15 -0.97 -6.99
N ILE K 134 -14.25 -0.97 -8.31
CA ILE K 134 -13.66 0.13 -9.08
C ILE K 134 -14.33 1.45 -8.74
N HIS K 135 -15.66 1.49 -8.76
CA HIS K 135 -16.38 2.71 -8.41
C HIS K 135 -16.05 3.16 -6.99
N LEU K 136 -15.96 2.19 -6.05
CA LEU K 136 -15.76 2.56 -4.65
C LEU K 136 -14.34 3.06 -4.37
N GLU K 137 -13.34 2.53 -5.08
CA GLU K 137 -12.00 3.10 -4.98
C GLU K 137 -11.96 4.54 -5.50
N ASN K 138 -12.64 4.83 -6.60
CA ASN K 138 -12.66 6.20 -7.09
C ASN K 138 -13.34 7.13 -6.10
N LEU K 139 -14.45 6.65 -5.51
CA LEU K 139 -15.22 7.45 -4.52
C LEU K 139 -14.32 7.75 -3.32
N LEU K 140 -13.68 6.69 -2.78
CA LEU K 140 -12.79 6.81 -1.63
C LEU K 140 -11.72 7.87 -1.89
N LYS K 141 -11.07 7.76 -3.05
CA LYS K 141 -10.01 8.70 -3.42
C LYS K 141 -10.55 10.14 -3.44
N LEU K 142 -11.75 10.35 -3.99
CA LEU K 142 -12.29 11.70 -4.04
C LEU K 142 -12.63 12.23 -2.66
N ALA K 143 -13.10 11.35 -1.75
CA ALA K 143 -13.40 11.80 -0.40
C ALA K 143 -12.11 12.17 0.33
N GLN K 144 -11.04 11.39 0.14
CA GLN K 144 -9.74 11.75 0.70
C GLN K 144 -9.21 13.05 0.13
N ASN K 145 -9.64 13.45 -1.05
CA ASN K 145 -9.21 14.72 -1.59
C ASN K 145 -10.16 15.86 -1.23
N GLY K 146 -11.08 15.62 -0.30
CA GLY K 146 -11.92 16.67 0.23
C GLY K 146 -13.31 16.77 -0.40
N ALA K 147 -13.61 15.98 -1.42
CA ALA K 147 -14.95 16.03 -2.01
C ALA K 147 -15.97 15.41 -1.06
N VAL K 148 -17.16 16.02 -1.01
CA VAL K 148 -18.29 15.48 -0.26
C VAL K 148 -19.01 14.49 -1.15
N ILE K 149 -19.09 13.24 -0.71
CA ILE K 149 -19.70 12.16 -1.47
C ILE K 149 -21.11 11.96 -0.92
N LEU K 150 -22.12 12.37 -1.68
CA LEU K 150 -23.51 12.39 -1.21
C LEU K 150 -24.41 11.64 -2.18
N PRO K 151 -24.49 10.31 -2.07
CA PRO K 151 -25.41 9.59 -2.94
C PRO K 151 -26.83 9.99 -2.61
N PRO K 152 -27.72 9.98 -3.60
CA PRO K 152 -29.12 10.33 -3.35
C PRO K 152 -29.85 9.21 -2.61
N MET K 153 -29.68 9.19 -1.29
CA MET K 153 -30.26 8.16 -0.44
C MET K 153 -31.61 8.65 0.08
N PRO K 154 -32.71 8.01 -0.28
CA PRO K 154 -34.02 8.49 0.19
C PRO K 154 -34.06 8.50 1.71
N ILE K 155 -34.76 9.49 2.26
CA ILE K 155 -34.76 9.67 3.71
C ILE K 155 -36.11 9.22 4.26
N TRP K 156 -36.22 7.94 4.59
CA TRP K 156 -37.52 7.36 4.90
C TRP K 156 -38.05 7.77 6.26
N TYR K 157 -37.23 8.34 7.15
CA TYR K 157 -37.82 8.77 8.41
C TYR K 157 -38.55 10.11 8.30
N PHE K 158 -38.45 10.80 7.16
CA PHE K 158 -39.34 11.93 6.88
C PHE K 158 -40.66 11.50 6.30
N LYS K 159 -40.90 10.18 6.20
CA LYS K 159 -42.18 9.63 5.81
C LYS K 159 -42.69 10.22 4.49
N PRO K 160 -41.96 10.02 3.40
CA PRO K 160 -42.41 10.57 2.12
C PRO K 160 -43.63 9.83 1.62
N GLN K 161 -44.48 10.57 0.91
CA GLN K 161 -45.66 9.99 0.27
C GLN K 161 -45.44 9.78 -1.22
N THR K 162 -44.90 10.79 -1.89
CA THR K 162 -44.73 10.81 -3.33
C THR K 162 -43.26 10.69 -3.69
N ALA K 163 -43.03 10.34 -4.96
CA ALA K 163 -41.69 10.42 -5.53
C ALA K 163 -41.10 11.82 -5.41
N GLU K 164 -41.95 12.86 -5.47
CA GLU K 164 -41.46 14.22 -5.37
C GLU K 164 -40.97 14.53 -3.95
N ASP K 165 -41.65 13.99 -2.93
CA ASP K 165 -41.18 14.16 -1.56
C ASP K 165 -39.77 13.63 -1.39
N ILE K 166 -39.50 12.45 -1.96
CA ILE K 166 -38.18 11.86 -1.84
C ILE K 166 -37.15 12.75 -2.52
N ALA K 167 -37.48 13.30 -3.69
CA ALA K 167 -36.56 14.19 -4.38
C ALA K 167 -36.31 15.46 -3.57
N ASN K 168 -37.38 16.07 -3.05
CA ASN K 168 -37.27 17.30 -2.29
C ASN K 168 -36.36 17.14 -1.09
N ASP K 169 -36.57 16.08 -0.32
CA ASP K 169 -35.81 15.86 0.89
C ASP K 169 -34.36 15.54 0.57
N ILE K 170 -34.08 14.89 -0.56
CA ILE K 170 -32.71 14.66 -0.98
C ILE K 170 -32.03 15.99 -1.31
N VAL K 171 -32.71 16.87 -2.05
CA VAL K 171 -32.15 18.21 -2.31
C VAL K 171 -32.00 18.98 -1.01
N GLY K 172 -32.90 18.74 -0.05
CA GLY K 172 -32.76 19.34 1.26
C GLY K 172 -31.42 19.05 1.93
N LYS K 173 -30.86 17.85 1.69
CA LYS K 173 -29.54 17.55 2.24
C LYS K 173 -28.45 18.33 1.52
N ILE K 174 -28.50 18.38 0.18
CA ILE K 174 -27.53 19.20 -0.57
C ILE K 174 -27.53 20.63 -0.05
N LEU K 175 -28.71 21.24 0.06
CA LEU K 175 -28.79 22.63 0.52
C LEU K 175 -28.26 22.78 1.94
N ALA K 176 -28.52 21.78 2.79
CA ALA K 176 -28.00 21.80 4.15
C ALA K 176 -26.47 21.84 4.17
N ILE K 177 -25.82 21.00 3.35
CA ILE K 177 -24.37 21.01 3.41
C ILE K 177 -23.81 22.29 2.76
N LEU K 178 -24.56 22.92 1.85
CA LEU K 178 -24.16 24.21 1.30
C LEU K 178 -24.26 25.32 2.34
N GLN K 179 -25.13 25.14 3.34
CA GLN K 179 -25.37 26.03 4.47
C GLN K 179 -26.30 27.16 4.08
N LEU K 180 -27.30 26.81 3.29
CA LEU K 180 -28.45 27.68 3.08
C LEU K 180 -29.57 27.20 3.97
N ASP K 181 -30.43 28.11 4.37
CA ASP K 181 -31.67 27.74 5.01
C ASP K 181 -32.75 27.71 3.94
N SER K 182 -33.53 26.65 3.95
CA SER K 182 -34.48 26.49 2.87
C SER K 182 -35.63 25.66 3.39
N PRO K 183 -36.87 25.99 3.02
CA PRO K 183 -38.00 25.14 3.42
C PRO K 183 -37.91 23.70 2.88
N LEU K 184 -36.97 23.40 1.98
CA LEU K 184 -36.72 22.02 1.59
C LEU K 184 -35.95 21.23 2.64
N ILE K 185 -35.28 21.92 3.56
CA ILE K 185 -34.52 21.26 4.59
C ILE K 185 -35.46 20.76 5.68
N LYS K 186 -35.22 19.55 6.16
CA LYS K 186 -35.96 18.94 7.26
C LYS K 186 -34.96 18.39 8.28
N ARG K 187 -35.36 18.36 9.56
CA ARG K 187 -34.39 18.11 10.63
C ARG K 187 -34.66 16.86 11.50
N MET L 1 25.72 -4.00 37.84
CA MET L 1 25.44 -2.70 37.22
C MET L 1 25.04 -2.83 35.74
N LYS L 2 24.03 -2.06 35.34
CA LYS L 2 23.61 -1.99 33.95
C LYS L 2 24.00 -0.64 33.37
N ARG L 3 23.96 -0.54 32.04
CA ARG L 3 24.37 0.66 31.31
C ARG L 3 23.20 1.18 30.49
N TYR L 4 22.78 2.41 30.77
CA TYR L 4 21.68 3.05 30.09
C TYR L 4 22.19 4.26 29.32
N VAL L 5 21.56 4.50 28.18
CA VAL L 5 21.78 5.72 27.40
C VAL L 5 20.52 6.56 27.50
N VAL L 6 20.69 7.82 27.87
CA VAL L 6 19.56 8.75 27.97
C VAL L 6 19.85 9.94 27.05
N GLY L 7 18.97 10.12 26.07
CA GLY L 7 19.07 11.24 25.14
C GLY L 7 18.01 12.26 25.52
N ILE L 8 18.43 13.50 25.61
CA ILE L 8 17.54 14.56 26.06
C ILE L 8 17.36 15.49 24.88
N SER L 9 16.19 15.42 24.26
CA SER L 9 15.93 16.27 23.12
C SER L 9 14.97 17.37 23.55
N GLY L 10 14.90 18.43 22.75
CA GLY L 10 14.29 19.65 23.24
C GLY L 10 12.79 19.70 23.12
N ALA L 11 12.07 18.80 23.77
CA ALA L 11 10.65 19.01 23.94
C ALA L 11 10.41 19.39 25.39
N SER L 12 9.19 19.82 25.71
CA SER L 12 8.90 20.23 27.07
C SER L 12 8.89 19.01 28.01
N GLY L 13 9.50 19.18 29.19
CA GLY L 13 9.51 18.13 30.20
C GLY L 13 10.88 17.57 30.56
N ILE L 14 11.90 18.42 30.50
CA ILE L 14 13.25 18.02 30.92
C ILE L 14 13.25 17.38 32.31
N VAL L 15 12.30 17.78 33.17
CA VAL L 15 12.20 17.22 34.51
C VAL L 15 12.11 15.70 34.48
N LEU L 16 11.49 15.13 33.44
CA LEU L 16 11.44 13.66 33.32
C LEU L 16 12.83 13.08 33.11
N ALA L 17 13.69 13.76 32.36
CA ALA L 17 15.05 13.27 32.18
C ALA L 17 15.84 13.36 33.49
N VAL L 18 15.72 14.48 34.20
CA VAL L 18 16.39 14.63 35.49
C VAL L 18 15.93 13.53 36.44
N THR L 19 14.62 13.36 36.57
CA THR L 19 14.08 12.33 37.45
C THR L 19 14.55 10.94 37.00
N LEU L 20 14.51 10.65 35.69
CA LEU L 20 14.93 9.33 35.23
C LEU L 20 16.40 9.07 35.57
N VAL L 21 17.28 10.03 35.22
CA VAL L 21 18.71 9.84 35.42
C VAL L 21 19.04 9.72 36.90
N SER L 22 18.43 10.58 37.72
CA SER L 22 18.68 10.52 39.16
C SER L 22 18.36 9.13 39.70
N GLU L 23 17.21 8.59 39.31
CA GLU L 23 16.80 7.30 39.87
C GLU L 23 17.58 6.12 39.29
N LEU L 24 17.99 6.19 38.02
CA LEU L 24 18.86 5.14 37.48
C LEU L 24 20.16 5.10 38.25
N ALA L 25 20.77 6.26 38.50
CA ALA L 25 22.00 6.29 39.27
C ALA L 25 21.78 5.75 40.68
N ARG L 26 20.68 6.16 41.31
CA ARG L 26 20.39 5.70 42.67
C ARG L 26 20.30 4.18 42.72
N LEU L 27 19.63 3.56 41.73
CA LEU L 27 19.59 2.10 41.67
C LEU L 27 20.98 1.48 41.48
N GLY L 28 22.00 2.31 41.22
CA GLY L 28 23.37 1.82 41.06
C GLY L 28 23.82 1.56 39.63
N HIS L 29 23.20 2.18 38.64
CA HIS L 29 23.55 1.91 37.24
C HIS L 29 24.36 3.05 36.64
N HIS L 30 24.91 2.79 35.45
CA HIS L 30 25.68 3.78 34.71
C HIS L 30 24.82 4.39 33.61
N ILE L 31 24.92 5.71 33.45
CA ILE L 31 24.12 6.45 32.48
C ILE L 31 25.03 7.33 31.64
N ASP L 32 24.99 7.14 30.33
CA ASP L 32 25.58 8.06 29.36
C ASP L 32 24.47 9.01 28.91
N VAL L 33 24.70 10.31 29.05
CA VAL L 33 23.66 11.31 28.80
C VAL L 33 24.07 12.15 27.60
N ILE L 34 23.10 12.44 26.73
CA ILE L 34 23.32 13.29 25.57
C ILE L 34 22.22 14.36 25.55
N ILE L 35 22.62 15.62 25.68
CA ILE L 35 21.73 16.76 25.71
C ILE L 35 21.86 17.50 24.38
N SER L 36 20.75 17.69 23.70
CA SER L 36 20.78 18.47 22.47
C SER L 36 20.78 19.96 22.79
N PRO L 37 21.29 20.81 21.89
CA PRO L 37 21.27 22.25 22.19
C PRO L 37 19.86 22.80 22.40
N SER L 38 18.85 22.34 21.65
CA SER L 38 17.49 22.74 21.96
C SER L 38 17.12 22.37 23.39
N ALA L 39 17.57 21.19 23.85
CA ALA L 39 17.31 20.75 25.22
C ALA L 39 18.09 21.57 26.25
N GLN L 40 19.25 22.10 25.88
CA GLN L 40 19.89 23.06 26.77
C GLN L 40 19.01 24.29 26.93
N LYS L 41 18.45 24.79 25.83
CA LYS L 41 17.49 25.89 25.91
C LYS L 41 16.34 25.55 26.85
N THR L 42 15.61 24.47 26.56
CA THR L 42 14.43 24.20 27.37
C THR L 42 14.79 23.84 28.82
N LEU L 43 16.00 23.34 29.05
CA LEU L 43 16.49 23.19 30.42
C LEU L 43 16.59 24.53 31.13
N TYR L 44 16.98 25.58 30.41
CA TYR L 44 16.91 26.92 30.97
C TYR L 44 15.47 27.33 31.22
N TYR L 45 14.60 27.16 30.22
CA TYR L 45 13.24 27.72 30.31
C TYR L 45 12.38 27.03 31.35
N GLU L 46 12.65 25.75 31.61
CA GLU L 46 11.78 24.96 32.48
C GLU L 46 12.36 24.65 33.85
N LEU L 47 13.69 24.55 33.98
CA LEU L 47 14.27 24.29 35.30
C LEU L 47 15.14 25.44 35.79
N ASP L 48 15.26 26.52 35.03
CA ASP L 48 15.95 27.73 35.47
C ASP L 48 17.43 27.45 35.75
N THR L 49 18.06 26.69 34.85
CA THR L 49 19.51 26.45 34.97
C THR L 49 20.10 26.18 33.60
N LYS L 50 21.43 26.35 33.53
CA LYS L 50 22.21 26.00 32.36
C LYS L 50 23.25 24.92 32.67
N SER L 51 23.05 24.18 33.75
CA SER L 51 23.83 22.97 34.05
C SER L 51 22.86 21.82 34.27
N PHE L 52 22.92 20.81 33.41
CA PHE L 52 22.15 19.61 33.69
C PHE L 52 22.62 18.96 34.99
N LEU L 53 23.94 18.96 35.22
CA LEU L 53 24.49 18.33 36.42
C LEU L 53 24.05 19.03 37.70
N SER L 54 23.70 20.31 37.62
CA SER L 54 23.21 21.00 38.80
C SER L 54 21.82 20.52 39.22
N THR L 55 21.28 19.47 38.59
CA THR L 55 19.98 18.93 38.97
C THR L 55 20.05 17.53 39.56
N ILE L 56 21.22 16.90 39.57
CA ILE L 56 21.42 15.54 40.06
C ILE L 56 22.35 15.65 41.26
N PRO L 57 22.11 14.92 42.35
CA PRO L 57 23.03 14.99 43.49
C PRO L 57 24.48 14.74 43.06
N GLN L 58 25.39 15.45 43.73
CA GLN L 58 26.83 15.34 43.48
C GLN L 58 27.34 13.90 43.50
N ASN L 59 26.74 13.05 44.33
CA ASN L 59 27.25 11.71 44.53
C ASN L 59 26.99 10.78 43.35
N PHE L 60 26.09 11.15 42.42
CA PHE L 60 25.82 10.39 41.22
C PHE L 60 26.64 10.84 40.02
N HIS L 61 27.35 11.98 40.13
CA HIS L 61 28.13 12.47 39.00
C HIS L 61 29.17 11.46 38.57
N ASN L 62 29.71 10.72 39.54
CA ASN L 62 30.59 9.60 39.27
C ASN L 62 29.99 8.61 38.27
N GLN L 63 28.67 8.45 38.28
CA GLN L 63 28.01 7.46 37.45
C GLN L 63 27.41 8.02 36.16
N ILE L 64 27.61 9.30 35.85
CA ILE L 64 27.01 9.94 34.69
C ILE L 64 28.10 10.42 33.75
N VAL L 65 27.98 10.13 32.47
CA VAL L 65 28.94 10.62 31.48
C VAL L 65 28.19 11.42 30.43
N LEU L 66 28.59 12.69 30.28
CA LEU L 66 28.01 13.59 29.30
C LEU L 66 28.74 13.45 27.97
N HIS L 67 27.97 13.38 26.89
CA HIS L 67 28.51 13.31 25.54
C HIS L 67 28.01 14.52 24.75
N HIS L 68 28.92 15.21 24.06
CA HIS L 68 28.49 16.28 23.17
C HIS L 68 27.67 15.70 22.02
N ILE L 69 26.64 16.45 21.60
CA ILE L 69 25.72 15.97 20.58
C ILE L 69 26.41 15.70 19.24
N SER L 70 27.60 16.30 19.01
CA SER L 70 28.29 16.09 17.74
C SER L 70 29.29 14.96 17.78
N SER L 71 29.45 14.30 18.93
CA SER L 71 30.48 13.27 19.13
C SER L 71 29.98 11.91 18.62
N ILE L 72 29.84 11.81 17.29
CA ILE L 72 29.44 10.54 16.69
C ILE L 72 30.58 9.54 16.65
N GLU L 73 31.76 9.93 17.14
CA GLU L 73 32.87 9.02 17.41
C GLU L 73 32.83 8.43 18.82
N SER L 74 31.86 8.83 19.63
CA SER L 74 31.84 8.37 21.01
C SER L 74 31.63 6.86 21.09
N SER L 75 31.90 6.32 22.29
CA SER L 75 31.85 4.87 22.49
C SER L 75 30.44 4.32 22.31
N VAL L 76 29.43 5.07 22.76
CA VAL L 76 28.04 4.64 22.57
C VAL L 76 27.54 4.88 21.15
N SER L 77 28.38 5.43 20.27
CA SER L 77 28.03 5.49 18.86
C SER L 77 28.14 4.13 18.18
N SER L 78 28.68 3.12 18.84
CA SER L 78 28.94 1.81 18.23
C SER L 78 28.07 0.74 18.89
N GLY L 79 27.48 -0.12 18.06
CA GLY L 79 26.78 -1.30 18.57
C GLY L 79 27.69 -2.34 19.20
N SER L 80 29.02 -2.24 18.99
CA SER L 80 29.94 -3.16 19.65
C SER L 80 30.00 -2.93 21.16
N ASN L 81 29.39 -1.85 21.65
CA ASN L 81 29.31 -1.58 23.08
C ASN L 81 27.90 -1.85 23.56
N THR L 82 27.74 -2.91 24.36
CA THR L 82 26.41 -3.39 24.70
C THR L 82 25.75 -2.45 25.73
N ILE L 83 24.59 -1.93 25.37
CA ILE L 83 23.79 -1.07 26.23
C ILE L 83 22.56 -1.86 26.67
N ASP L 84 22.12 -1.66 27.91
CA ASP L 84 20.92 -2.34 28.37
C ASP L 84 19.64 -1.67 27.87
N ALA L 85 19.58 -0.34 27.88
CA ALA L 85 18.42 0.30 27.29
C ALA L 85 18.77 1.74 26.92
N THR L 86 18.14 2.22 25.86
CA THR L 86 18.33 3.58 25.38
C THR L 86 16.99 4.30 25.47
N ILE L 87 16.99 5.47 26.12
CA ILE L 87 15.77 6.21 26.39
C ILE L 87 15.96 7.61 25.85
N ILE L 88 15.05 8.05 24.98
CA ILE L 88 15.03 9.43 24.51
C ILE L 88 13.87 10.12 25.22
N VAL L 89 14.21 11.04 26.12
CA VAL L 89 13.22 11.64 27.00
C VAL L 89 13.69 13.04 27.44
N PRO L 90 12.90 14.08 27.16
CA PRO L 90 11.74 14.05 26.28
C PRO L 90 12.24 13.85 24.87
N CYS L 91 11.33 13.56 23.94
CA CYS L 91 11.67 13.37 22.54
C CYS L 91 10.81 14.34 21.73
N SER L 92 11.47 15.24 21.01
CA SER L 92 10.76 16.14 20.11
C SER L 92 10.29 15.37 18.88
N VAL L 93 9.27 15.92 18.20
CA VAL L 93 8.82 15.27 16.97
C VAL L 93 9.87 15.41 15.87
N ALA L 94 10.73 16.44 15.93
CA ALA L 94 11.83 16.50 14.99
C ALA L 94 12.75 15.30 15.14
N THR L 95 13.06 14.92 16.39
CA THR L 95 13.92 13.76 16.62
C THR L 95 13.19 12.45 16.31
N VAL L 96 11.89 12.37 16.61
CA VAL L 96 11.07 11.25 16.13
C VAL L 96 11.22 11.11 14.61
N ALA L 97 11.13 12.23 13.89
CA ALA L 97 11.22 12.17 12.43
C ALA L 97 12.59 11.64 12.00
N ALA L 98 13.64 12.20 12.59
CA ALA L 98 15.00 11.81 12.21
C ALA L 98 15.23 10.32 12.46
N ILE L 99 14.82 9.82 13.63
CA ILE L 99 14.99 8.39 13.95
C ILE L 99 14.14 7.54 13.01
N SER L 100 12.88 7.94 12.76
CA SER L 100 12.05 7.12 11.90
C SER L 100 12.59 7.07 10.49
N CYS L 101 13.31 8.11 10.05
CA CYS L 101 13.89 8.14 8.71
C CYS L 101 15.23 7.41 8.64
N GLY L 102 15.86 7.15 9.79
CA GLY L 102 17.23 6.62 9.81
C GLY L 102 18.29 7.70 9.69
N LEU L 103 17.94 8.96 9.93
CA LEU L 103 18.87 10.08 9.76
C LEU L 103 19.75 10.23 11.01
N ALA L 104 20.72 9.34 11.14
CA ALA L 104 21.56 9.25 12.35
C ALA L 104 22.75 10.21 12.24
N ASP L 105 22.48 11.50 12.06
CA ASP L 105 23.59 12.42 11.77
C ASP L 105 23.97 13.27 12.98
N ASN L 106 23.53 12.91 14.16
CA ASN L 106 24.18 13.37 15.39
C ASN L 106 24.13 12.21 16.37
N LEU L 107 24.78 12.38 17.53
CA LEU L 107 24.96 11.26 18.44
C LEU L 107 23.64 10.85 19.08
N LEU L 108 22.78 11.81 19.40
CA LEU L 108 21.49 11.44 19.98
C LEU L 108 20.66 10.63 18.98
N ARG L 109 20.68 11.02 17.70
CA ARG L 109 19.94 10.25 16.69
C ARG L 109 20.60 8.89 16.46
N ARG L 110 21.94 8.87 16.46
CA ARG L 110 22.70 7.66 16.17
C ARG L 110 22.50 6.61 17.26
N VAL L 111 22.46 7.06 18.50
CA VAL L 111 22.28 6.16 19.63
C VAL L 111 20.94 5.44 19.51
N ALA L 112 19.92 6.13 18.98
CA ALA L 112 18.63 5.52 18.73
C ALA L 112 18.69 4.54 17.57
N ASP L 113 19.30 4.95 16.45
CA ASP L 113 19.51 4.03 15.35
C ASP L 113 20.29 2.78 15.78
N VAL L 114 21.26 2.94 16.72
CA VAL L 114 22.05 1.78 17.15
C VAL L 114 21.17 0.75 17.87
N ALA L 115 20.36 1.22 18.81
CA ALA L 115 19.44 0.34 19.52
C ALA L 115 18.50 -0.39 18.56
N LEU L 116 18.04 0.31 17.53
CA LEU L 116 17.15 -0.31 16.56
C LEU L 116 17.88 -1.40 15.77
N LYS L 117 19.09 -1.10 15.29
CA LYS L 117 19.77 -2.09 14.47
C LYS L 117 20.23 -3.29 15.29
N GLU L 118 20.61 -3.09 16.56
CA GLU L 118 21.01 -4.22 17.40
C GLU L 118 19.81 -4.87 18.09
N LYS L 119 18.60 -4.36 17.85
CA LYS L 119 17.41 -4.88 18.52
C LYS L 119 17.58 -4.88 20.04
N ARG L 120 18.04 -3.75 20.58
CA ARG L 120 18.06 -3.53 22.02
C ARG L 120 16.99 -2.51 22.40
N PRO L 121 16.55 -2.50 23.67
CA PRO L 121 15.42 -1.63 24.05
C PRO L 121 15.65 -0.17 23.67
N LEU L 122 14.64 0.42 23.01
CA LEU L 122 14.65 1.86 22.71
C LEU L 122 13.33 2.41 23.21
N ILE L 123 13.38 3.30 24.19
CA ILE L 123 12.17 3.93 24.71
C ILE L 123 12.19 5.40 24.31
N LEU L 124 11.13 5.81 23.61
CA LEU L 124 10.93 7.17 23.14
C LEU L 124 9.78 7.79 23.93
N VAL L 125 9.99 9.00 24.45
CA VAL L 125 8.97 9.69 25.23
C VAL L 125 8.54 10.91 24.44
N PRO L 126 7.78 10.75 23.36
CA PRO L 126 7.48 11.89 22.48
C PRO L 126 6.47 12.81 23.13
N ARG L 127 6.78 14.10 23.14
CA ARG L 127 5.89 15.10 23.69
C ARG L 127 5.54 16.09 22.59
N GLU L 128 4.28 16.13 22.20
CA GLU L 128 3.77 17.10 21.23
C GLU L 128 2.26 17.00 21.21
N ALA L 129 1.59 18.14 21.02
CA ALA L 129 0.13 18.17 20.87
C ALA L 129 -0.36 19.43 20.15
N PRO L 130 -1.30 19.28 19.19
CA PRO L 130 -1.80 17.99 18.71
C PRO L 130 -0.74 17.22 17.96
N LEU L 131 -1.04 15.95 17.68
CA LEU L 131 -0.17 15.10 16.89
C LEU L 131 -0.73 15.05 15.48
N SER L 132 0.07 15.51 14.51
CA SER L 132 -0.44 15.50 13.14
C SER L 132 -0.26 14.12 12.51
N ALA L 133 -0.81 14.00 11.29
CA ALA L 133 -0.66 12.75 10.56
C ALA L 133 0.80 12.47 10.22
N ILE L 134 1.60 13.50 9.95
CA ILE L 134 3.02 13.26 9.70
C ILE L 134 3.72 12.70 10.95
N HIS L 135 3.40 13.23 12.14
CA HIS L 135 3.98 12.70 13.38
C HIS L 135 3.54 11.27 13.66
N LEU L 136 2.23 11.02 13.53
CA LEU L 136 1.66 9.72 13.86
C LEU L 136 2.25 8.63 12.96
N GLU L 137 2.46 8.94 11.68
CA GLU L 137 3.09 7.98 10.78
C GLU L 137 4.55 7.67 11.16
N ASN L 138 5.32 8.69 11.57
CA ASN L 138 6.67 8.39 12.06
C ASN L 138 6.65 7.51 13.31
N LEU L 139 5.73 7.83 14.23
CA LEU L 139 5.56 7.06 15.49
C LEU L 139 5.25 5.60 15.13
N LEU L 140 4.20 5.39 14.34
CA LEU L 140 3.80 4.08 13.88
C LEU L 140 5.00 3.32 13.34
N LYS L 141 5.71 3.93 12.39
CA LYS L 141 6.87 3.28 11.80
C LYS L 141 7.86 2.86 12.88
N LEU L 142 8.14 3.73 13.86
CA LEU L 142 9.05 3.37 14.93
C LEU L 142 8.53 2.20 15.76
N ALA L 143 7.23 2.19 16.08
CA ALA L 143 6.68 1.07 16.83
C ALA L 143 6.76 -0.22 16.04
N GLN L 144 6.54 -0.16 14.71
CA GLN L 144 6.66 -1.38 13.91
C GLN L 144 8.09 -1.89 13.91
N ASN L 145 9.08 -1.02 14.09
CA ASN L 145 10.46 -1.47 14.14
C ASN L 145 10.93 -1.79 15.54
N GLY L 146 10.04 -1.81 16.54
CA GLY L 146 10.37 -2.29 17.86
C GLY L 146 10.59 -1.23 18.94
N ALA L 147 10.60 0.06 18.57
CA ALA L 147 10.71 1.11 19.58
C ALA L 147 9.48 1.11 20.48
N VAL L 148 9.67 1.31 21.77
CA VAL L 148 8.57 1.50 22.68
C VAL L 148 8.19 2.98 22.64
N ILE L 149 6.91 3.26 22.41
CA ILE L 149 6.40 4.61 22.26
C ILE L 149 5.64 4.96 23.53
N LEU L 150 6.20 5.84 24.33
CA LEU L 150 5.67 6.12 25.67
C LEU L 150 5.51 7.62 25.84
N PRO L 151 4.45 8.21 25.30
CA PRO L 151 4.19 9.62 25.55
C PRO L 151 3.96 9.86 27.03
N PRO L 152 4.32 11.05 27.53
CA PRO L 152 4.13 11.35 28.95
C PRO L 152 2.68 11.59 29.34
N MET L 153 1.90 10.51 29.43
CA MET L 153 0.50 10.56 29.82
C MET L 153 0.37 10.52 31.34
N PRO L 154 -0.21 11.54 31.98
CA PRO L 154 -0.42 11.44 33.43
C PRO L 154 -1.33 10.28 33.81
N ILE L 155 -0.98 9.62 34.90
CA ILE L 155 -1.70 8.46 35.42
C ILE L 155 -2.59 8.97 36.53
N TRP L 156 -3.81 9.38 36.19
CA TRP L 156 -4.66 10.02 37.20
C TRP L 156 -5.24 9.03 38.22
N TYR L 157 -5.26 7.73 37.92
CA TYR L 157 -5.82 6.81 38.93
C TYR L 157 -4.82 6.47 40.04
N PHE L 158 -3.64 7.05 40.03
CA PHE L 158 -2.83 7.09 41.24
C PHE L 158 -3.12 8.33 42.07
N LYS L 159 -4.07 9.17 41.62
CA LYS L 159 -4.57 10.32 42.35
C LYS L 159 -3.43 11.25 42.75
N PRO L 160 -2.72 11.83 41.78
CA PRO L 160 -1.63 12.73 42.10
C PRO L 160 -2.16 14.04 42.64
N GLN L 161 -1.32 14.73 43.39
CA GLN L 161 -1.71 16.05 43.81
C GLN L 161 -0.72 17.13 43.45
N THR L 162 0.57 16.83 43.34
CA THR L 162 1.52 17.82 42.87
C THR L 162 1.92 17.53 41.43
N ALA L 163 2.52 18.53 40.80
CA ALA L 163 3.14 18.29 39.51
C ALA L 163 4.22 17.23 39.63
N GLU L 164 5.03 17.30 40.70
CA GLU L 164 6.07 16.31 40.93
C GLU L 164 5.52 14.90 40.97
N ASP L 165 4.33 14.72 41.55
CA ASP L 165 3.71 13.40 41.58
C ASP L 165 3.48 12.87 40.16
N ILE L 166 3.07 13.75 39.25
CA ILE L 166 2.76 13.29 37.89
C ILE L 166 4.04 12.96 37.13
N ALA L 167 5.07 13.80 37.27
CA ALA L 167 6.36 13.47 36.68
C ALA L 167 6.91 12.17 37.25
N ASN L 168 6.79 11.97 38.57
CA ASN L 168 7.33 10.77 39.20
C ASN L 168 6.64 9.50 38.70
N ASP L 169 5.31 9.53 38.57
CA ASP L 169 4.57 8.34 38.11
C ASP L 169 4.92 7.99 36.65
N ILE L 170 5.14 9.02 35.83
CA ILE L 170 5.53 8.80 34.44
C ILE L 170 6.90 8.14 34.35
N VAL L 171 7.85 8.61 35.17
CA VAL L 171 9.15 7.96 35.19
C VAL L 171 9.04 6.57 35.80
N GLY L 172 8.13 6.37 36.74
CA GLY L 172 7.88 5.02 37.22
C GLY L 172 7.52 4.08 36.10
N LYS L 173 6.70 4.55 35.14
CA LYS L 173 6.31 3.71 34.01
C LYS L 173 7.52 3.35 33.15
N ILE L 174 8.39 4.33 32.90
CA ILE L 174 9.64 4.07 32.19
C ILE L 174 10.44 2.98 32.90
N LEU L 175 10.63 3.14 34.20
CA LEU L 175 11.33 2.14 34.99
C LEU L 175 10.68 0.76 34.86
N ALA L 176 9.35 0.72 34.88
CA ALA L 176 8.66 -0.57 34.77
C ALA L 176 8.93 -1.24 33.43
N ILE L 177 9.02 -0.44 32.36
CA ILE L 177 9.42 -0.97 31.06
C ILE L 177 10.87 -1.44 31.09
N LEU L 178 11.73 -0.73 31.83
CA LEU L 178 13.13 -1.15 31.95
C LEU L 178 13.31 -2.36 32.92
N GLN L 179 12.23 -2.96 33.41
CA GLN L 179 12.29 -4.15 34.25
C GLN L 179 13.14 -3.89 35.49
N LEU L 180 12.96 -2.71 36.09
CA LEU L 180 13.69 -2.30 37.28
C LEU L 180 12.72 -2.11 38.43
N ASP L 181 13.14 -2.54 39.62
CA ASP L 181 12.39 -2.28 40.85
C ASP L 181 12.66 -0.86 41.30
N SER L 182 11.60 -0.14 41.67
CA SER L 182 11.79 1.23 42.09
C SER L 182 10.59 1.66 42.92
N PRO L 183 10.80 2.50 43.95
CA PRO L 183 9.64 3.08 44.65
C PRO L 183 8.85 4.10 43.82
N LEU L 184 9.34 4.51 42.65
CA LEU L 184 8.55 5.36 41.77
C LEU L 184 7.40 4.61 41.13
N ILE L 185 7.46 3.29 41.11
CA ILE L 185 6.52 2.44 40.41
C ILE L 185 5.38 2.07 41.35
N LYS L 186 4.16 2.43 40.97
CA LYS L 186 2.96 2.01 41.67
C LYS L 186 2.15 1.06 40.78
N ARG L 187 1.32 0.25 41.43
CA ARG L 187 0.49 -0.76 40.76
C ARG L 187 -0.98 -0.52 41.07
N TRP L 188 -1.85 -0.91 40.12
CA TRP L 188 -3.30 -0.76 40.28
C TRP L 188 -3.86 -1.75 41.30
N1 FMN M . 3.60 -22.98 -19.19
C2 FMN M . 3.22 -21.66 -19.40
O2 FMN M . 3.29 -20.84 -18.49
N3 FMN M . 2.76 -21.25 -20.64
C4 FMN M . 2.68 -22.17 -21.67
O4 FMN M . 2.26 -21.82 -22.77
C4A FMN M . 3.05 -23.49 -21.47
N5 FMN M . 2.97 -24.38 -22.53
C5A FMN M . 3.35 -25.70 -22.36
C6 FMN M . 3.25 -26.58 -23.43
C7 FMN M . 3.62 -27.91 -23.28
C7M FMN M . 3.51 -28.86 -24.44
C8 FMN M . 4.09 -28.34 -22.04
C8M FMN M . 4.50 -29.79 -21.87
C9 FMN M . 4.18 -27.46 -20.97
C9A FMN M . 3.80 -26.12 -21.13
N10 FMN M . 3.91 -25.23 -20.06
C10 FMN M . 3.53 -23.91 -20.22
C1' FMN M . 4.39 -25.74 -18.74
C2' FMN M . 5.73 -25.19 -18.29
O2' FMN M . 6.74 -25.87 -19.00
C3' FMN M . 5.86 -25.47 -16.80
O3' FMN M . 5.23 -24.43 -16.07
C4' FMN M . 7.33 -25.62 -16.44
O4' FMN M . 7.54 -25.87 -15.07
C5' FMN M . 8.08 -24.35 -16.74
O5' FMN M . 9.36 -24.56 -16.19
P FMN M . 10.57 -23.93 -17.01
O1P FMN M . 11.84 -24.15 -16.25
O2P FMN M . 10.65 -24.60 -18.35
O3P FMN M . 10.25 -22.46 -17.17
N1 FMN N . 25.90 -16.57 -5.25
C2 FMN N . 25.76 -15.31 -4.70
O2 FMN N . 24.64 -14.79 -4.59
N3 FMN N . 26.87 -14.62 -4.26
C4 FMN N . 28.13 -15.20 -4.38
O4 FMN N . 29.10 -14.56 -3.97
C4A FMN N . 28.26 -16.48 -4.94
N5 FMN N . 29.53 -17.06 -5.04
C5A FMN N . 29.69 -18.33 -5.59
C6 FMN N . 30.96 -18.90 -5.69
C7 FMN N . 31.13 -20.18 -6.23
C7M FMN N . 32.49 -20.80 -6.35
C8 FMN N . 30.02 -20.88 -6.69
C8M FMN N . 30.21 -22.25 -7.28
C9 FMN N . 28.75 -20.29 -6.59
C9A FMN N . 28.58 -19.03 -6.03
N10 FMN N . 27.30 -18.47 -5.93
C10 FMN N . 27.15 -17.19 -5.38
C1' FMN N . 26.18 -19.32 -6.47
C2' FMN N . 24.89 -19.41 -5.67
O2' FMN N . 25.20 -20.05 -4.46
C3' FMN N . 23.83 -20.16 -6.51
O3' FMN N . 22.99 -19.26 -7.19
C4' FMN N . 22.93 -21.10 -5.72
O4' FMN N . 21.82 -21.44 -6.52
C5' FMN N . 22.38 -20.52 -4.43
O5' FMN N . 21.91 -21.61 -3.70
P FMN N . 22.86 -22.31 -2.61
O1P FMN N . 22.01 -22.63 -1.42
O2P FMN N . 23.47 -23.56 -3.21
O3P FMN N . 23.96 -21.38 -2.21
OAD 4LR O . 6.86 -28.27 11.82
PAJ 4LR O . 6.35 -29.49 11.11
OAE 4LR O . 4.95 -29.78 11.58
OAC 4LR O . 6.34 -29.22 9.62
OAH 4LR O . 7.34 -30.77 11.43
CAG 4LR O . 7.27 -31.94 10.65
CAF 4LR O . 8.58 -32.06 9.85
CAI 4LR O . 9.32 -33.15 9.87
CAB 4LR O . 8.92 -34.37 10.71
CAA 4LR O . 10.60 -33.19 9.04
N1 FMN P . 17.87 24.04 -4.78
C2 FMN P . 16.64 23.67 -5.29
O2 FMN P . 16.13 22.60 -4.95
N3 FMN P . 15.99 24.47 -6.20
C4 FMN P . 16.55 25.67 -6.59
O4 FMN P . 15.97 26.40 -7.39
C4A FMN P . 17.79 26.05 -6.08
N5 FMN P . 18.34 27.24 -6.47
C5A FMN P . 19.55 27.65 -5.97
C6 FMN P . 20.06 28.88 -6.41
C7 FMN P . 21.29 29.33 -5.94
C7M FMN P . 21.85 30.64 -6.41
C8 FMN P . 21.98 28.54 -5.03
C8M FMN P . 23.30 29.06 -4.54
C9 FMN P . 21.47 27.32 -4.59
C9A FMN P . 20.24 26.85 -5.06
N10 FMN P . 19.69 25.63 -4.64
C10 FMN P . 18.46 25.23 -5.16
C1' FMN P . 20.38 24.71 -3.67
C2' FMN P . 19.78 24.78 -2.27
O2' FMN P . 20.25 25.97 -1.69
C3' FMN P . 20.18 23.59 -1.38
O3' FMN P . 19.40 22.42 -1.57
C4' FMN P . 20.12 24.10 0.06
O4' FMN P . 20.76 23.24 0.99
C5' FMN P . 18.68 24.42 0.48
O5' FMN P . 18.73 24.89 1.80
P FMN P . 17.48 25.67 2.42
O1P FMN P . 17.41 25.37 3.91
O2P FMN P . 17.65 27.15 2.20
O3P FMN P . 16.24 25.20 1.70
OAD 4LR Q . 20.40 22.90 -11.34
PAJ 4LR Q . 19.21 23.54 -10.68
OAE 4LR Q . 18.65 22.59 -9.64
OAC 4LR Q . 18.14 23.82 -11.72
OAH 4LR Q . 19.71 24.94 -9.96
CAG 4LR Q . 19.99 24.98 -8.57
CAF 4LR Q . 21.49 25.01 -8.26
CAI 4LR Q . 22.29 26.06 -8.38
CAB 4LR Q . 21.76 27.41 -8.90
CAA 4LR Q . 23.76 25.95 -8.03
OAD 4LR R . 4.29 22.35 20.54
PAJ 4LR R . 3.56 23.53 21.15
OAE 4LR R . 2.81 23.07 22.38
OAC 4LR R . 2.56 24.08 20.15
OAH 4LR R . 4.69 24.68 21.52
CAG 4LR R . 5.99 24.27 21.91
CAF 4LR R . 7.07 25.11 21.24
CAI 4LR R . 7.69 26.13 21.84
CAB 4LR R . 7.34 26.53 23.27
CAA 4LR R . 8.76 26.91 21.08
N1 FMN S . 28.04 5.05 10.65
C2 FMN S . 27.51 4.08 9.80
O2 FMN S . 26.33 4.13 9.44
N3 FMN S . 28.31 3.04 9.36
C4 FMN S . 29.63 2.97 9.75
O4 FMN S . 30.33 2.05 9.34
C4A FMN S . 30.18 3.95 10.61
N5 FMN S . 31.50 3.87 11.00
C5A FMN S . 32.04 4.83 11.84
C6 FMN S . 33.39 4.74 12.22
C7 FMN S . 33.96 5.68 13.07
C7M FMN S . 35.41 5.59 13.48
C8 FMN S . 33.17 6.73 13.52
C8M FMN S . 33.78 7.74 14.43
C9 FMN S . 31.82 6.83 13.14
C9A FMN S . 31.24 5.88 12.30
N10 FMN S . 29.91 5.96 11.90
C10 FMN S . 29.37 4.99 11.06
C1' FMN S . 29.02 7.07 12.42
C2' FMN S . 28.76 8.20 11.43
O2' FMN S . 29.95 8.95 11.36
C3' FMN S . 27.61 9.07 11.90
O3' FMN S . 26.34 8.42 11.77
C4' FMN S . 27.62 10.39 11.11
O4' FMN S . 26.64 11.27 11.64
C5' FMN S . 27.47 10.13 9.60
O5' FMN S . 27.34 11.35 8.91
P FMN S . 27.86 11.62 7.40
O1P FMN S . 27.24 12.92 6.92
O2P FMN S . 29.37 11.79 7.42
O3P FMN S . 27.49 10.50 6.47
OAD 4LR T . 28.85 -12.53 -6.61
PAJ 4LR T . 29.79 -13.31 -7.50
OAE 4LR T . 31.19 -13.21 -6.94
OAC 4LR T . 29.77 -12.72 -8.89
OAH 4LR T . 29.32 -14.90 -7.56
CAG 4LR T . 29.52 -15.63 -8.74
CAF 4LR T . 30.56 -16.72 -8.50
CAI 4LR T . 30.84 -17.61 -9.43
CAB 4LR T . 30.13 -17.59 -10.78
CAA 4LR T . 31.90 -18.68 -9.16
N1 FMN U . -3.54 0.25 -30.01
C2 FMN U . -3.20 -0.73 -29.08
O2 FMN U . -3.17 -0.45 -27.88
N3 FMN U . -2.89 -2.00 -29.49
C4 FMN U . -2.93 -2.32 -30.84
O4 FMN U . -2.66 -3.46 -31.23
C4A FMN U . -3.28 -1.35 -31.78
N5 FMN U . -3.31 -1.68 -33.12
C5A FMN U . -3.65 -0.74 -34.05
C6 FMN U . -3.67 -1.10 -35.40
C7 FMN U . -4.01 -0.17 -36.37
C7M FMN U . -4.04 -0.56 -37.83
C8 FMN U . -4.33 1.13 -35.99
C8M FMN U . -4.69 2.13 -37.04
C9 FMN U . -4.29 1.50 -34.64
C9A FMN U . -3.96 0.57 -33.65
N10 FMN U . -3.93 0.90 -32.29
C10 FMN U . -3.59 -0.06 -31.36
C1' FMN U . -4.24 2.30 -31.82
C2' FMN U . -5.56 2.39 -31.07
O2' FMN U . -6.62 2.27 -32.00
C3' FMN U . -5.67 3.72 -30.33
O3' FMN U . -4.99 3.63 -29.09
C4' FMN U . -7.15 4.06 -30.14
O4' FMN U . -7.33 5.37 -29.64
C5' FMN U . -7.83 3.00 -29.26
O5' FMN U . -9.17 3.36 -29.02
P FMN U . -10.32 2.22 -29.06
O1P FMN U . -11.60 2.69 -28.41
O2P FMN U . -10.58 1.91 -30.51
O3P FMN U . -9.80 1.01 -28.34
OAD 4LR V . 3.13 0.06 -31.34
PAJ 4LR V . 1.84 -0.61 -31.77
OAE 4LR V . 2.06 -2.11 -31.86
OAC 4LR V . 0.76 -0.33 -30.75
OAH 4LR V . 1.37 0.01 -33.22
CAG 4LR V . 0.02 -0.08 -33.60
CAF 4LR V . -0.49 1.29 -34.07
CAI 4LR V . -0.46 1.66 -35.34
CAB 4LR V . 0.11 0.77 -36.43
CAA 4LR V . -1.02 3.04 -35.72
OAD 4LR W . -26.93 2.03 -14.17
PAJ 4LR W . -28.06 1.05 -14.44
OAE 4LR W . -28.88 0.92 -13.18
OAC 4LR W . -27.49 -0.29 -14.83
OAH 4LR W . -28.99 1.60 -15.70
CAG 4LR W . -28.86 2.93 -16.17
CAF 4LR W . -28.53 2.94 -17.68
CAI 4LR W . -29.46 3.09 -18.60
CAB 4LR W . -30.93 3.29 -18.21
CAA 4LR W . -29.08 3.08 -20.07
N1 FMN X . 5.38 -29.27 6.43
C2 FMN X . 4.28 -28.51 6.81
O2 FMN X . 4.13 -27.37 6.39
N3 FMN X . 3.33 -29.06 7.64
C4 FMN X . 3.48 -30.35 8.11
O4 FMN X . 2.63 -30.83 8.85
C4A FMN X . 4.59 -31.10 7.73
N5 FMN X . 4.71 -32.39 8.21
C5A FMN X . 5.80 -33.16 7.86
C6 FMN X . 5.91 -34.45 8.35
C7 FMN X . 6.99 -35.25 8.01
C7M FMN X . 7.11 -36.65 8.54
C8 FMN X . 7.97 -34.74 7.17
C8M FMN X . 9.15 -35.60 6.79
C9 FMN X . 7.86 -33.44 6.68
C9A FMN X . 6.77 -32.63 7.01
N10 FMN X . 6.66 -31.32 6.51
C10 FMN X . 5.55 -30.56 6.89
C1' FMN X . 7.74 -30.76 5.60
C2' FMN X . 7.33 -30.47 4.16
O2' FMN X . 6.85 -31.66 3.57
C3' FMN X . 8.48 -29.92 3.31
O3' FMN X . 8.49 -28.51 3.40
C4' FMN X . 8.39 -30.32 1.84
O4' FMN X . 9.63 -30.19 1.18
C5' FMN X . 7.36 -29.50 1.07
O5' FMN X . 7.21 -30.17 -0.16
P FMN X . 5.77 -30.77 -0.53
O1P FMN X . 5.44 -30.48 -1.96
O2P FMN X . 5.70 -32.24 -0.27
O3P FMN X . 4.79 -30.05 0.35
OAD 4LR Y . -3.25 -23.83 -20.16
PAJ 4LR Y . -2.15 -23.79 -21.19
OAE 4LR Y . -1.01 -22.90 -20.72
OAC 4LR Y . -2.69 -23.26 -22.49
OAH 4LR Y . -1.56 -25.32 -21.41
CAG 4LR Y . -0.20 -25.52 -21.64
CAF 4LR Y . 0.25 -26.76 -20.86
CAI 4LR Y . 0.42 -27.94 -21.43
CAB 4LR Y . 0.18 -28.15 -22.92
CAA 4LR Y . 0.87 -29.12 -20.57
N1 FMN Z . -5.33 23.59 -18.06
C2 FMN Z . -4.31 23.24 -17.22
O2 FMN Z . -4.33 22.15 -16.67
N3 FMN Z . -3.27 24.12 -17.01
C4 FMN Z . -3.25 25.35 -17.65
O4 FMN Z . -2.33 26.13 -17.44
C4A FMN Z . -4.29 25.70 -18.50
N5 FMN Z . -4.30 26.92 -19.16
C5A FMN Z . -5.34 27.26 -20.01
C6 FMN Z . -5.32 28.49 -20.67
C7 FMN Z . -6.35 28.85 -21.53
C7M FMN Z . -6.35 30.18 -22.23
C8 FMN Z . -7.40 27.96 -21.74
C8M FMN Z . -8.51 28.32 -22.66
C9 FMN Z . -7.41 26.71 -21.09
C9A FMN Z . -6.40 26.36 -20.20
N10 FMN Z . -6.38 25.11 -19.57
C10 FMN Z . -5.33 24.80 -18.72
C1' FMN Z . -7.48 24.08 -19.71
C2' FMN Z . -7.12 22.85 -20.53
O2' FMN Z . -6.91 23.31 -21.85
C3' FMN Z . -8.22 21.78 -20.48
O3' FMN Z . -8.18 21.06 -19.27
C4' FMN Z . -8.12 20.85 -21.71
O4' FMN Z . -9.25 20.01 -21.87
C5' FMN Z . -6.84 20.03 -21.74
O5' FMN Z . -6.88 19.36 -22.99
P FMN Z . -5.52 19.03 -23.78
O1P FMN Z . -5.77 17.89 -24.74
O2P FMN Z . -5.08 20.24 -24.56
O3P FMN Z . -4.46 18.69 -22.76
N1 FMN AA . -27.49 4.85 10.65
C2 FMN AA . -26.97 4.84 9.37
O2 FMN AA . -25.80 4.52 9.17
N3 FMN AA . -27.77 5.20 8.30
C4 FMN AA . -29.08 5.56 8.51
O4 FMN AA . -29.80 5.87 7.55
C4A FMN AA . -29.61 5.56 9.79
N5 FMN AA . -30.94 5.90 9.98
C5A FMN AA . -31.47 5.91 11.24
C6 FMN AA . -32.81 6.27 11.40
C7 FMN AA . -33.37 6.27 12.66
C7M FMN AA . -34.82 6.67 12.83
C8 FMN AA . -32.59 5.93 13.75
C8M FMN AA . -33.22 5.94 15.11
C9 FMN AA . -31.26 5.56 13.61
C9A FMN AA . -30.68 5.56 12.33
N10 FMN AA . -29.35 5.20 12.15
C10 FMN AA . -28.81 5.20 10.88
C1' FMN AA . -28.48 4.84 13.34
C2' FMN AA . -27.98 3.41 13.32
O2' FMN AA . -29.09 2.57 13.56
C3' FMN AA . -26.92 3.23 14.41
O3' FMN AA . -25.62 3.47 13.90
C4' FMN AA . -27.01 1.84 15.01
O4' FMN AA . -26.15 1.75 16.13
C5' FMN AA . -26.68 0.74 14.01
O5' FMN AA . -26.95 -0.48 14.66
P FMN AA . -27.34 -1.81 13.84
O1P FMN AA . -26.80 -3.03 14.55
O2P FMN AA . -28.85 -1.87 13.76
O3P FMN AA . -26.76 -1.70 12.45
OAD 4LR BA . -27.12 11.61 8.50
PAJ 4LR BA . -28.17 10.53 8.37
OAE 4LR BA . -27.91 9.62 7.20
OAC 4LR BA . -29.50 11.17 8.08
OAH 4LR BA . -28.29 9.67 9.78
CAG 4LR BA . -29.46 9.96 10.50
CAF 4LR BA . -29.55 9.28 11.87
CAI 4LR BA . -30.57 9.58 12.63
CAB 4LR BA . -31.61 10.59 12.16
CAA 4LR BA . -30.73 8.93 14.01
OAD 4LR CA . -17.58 -22.93 11.55
PAJ 4LR CA . -18.98 -22.95 10.98
OAE 4LR CA . -19.12 -24.06 9.95
OAC 4LR CA . -19.26 -21.64 10.29
OAH 4LR CA . -20.08 -23.14 12.20
CAG 4LR CA . -19.82 -22.62 13.48
CAF 4LR CA . -21.04 -21.88 14.04
CAI 4LR CA . -21.99 -22.48 14.75
CAB 4LR CA . -21.94 -23.97 15.04
CAA 4LR CA . -23.17 -21.66 15.29
N1 FMN DA . -8.19 2.25 28.90
C2 FMN DA . -7.30 2.93 28.09
O2 FMN DA . -7.20 2.64 26.89
N3 FMN DA . -6.51 3.94 28.62
C4 FMN DA . -6.61 4.27 29.95
O4 FMN DA . -5.91 5.18 30.39
C4A FMN DA . -7.51 3.60 30.77
N5 FMN DA . -7.63 3.93 32.12
C5A FMN DA . -8.52 3.27 32.92
C6 FMN DA . -8.61 3.61 34.27
C7 FMN DA . -9.50 2.95 35.11
C7M FMN DA . -9.59 3.35 36.56
C8 FMN DA . -10.30 1.94 34.60
C8M FMN DA . -11.28 1.21 35.49
C9 FMN DA . -10.21 1.58 33.24
C9A FMN DA . -9.32 2.24 32.40
N10 FMN DA . -9.22 1.90 31.05
C10 FMN DA . -8.31 2.57 30.24
C1' FMN DA . -10.06 0.77 30.49
C2' FMN DA . -11.07 1.09 29.41
O2' FMN DA . -12.16 1.68 30.08
C3' FMN DA . -11.55 -0.19 28.68
O3' FMN DA . -10.74 -0.59 27.59
C4' FMN DA . -12.98 -0.01 28.18
O4' FMN DA . -13.39 -1.22 27.58
C5' FMN DA . -13.12 1.16 27.21
O5' FMN DA . -14.49 1.53 27.16
P FMN DA . -14.98 2.97 26.66
O1P FMN DA . -16.10 2.81 25.65
O2P FMN DA . -15.47 3.78 27.83
O3P FMN DA . -13.82 3.68 26.00
N1 FMN EA . -17.29 -18.85 15.69
C2 FMN EA . -16.08 -19.03 15.03
O2 FMN EA . -15.49 -18.09 14.51
N3 FMN EA . -15.51 -20.29 14.94
C4 FMN EA . -16.15 -21.37 15.50
O4 FMN EA . -15.64 -22.49 15.41
C4A FMN EA . -17.36 -21.19 16.18
N5 FMN EA . -17.97 -22.29 16.74
C5A FMN EA . -19.16 -22.15 17.41
C6 FMN EA . -19.74 -23.28 17.98
C7 FMN EA . -20.94 -23.18 18.65
C7M FMN EA . -21.57 -24.40 19.26
C8 FMN EA . -21.53 -21.92 18.77
C8M FMN EA . -22.82 -21.82 19.52
C9 FMN EA . -20.96 -20.78 18.21
C9A FMN EA . -19.76 -20.89 17.52
N10 FMN EA . -19.14 -19.76 16.96
C10 FMN EA . -17.94 -19.92 16.27
C1' FMN EA . -19.81 -18.41 17.05
C2' FMN EA . -19.12 -17.35 17.89
O2' FMN EA . -19.34 -17.71 19.23
C3' FMN EA . -19.71 -15.96 17.62
O3' FMN EA . -19.16 -15.36 16.45
C4' FMN EA . -19.51 -15.05 18.84
O4' FMN EA . -20.15 -13.80 18.69
C5' FMN EA . -18.03 -14.84 19.17
O5' FMN EA . -17.97 -14.21 20.42
P FMN EA . -16.70 -14.43 21.37
O1P FMN EA . -16.41 -13.15 22.11
O2P FMN EA . -16.98 -15.54 22.36
O3P FMN EA . -15.53 -14.80 20.48
N1 FMN FA . -24.71 5.86 -15.66
C2 FMN FA . -24.40 5.70 -14.32
O2 FMN FA . -23.21 5.53 -13.98
N3 FMN FA . -25.41 5.74 -13.36
C4 FMN FA . -26.73 5.95 -13.77
O4 FMN FA . -27.64 5.99 -12.94
C4A FMN FA . -27.04 6.12 -15.11
N5 FMN FA . -28.35 6.34 -15.51
C5A FMN FA . -28.66 6.50 -16.85
C6 FMN FA . -29.99 6.72 -17.24
C7 FMN FA . -30.32 6.90 -18.58
C7M FMN FA . -31.74 7.14 -19.01
C8 FMN FA . -29.31 6.86 -19.54
C8M FMN FA . -29.66 7.05 -20.98
C9 FMN FA . -27.98 6.64 -19.15
C9A FMN FA . -27.64 6.46 -17.81
N10 FMN FA . -26.31 6.24 -17.42
C10 FMN FA . -26.02 6.07 -16.07
C1' FMN FA . -25.20 6.17 -18.43
C2' FMN FA . -24.24 7.34 -18.45
O2' FMN FA . -24.93 8.45 -18.98
C3' FMN FA . -23.02 7.04 -19.34
O3' FMN FA . -22.03 6.30 -18.64
C4' FMN FA . -22.46 8.38 -19.82
O4' FMN FA . -21.44 8.18 -20.79
C5' FMN FA . -21.99 9.24 -18.65
O5' FMN FA . -21.39 10.41 -19.16
P FMN FA . -21.43 11.82 -18.37
O1P FMN FA . -20.45 12.68 -19.13
O2P FMN FA . -22.79 12.47 -18.34
O3P FMN FA . -21.07 11.58 -16.92
OAD 4LR GA . -5.25 29.13 -12.88
PAJ 4LR GA . -5.99 28.06 -13.66
OAE 4LR GA . -5.02 26.97 -14.06
OAC 4LR GA . -7.05 27.49 -12.74
OAH 4LR GA . -6.71 28.65 -15.02
CAG 4LR GA . -6.77 27.87 -16.21
CAF 4LR GA . -7.91 28.38 -17.10
CAI 4LR GA . -8.12 28.02 -18.36
CAB 4LR GA . -7.24 27.00 -19.13
CAA 4LR GA . -9.33 28.67 -19.04
N1 FMN HA . 8.98 20.49 20.09
C2 FMN HA . 8.10 19.41 20.22
O2 FMN HA . 7.93 18.61 19.31
N3 FMN HA . 7.39 19.23 21.39
C4 FMN HA . 7.55 20.11 22.44
O4 FMN HA . 6.92 19.93 23.47
C4A FMN HA . 8.44 21.19 22.32
N5 FMN HA . 8.59 22.05 23.39
C5A FMN HA . 9.46 23.12 23.30
C6 FMN HA . 9.60 23.98 24.39
C7 FMN HA . 10.47 25.07 24.33
C7M FMN HA . 10.61 25.99 25.52
C8 FMN HA . 11.20 25.28 23.15
C8M FMN HA . 12.15 26.43 23.05
C9 FMN HA . 11.05 24.42 22.07
C9A FMN HA . 10.18 23.33 22.12
N10 FMN HA . 10.04 22.46 21.04
C10 FMN HA . 9.16 21.38 21.14
C1' FMN HA . 10.82 22.72 19.77
C2' FMN HA . 12.04 21.86 19.48
O2' FMN HA . 13.09 22.23 20.34
C3' FMN HA . 12.56 22.04 18.05
O3' FMN HA . 11.63 21.53 17.10
C4' FMN HA . 13.96 21.42 17.96
O4' FMN HA . 14.61 21.72 16.74
C5' FMN HA . 14.01 19.91 18.22
O5' FMN HA . 15.38 19.56 18.28
P FMN HA . 15.99 18.41 19.23
O1P FMN HA . 17.29 18.00 18.59
O2P FMN HA . 16.24 18.93 20.62
O3P FMN HA . 15.05 17.25 19.34
OAD 4LR IA . 27.89 -0.58 15.09
PAJ 4LR IA . 28.88 0.00 14.10
OAE 4LR IA . 29.73 -1.10 13.50
OAC 4LR IA . 28.16 0.69 12.95
OAH 4LR IA . 29.81 1.13 14.89
CAG 4LR IA . 30.25 2.24 14.15
CAF 4LR IA . 30.37 3.52 14.98
CAI 4LR IA . 31.54 3.90 15.48
CAB 4LR IA . 32.76 3.02 15.24
CAA 4LR IA . 31.66 5.19 16.28
OAD 4LR JA . -2.04 -0.15 31.31
PAJ 4LR JA . -3.09 0.92 31.50
OAE 4LR JA . -2.44 2.15 32.06
OAC 4LR JA . -3.73 1.24 30.18
OAH 4LR JA . -4.26 0.36 32.53
CAG 4LR JA . -5.30 1.23 32.88
CAF 4LR JA . -6.50 0.45 33.42
CAI 4LR JA . -6.58 0.13 34.71
CAB 4LR JA . -5.46 0.50 35.67
CAA 4LR JA . -7.80 -0.64 35.21
#